data_3MBS
# 
_entry.id   3MBS 
# 
_audit_conform.dict_name       mmcif_pdbx.dic 
_audit_conform.dict_version    5.381 
_audit_conform.dict_location   http://mmcif.pdb.org/dictionaries/ascii/mmcif_pdbx.dic 
# 
loop_
_database_2.database_id 
_database_2.database_code 
_database_2.pdbx_database_accession 
_database_2.pdbx_DOI 
PDB   3MBS         pdb_00003mbs 10.2210/pdb3mbs/pdb 
NDB   NA0515       ?            ?                   
RCSB  RCSB058353   ?            ?                   
WWPDB D_1000058353 ?            ?                   
# 
_pdbx_database_related.db_name        PDB 
_pdbx_database_related.db_id          3MBU 
_pdbx_database_related.details        . 
_pdbx_database_related.content_type   unspecified 
# 
_pdbx_database_status.status_code                     REL 
_pdbx_database_status.entry_id                        3MBS 
_pdbx_database_status.recvd_initial_deposition_date   2010-03-26 
_pdbx_database_status.deposit_site                    RCSB 
_pdbx_database_status.process_site                    RCSB 
_pdbx_database_status.status_code_sf                  REL 
_pdbx_database_status.status_code_mr                  ? 
_pdbx_database_status.SG_entry                        ? 
_pdbx_database_status.status_code_cs                  ? 
_pdbx_database_status.pdb_format_compatible           Y 
_pdbx_database_status.methods_development_category    ? 
_pdbx_database_status.status_code_nmr_data            ? 
# 
loop_
_audit_author.name 
_audit_author.pdbx_ordinal 
'Yeh, J.I.'       1 
'Pohl, E.'        2 
'Truan, D.'       3 
'He, W.'          4 
'Sheldrick, G.M.' 5 
'Achim, C.'       6 
# 
_citation.id                        primary 
_citation.title                     'The crystal structure of non-modified and bipyridine-modified PNA duplexes.' 
_citation.journal_abbrev            Chemistry 
_citation.journal_volume            16 
_citation.page_first                11867 
_citation.page_last                 11875 
_citation.year                      2010 
_citation.journal_id_ASTM           ? 
_citation.country                   GE 
_citation.journal_id_ISSN           0947-6539 
_citation.journal_id_CSD            ? 
_citation.book_publisher            ? 
_citation.pdbx_database_id_PubMed   20859960 
_citation.pdbx_database_id_DOI      10.1002/chem.201000392 
# 
loop_
_citation_author.citation_id 
_citation_author.name 
_citation_author.ordinal 
_citation_author.identifier_ORCID 
primary 'Yeh, J.I.'       1 ? 
primary 'Pohl, E.'        2 ? 
primary 'Truan, D.'       3 ? 
primary 'He, W.'          4 ? 
primary 'Sheldrick, G.M.' 5 ? 
primary 'Du, S.'          6 ? 
primary 'Achim, C.'       7 ? 
# 
_cell.entry_id           3MBS 
_cell.length_a           18.870 
_cell.length_b           28.920 
_cell.length_c           54.970 
_cell.angle_alpha        88.10 
_cell.angle_beta         85.75 
_cell.angle_gamma        79.56 
_cell.Z_PDB              4 
_cell.pdbx_unique_axis   ? 
_cell.length_a_esd       ? 
_cell.length_b_esd       ? 
_cell.length_c_esd       ? 
_cell.angle_alpha_esd    ? 
_cell.angle_beta_esd     ? 
_cell.angle_gamma_esd    ? 
# 
_symmetry.entry_id                         3MBS 
_symmetry.space_group_name_H-M             'P 1' 
_symmetry.pdbx_full_space_group_name_H-M   ? 
_symmetry.cell_setting                     ? 
_symmetry.Int_Tables_number                1 
_symmetry.space_group_name_Hall            ? 
# 
loop_
_entity.id 
_entity.type 
_entity.src_method 
_entity.pdbx_description 
_entity.formula_weight 
_entity.pdbx_number_of_molecules 
_entity.pdbx_ec 
_entity.pdbx_mutation 
_entity.pdbx_fragment 
_entity.details 
1 polymer     syn 'Peptide Nucleic Acid' 2261.329 4   ? ? ? ? 
2 non-polymer syn 1,2-ETHANEDIOL         62.068   5   ? ? ? ? 
3 water       nat water                  18.015   248 ? ? ? ? 
# 
_entity_poly.entity_id                      1 
_entity_poly.type                           polydeoxyribonucleotide 
_entity_poly.nstd_linkage                   no 
_entity_poly.nstd_monomer                   yes 
_entity_poly.pdbx_seq_one_letter_code       '(GPN)(GPN)(CPN)(APN)(TPN)(GPN)(CPN)(CPN)K' 
_entity_poly.pdbx_seq_one_letter_code_can   XXXXXXXXK 
_entity_poly.pdbx_strand_id                 A,B,C,D 
_entity_poly.pdbx_target_identifier         ? 
# 
loop_
_entity_poly_seq.entity_id 
_entity_poly_seq.num 
_entity_poly_seq.mon_id 
_entity_poly_seq.hetero 
1 1 GPN n 
1 2 GPN n 
1 3 CPN n 
1 4 APN n 
1 5 TPN n 
1 6 GPN n 
1 7 CPN n 
1 8 CPN n 
1 9 LYS n 
# 
_pdbx_entity_src_syn.entity_id              1 
_pdbx_entity_src_syn.pdbx_src_id            1 
_pdbx_entity_src_syn.pdbx_alt_source_flag   sample 
_pdbx_entity_src_syn.pdbx_beg_seq_num       ? 
_pdbx_entity_src_syn.pdbx_end_seq_num       ? 
_pdbx_entity_src_syn.organism_scientific    ? 
_pdbx_entity_src_syn.organism_common_name   ? 
_pdbx_entity_src_syn.ncbi_taxonomy_id       ? 
_pdbx_entity_src_syn.details                'The molecule has been synthesized' 
# 
_struct_ref.id                         1 
_struct_ref.db_name                    PDB 
_struct_ref.db_code                    3MBS 
_struct_ref.pdbx_db_accession          3MBS 
_struct_ref.entity_id                  1 
_struct_ref.pdbx_align_begin           ? 
_struct_ref.pdbx_seq_one_letter_code   ? 
_struct_ref.pdbx_db_isoform            ? 
# 
loop_
_struct_ref_seq.align_id 
_struct_ref_seq.ref_id 
_struct_ref_seq.pdbx_PDB_id_code 
_struct_ref_seq.pdbx_strand_id 
_struct_ref_seq.seq_align_beg 
_struct_ref_seq.pdbx_seq_align_beg_ins_code 
_struct_ref_seq.seq_align_end 
_struct_ref_seq.pdbx_seq_align_end_ins_code 
_struct_ref_seq.pdbx_db_accession 
_struct_ref_seq.db_align_beg 
_struct_ref_seq.pdbx_db_align_beg_ins_code 
_struct_ref_seq.db_align_end 
_struct_ref_seq.pdbx_db_align_end_ins_code 
_struct_ref_seq.pdbx_auth_seq_align_beg 
_struct_ref_seq.pdbx_auth_seq_align_end 
1 1 3MBS A 1 ? 9 ? 3MBS 1001 ? 1009 ? 1001 1009 
2 1 3MBS B 1 ? 9 ? 3MBS 2001 ? 2009 ? 2001 2009 
3 1 3MBS C 1 ? 9 ? 3MBS 3001 ? 3009 ? 3001 3009 
4 1 3MBS D 1 ? 9 ? 3MBS 4001 ? 4009 ? 4001 4009 
# 
loop_
_chem_comp.id 
_chem_comp.type 
_chem_comp.mon_nstd_flag 
_chem_comp.name 
_chem_comp.pdbx_synonyms 
_chem_comp.formula 
_chem_comp.formula_weight 
APN peptide-like        . 2-AMINOETHYLGLYCINE-CARBONYLMETHYLENE-ADENINE  ?                 'C11 H16 N7 O3 1' 294.290 
CPN peptide-like        . 2-AMINOETHYLGLYCINE-CARBONYLMETHYLENE-CYTOSINE ?                 'C10 H16 N5 O4 1' 270.265 
EDO non-polymer         . 1,2-ETHANEDIOL                                 'ETHYLENE GLYCOL' 'C2 H6 O2'        62.068  
GPN peptide-like        . 2-AMINOETHYLGLYCINE-CARBONYLMETHYLENE-GUANINE  ?                 'C11 H16 N7 O4 1' 310.289 
HOH non-polymer         . WATER                                          ?                 'H2 O'            18.015  
LYS 'L-peptide linking' y LYSINE                                         ?                 'C6 H15 N2 O2 1'  147.195 
TPN peptide-like        . 2-AMINOETHYLGLYCINE-CARBONYLMETHYLENE-THYMINE  ?                 'C11 H17 N4 O5 1' 285.276 
# 
_exptl.entry_id          3MBS 
_exptl.method            'X-RAY DIFFRACTION' 
_exptl.crystals_number   3 
# 
_exptl_crystal.id                    1 
_exptl_crystal.density_meas          ? 
_exptl_crystal.density_Matthews      3.16 
_exptl_crystal.density_percent_sol   61.12 
_exptl_crystal.description           ? 
_exptl_crystal.F_000                 ? 
_exptl_crystal.preparation           ? 
# 
_exptl_crystal_grow.crystal_id      1 
_exptl_crystal_grow.method          'VAPOR DIFFUSION' 
_exptl_crystal_grow.temp            . 
_exptl_crystal_grow.temp_details    ? 
_exptl_crystal_grow.pH              6.2 
_exptl_crystal_grow.pdbx_details    
;40% ethylenglycol 
0.1 M Na/K/phosphate, pH 6.2, VAPOR DIFFUSION, temperature RTK
;
_exptl_crystal_grow.pdbx_pH_range   ? 
# 
loop_
_diffrn.id 
_diffrn.ambient_temp 
_diffrn.ambient_temp_details 
_diffrn.crystal_id 
1 100 ? 1 
2 100 ? 1 
3 100 ? 1 
# 
loop_
_diffrn_radiation.diffrn_id 
_diffrn_radiation.wavelength_id 
_diffrn_radiation.pdbx_monochromatic_or_laue_m_l 
_diffrn_radiation.monochromator 
_diffrn_radiation.pdbx_diffrn_protocol 
_diffrn_radiation.pdbx_scattering_type 
1 1 M 'Double crystal monochromator' 'SINGLE WAVELENGTH' x-ray 
2 1 M 'Double crystal monochromator' 'SINGLE WAVELENGTH' x-ray 
3 1 M ?                              'SINGLE WAVELENGTH' x-ray 
# 
loop_
_diffrn_radiation_wavelength.id 
_diffrn_radiation_wavelength.wavelength 
_diffrn_radiation_wavelength.wt 
1 0.8266 1.0 
2 1      1.0 
# 
loop_
_diffrn_source.diffrn_id 
_diffrn_source.source 
_diffrn_source.type 
_diffrn_source.pdbx_synchrotron_site 
_diffrn_source.pdbx_synchrotron_beamline 
_diffrn_source.pdbx_wavelength 
_diffrn_source.pdbx_wavelength_list 
1 SYNCHROTRON 'SLS BEAMLINE X10SA'   SLS X10SA   ? 0.8266 
2 SYNCHROTRON 'SLS BEAMLINE X10SA'   SLS X10SA   ? 0.8266 
3 SYNCHROTRON 'APS BEAMLINE 23-ID-B' APS 23-ID-B ? 1      
# 
_reflns.entry_id                     3MBS 
_reflns.observed_criterion_sigma_I   2 
_reflns.observed_criterion_sigma_F   ? 
_reflns.d_resolution_low             50 
_reflns.d_resolution_high            1.27 
_reflns.number_obs                   25324 
_reflns.number_all                   30089 
_reflns.percent_possible_obs         91.7 
_reflns.pdbx_Rmerge_I_obs            0.06 
_reflns.pdbx_Rsym_value              ? 
_reflns.pdbx_netI_over_sigmaI        21.2 
_reflns.B_iso_Wilson_estimate        ? 
_reflns.pdbx_redundancy              ? 
_reflns.R_free_details               ? 
_reflns.limit_h_max                  ? 
_reflns.limit_h_min                  ? 
_reflns.limit_k_max                  ? 
_reflns.limit_k_min                  ? 
_reflns.limit_l_max                  ? 
_reflns.limit_l_min                  ? 
_reflns.observed_criterion_F_max     ? 
_reflns.observed_criterion_F_min     ? 
_reflns.pdbx_chi_squared             ? 
_reflns.pdbx_scaling_rejects         ? 
_reflns.pdbx_ordinal                 1 
_reflns.pdbx_diffrn_id               1,2,3 
# 
_refine.entry_id                                 3MBS 
_refine.ls_number_reflns_obs                     25324 
_refine.ls_number_reflns_all                     29399 
_refine.pdbx_ls_sigma_I                          -3 
_refine.pdbx_ls_sigma_F                          4 
_refine.pdbx_data_cutoff_high_absF               ? 
_refine.pdbx_data_cutoff_low_absF                ? 
_refine.pdbx_data_cutoff_high_rms_absF           ? 
_refine.ls_d_res_low                             18.51 
_refine.ls_d_res_high                            1.27 
_refine.ls_percent_reflns_obs                    ? 
_refine.ls_R_factor_obs                          0.179 
_refine.ls_R_factor_all                          ? 
_refine.ls_R_factor_R_work                       0.179 
_refine.ls_R_factor_R_free                       0.220 
_refine.ls_R_factor_R_free_error                 ? 
_refine.ls_R_factor_R_free_error_details         ? 
_refine.ls_percent_reflns_R_free                 ? 
_refine.ls_number_reflns_R_free                  1547 
_refine.ls_number_parameters                     ? 
_refine.ls_number_restraints                     ? 
_refine.occupancy_min                            ? 
_refine.occupancy_max                            ? 
_refine.correlation_coeff_Fo_to_Fc               ? 
_refine.correlation_coeff_Fo_to_Fc_free          ? 
_refine.B_iso_mean                               ? 
_refine.aniso_B[1][1]                            ? 
_refine.aniso_B[2][2]                            ? 
_refine.aniso_B[3][3]                            ? 
_refine.aniso_B[1][2]                            ? 
_refine.aniso_B[1][3]                            ? 
_refine.aniso_B[2][3]                            ? 
_refine.solvent_model_details                    ? 
_refine.solvent_model_param_ksol                 ? 
_refine.solvent_model_param_bsol                 ? 
_refine.pdbx_solvent_vdw_probe_radii             ? 
_refine.pdbx_solvent_ion_probe_radii             ? 
_refine.pdbx_solvent_shrinkage_radii             ? 
_refine.pdbx_ls_cross_valid_method               thoughout 
_refine.details                                  'conjugate gradient refinement against I' 
_refine.pdbx_starting_model                      ? 
_refine.pdbx_method_to_determine_struct          'AB INITIO PHASING' 
_refine.pdbx_isotropic_thermal_model             ? 
_refine.pdbx_stereochemistry_target_values       ? 
_refine.pdbx_stereochem_target_val_spec_case     ? 
_refine.pdbx_R_Free_selection_details            random 
_refine.pdbx_overall_ESU_R_Free                  ? 
_refine.overall_SU_ML                            ? 
_refine.overall_SU_B                             ? 
_refine.ls_redundancy_reflns_obs                 ? 
_refine.B_iso_min                                ? 
_refine.B_iso_max                                ? 
_refine.overall_SU_R_Cruickshank_DPI             ? 
_refine.overall_SU_R_free                        ? 
_refine.ls_wR_factor_R_free                      ? 
_refine.ls_wR_factor_R_work                      ? 
_refine.overall_FOM_free_R_set                   ? 
_refine.overall_FOM_work_R_set                   ? 
_refine.pdbx_overall_phase_error                 ? 
_refine.pdbx_refine_id                           'X-RAY DIFFRACTION' 
_refine.pdbx_diffrn_id                           1,2,3 
_refine.pdbx_overall_ESU_R                       ? 
_refine.pdbx_TLS_residual_ADP_flag               ? 
_refine.pdbx_overall_SU_R_free_Cruickshank_DPI   ? 
_refine.pdbx_overall_SU_R_Blow_DPI               ? 
_refine.pdbx_overall_SU_R_free_Blow_DPI          ? 
# 
_refine_hist.pdbx_refine_id                   'X-RAY DIFFRACTION' 
_refine_hist.cycle_id                         LAST 
_refine_hist.pdbx_number_atoms_protein        624 
_refine_hist.pdbx_number_atoms_nucleic_acid   0 
_refine_hist.pdbx_number_atoms_ligand         20 
_refine_hist.number_atoms_solvent             248 
_refine_hist.number_atoms_total               892 
_refine_hist.d_res_high                       1.27 
_refine_hist.d_res_low                        18.51 
# 
_struct.entry_id                  3MBS 
_struct.title                     'Crystal structure of 8mer PNA' 
_struct.pdbx_model_details        ? 
_struct.pdbx_CASP_flag            N 
_struct.pdbx_model_type_details   ? 
# 
_struct_keywords.entry_id        3MBS 
_struct_keywords.pdbx_keywords   'Peptide Nucleic Acid' 
_struct_keywords.text            'Peptide Nucleic Acid PNA, Peptide Nucleic Acid' 
# 
loop_
_struct_asym.id 
_struct_asym.pdbx_blank_PDB_chainid_flag 
_struct_asym.pdbx_modified 
_struct_asym.entity_id 
_struct_asym.details 
A N N 1 ? 
B N N 1 ? 
C N N 1 ? 
D N N 1 ? 
E N N 2 ? 
F N N 2 ? 
G N N 2 ? 
H N N 2 ? 
I N N 2 ? 
J N N 3 ? 
K N N 3 ? 
L N N 3 ? 
M N N 3 ? 
# 
loop_
_struct_conn.id 
_struct_conn.conn_type_id 
_struct_conn.pdbx_leaving_atom_flag 
_struct_conn.pdbx_PDB_id 
_struct_conn.ptnr1_label_asym_id 
_struct_conn.ptnr1_label_comp_id 
_struct_conn.ptnr1_label_seq_id 
_struct_conn.ptnr1_label_atom_id 
_struct_conn.pdbx_ptnr1_label_alt_id 
_struct_conn.pdbx_ptnr1_PDB_ins_code 
_struct_conn.pdbx_ptnr1_standard_comp_id 
_struct_conn.ptnr1_symmetry 
_struct_conn.ptnr2_label_asym_id 
_struct_conn.ptnr2_label_comp_id 
_struct_conn.ptnr2_label_seq_id 
_struct_conn.ptnr2_label_atom_id 
_struct_conn.pdbx_ptnr2_label_alt_id 
_struct_conn.pdbx_ptnr2_PDB_ins_code 
_struct_conn.ptnr1_auth_asym_id 
_struct_conn.ptnr1_auth_comp_id 
_struct_conn.ptnr1_auth_seq_id 
_struct_conn.ptnr2_auth_asym_id 
_struct_conn.ptnr2_auth_comp_id 
_struct_conn.ptnr2_auth_seq_id 
_struct_conn.ptnr2_symmetry 
_struct_conn.pdbx_ptnr3_label_atom_id 
_struct_conn.pdbx_ptnr3_label_seq_id 
_struct_conn.pdbx_ptnr3_label_comp_id 
_struct_conn.pdbx_ptnr3_label_asym_id 
_struct_conn.pdbx_ptnr3_label_alt_id 
_struct_conn.pdbx_ptnr3_PDB_ins_code 
_struct_conn.details 
_struct_conn.pdbx_dist_value 
_struct_conn.pdbx_value_order 
_struct_conn.pdbx_role 
covale1  covale both ? A GPN 1 C  ? ? ? 1_555 A GPN 2 N  ? ? A GPN 1001 A GPN 1002 1_555 ? ? ? ? ? ? ?            1.330 ? ? 
covale2  covale both ? A GPN 2 C  ? ? ? 1_555 A CPN 3 N  ? ? A GPN 1002 A CPN 1003 1_555 ? ? ? ? ? ? ?            1.344 ? ? 
covale3  covale both ? A CPN 3 C  ? ? ? 1_555 A APN 4 N  ? ? A CPN 1003 A APN 1004 1_555 ? ? ? ? ? ? ?            1.324 ? ? 
covale4  covale both ? A APN 4 C  ? ? ? 1_555 A TPN 5 N  ? ? A APN 1004 A TPN 1005 1_555 ? ? ? ? ? ? ?            1.349 ? ? 
covale5  covale both ? A TPN 5 C  ? ? ? 1_555 A GPN 6 N  ? ? A TPN 1005 A GPN 1006 1_555 ? ? ? ? ? ? ?            1.341 ? ? 
covale6  covale both ? A GPN 6 C  ? ? ? 1_555 A CPN 7 N  ? ? A GPN 1006 A CPN 1007 1_555 ? ? ? ? ? ? ?            1.345 ? ? 
covale7  covale both ? A CPN 7 C  ? ? ? 1_555 A CPN 8 N  ? ? A CPN 1007 A CPN 1008 1_555 ? ? ? ? ? ? ?            1.347 ? ? 
covale8  covale both ? A CPN 8 C  ? ? ? 1_555 A LYS 9 N  ? ? A CPN 1008 A LYS 1009 1_555 ? ? ? ? ? ? ?            1.324 ? ? 
covale9  covale both ? B GPN 1 C  ? ? ? 1_555 B GPN 2 N  ? ? B GPN 2001 B GPN 2002 1_555 ? ? ? ? ? ? ?            1.312 ? ? 
covale10 covale both ? B GPN 2 C  ? ? ? 1_555 B CPN 3 N  ? ? B GPN 2002 B CPN 2003 1_555 ? ? ? ? ? ? ?            1.337 ? ? 
covale11 covale both ? B CPN 3 C  ? ? ? 1_555 B APN 4 N  ? ? B CPN 2003 B APN 2004 1_555 ? ? ? ? ? ? ?            1.337 ? ? 
covale12 covale both ? B APN 4 C  ? ? ? 1_555 B TPN 5 N  ? ? B APN 2004 B TPN 2005 1_555 ? ? ? ? ? ? ?            1.356 ? ? 
covale13 covale both ? B TPN 5 C  ? ? ? 1_555 B GPN 6 N  ? ? B TPN 2005 B GPN 2006 1_555 ? ? ? ? ? ? ?            1.339 ? ? 
covale14 covale both ? B GPN 6 C  ? ? ? 1_555 B CPN 7 N  ? ? B GPN 2006 B CPN 2007 1_555 ? ? ? ? ? ? ?            1.340 ? ? 
covale15 covale both ? B CPN 7 C  ? ? ? 1_555 B CPN 8 N  ? ? B CPN 2007 B CPN 2008 1_555 ? ? ? ? ? ? ?            1.352 ? ? 
covale16 covale both ? C GPN 1 C  ? ? ? 1_555 C GPN 2 N  ? ? C GPN 3001 C GPN 3002 1_555 ? ? ? ? ? ? ?            1.357 ? ? 
covale17 covale both ? C GPN 2 C  ? ? ? 1_555 C CPN 3 N  ? ? C GPN 3002 C CPN 3003 1_555 ? ? ? ? ? ? ?            1.344 ? ? 
covale18 covale both ? C CPN 3 C  ? ? ? 1_555 C APN 4 N  ? ? C CPN 3003 C APN 3004 1_555 ? ? ? ? ? ? ?            1.329 ? ? 
covale19 covale both ? C APN 4 C  ? ? ? 1_555 C TPN 5 N  ? ? C APN 3004 C TPN 3005 1_555 ? ? ? ? ? ? ?            1.347 ? ? 
covale20 covale both ? C TPN 5 C  ? ? ? 1_555 C GPN 6 N  ? ? C TPN 3005 C GPN 3006 1_555 ? ? ? ? ? ? ?            1.303 ? ? 
covale21 covale both ? C GPN 6 C  ? ? ? 1_555 C CPN 7 N  ? ? C GPN 3006 C CPN 3007 1_555 ? ? ? ? ? ? ?            1.355 ? ? 
covale22 covale both ? C CPN 7 C  ? ? ? 1_555 C CPN 8 N  ? ? C CPN 3007 C CPN 3008 1_555 ? ? ? ? ? ? ?            1.340 ? ? 
covale23 covale both ? C CPN 8 C  ? ? ? 1_555 C LYS 9 N  ? ? C CPN 3008 C LYS 3009 1_555 ? ? ? ? ? ? ?            1.347 ? ? 
covale24 covale both ? D GPN 1 C  ? ? ? 1_555 D GPN 2 N  ? ? D GPN 4001 D GPN 4002 1_555 ? ? ? ? ? ? ?            1.335 ? ? 
covale25 covale both ? D GPN 2 C  ? ? ? 1_555 D CPN 3 N  ? ? D GPN 4002 D CPN 4003 1_555 ? ? ? ? ? ? ?            1.350 ? ? 
covale26 covale both ? D CPN 3 C  ? ? ? 1_555 D APN 4 N  ? ? D CPN 4003 D APN 4004 1_555 ? ? ? ? ? ? ?            1.336 ? ? 
covale27 covale both ? D APN 4 C  ? ? ? 1_555 D TPN 5 N  ? ? D APN 4004 D TPN 4005 1_555 ? ? ? ? ? ? ?            1.350 ? ? 
covale28 covale both ? D TPN 5 C  ? ? ? 1_555 D GPN 6 N  ? ? D TPN 4005 D GPN 4006 1_555 ? ? ? ? ? ? ?            1.330 ? ? 
covale29 covale both ? D GPN 6 C  ? ? ? 1_555 D CPN 7 N  ? ? D GPN 4006 D CPN 4007 1_555 ? ? ? ? ? ? ?            1.357 ? ? 
covale30 covale both ? D CPN 7 C  ? ? ? 1_555 D CPN 8 N  ? ? D CPN 4007 D CPN 4008 1_555 ? ? ? ? ? ? ?            1.355 ? ? 
hydrog1  hydrog ?    ? A GPN 1 N1 ? ? ? 1_555 B CPN 8 N3 ? ? A GPN 1001 B CPN 2008 1_555 ? ? ? ? ? ? WATSON-CRICK ?     ? ? 
hydrog2  hydrog ?    ? A GPN 1 N2 ? ? ? 1_555 B CPN 8 O2 ? ? A GPN 1001 B CPN 2008 1_555 ? ? ? ? ? ? WATSON-CRICK ?     ? ? 
hydrog3  hydrog ?    ? A GPN 1 O6 ? ? ? 1_555 B CPN 8 N4 ? ? A GPN 1001 B CPN 2008 1_555 ? ? ? ? ? ? WATSON-CRICK ?     ? ? 
hydrog4  hydrog ?    ? A GPN 2 N1 ? ? ? 1_555 B CPN 7 N3 ? ? A GPN 1002 B CPN 2007 1_555 ? ? ? ? ? ? WATSON-CRICK ?     ? ? 
hydrog5  hydrog ?    ? A GPN 2 N2 ? ? ? 1_555 B CPN 7 O2 ? ? A GPN 1002 B CPN 2007 1_555 ? ? ? ? ? ? WATSON-CRICK ?     ? ? 
hydrog6  hydrog ?    ? A GPN 2 O6 ? ? ? 1_555 B CPN 7 N4 ? ? A GPN 1002 B CPN 2007 1_555 ? ? ? ? ? ? WATSON-CRICK ?     ? ? 
hydrog7  hydrog ?    ? A CPN 3 N3 ? ? ? 1_555 B GPN 6 N1 ? ? A CPN 1003 B GPN 2006 1_555 ? ? ? ? ? ? WATSON-CRICK ?     ? ? 
hydrog8  hydrog ?    ? A CPN 3 N4 ? ? ? 1_555 B GPN 6 O6 ? ? A CPN 1003 B GPN 2006 1_555 ? ? ? ? ? ? WATSON-CRICK ?     ? ? 
hydrog9  hydrog ?    ? A CPN 3 O2 ? ? ? 1_555 B GPN 6 N2 ? ? A CPN 1003 B GPN 2006 1_555 ? ? ? ? ? ? WATSON-CRICK ?     ? ? 
hydrog10 hydrog ?    ? A APN 4 N1 ? ? ? 1_555 B TPN 5 N3 ? ? A APN 1004 B TPN 2005 1_555 ? ? ? ? ? ? WATSON-CRICK ?     ? ? 
hydrog11 hydrog ?    ? A APN 4 N6 ? ? ? 1_555 B TPN 5 O4 ? ? A APN 1004 B TPN 2005 1_555 ? ? ? ? ? ? WATSON-CRICK ?     ? ? 
hydrog12 hydrog ?    ? A TPN 5 N3 ? ? ? 1_555 B APN 4 N1 ? ? A TPN 1005 B APN 2004 1_555 ? ? ? ? ? ? WATSON-CRICK ?     ? ? 
hydrog13 hydrog ?    ? A TPN 5 O4 ? ? ? 1_555 B APN 4 N6 ? ? A TPN 1005 B APN 2004 1_555 ? ? ? ? ? ? WATSON-CRICK ?     ? ? 
hydrog14 hydrog ?    ? A GPN 6 N1 ? ? ? 1_555 B CPN 3 N3 ? ? A GPN 1006 B CPN 2003 1_555 ? ? ? ? ? ? WATSON-CRICK ?     ? ? 
hydrog15 hydrog ?    ? A GPN 6 N2 ? ? ? 1_555 B CPN 3 O2 ? ? A GPN 1006 B CPN 2003 1_555 ? ? ? ? ? ? WATSON-CRICK ?     ? ? 
hydrog16 hydrog ?    ? A GPN 6 O6 ? ? ? 1_555 B CPN 3 N4 ? ? A GPN 1006 B CPN 2003 1_555 ? ? ? ? ? ? WATSON-CRICK ?     ? ? 
hydrog17 hydrog ?    ? A CPN 7 N3 ? ? ? 1_555 B GPN 2 N1 ? ? A CPN 1007 B GPN 2002 1_555 ? ? ? ? ? ? WATSON-CRICK ?     ? ? 
hydrog18 hydrog ?    ? A CPN 7 N4 ? ? ? 1_555 B GPN 2 O6 ? ? A CPN 1007 B GPN 2002 1_555 ? ? ? ? ? ? WATSON-CRICK ?     ? ? 
hydrog19 hydrog ?    ? A CPN 7 O2 ? ? ? 1_555 B GPN 2 N2 ? ? A CPN 1007 B GPN 2002 1_555 ? ? ? ? ? ? WATSON-CRICK ?     ? ? 
hydrog20 hydrog ?    ? A CPN 8 N3 ? ? ? 1_555 B GPN 1 N1 ? ? A CPN 1008 B GPN 2001 1_555 ? ? ? ? ? ? WATSON-CRICK ?     ? ? 
hydrog21 hydrog ?    ? A CPN 8 N4 ? ? ? 1_555 B GPN 1 O6 ? ? A CPN 1008 B GPN 2001 1_555 ? ? ? ? ? ? WATSON-CRICK ?     ? ? 
hydrog22 hydrog ?    ? A CPN 8 O2 ? ? ? 1_555 B GPN 1 N2 ? ? A CPN 1008 B GPN 2001 1_555 ? ? ? ? ? ? WATSON-CRICK ?     ? ? 
hydrog23 hydrog ?    ? C GPN 1 N1 ? ? ? 1_555 D CPN 8 N3 ? ? C GPN 3001 D CPN 4008 1_555 ? ? ? ? ? ? WATSON-CRICK ?     ? ? 
hydrog24 hydrog ?    ? C GPN 1 N2 ? ? ? 1_555 D CPN 8 O2 ? ? C GPN 3001 D CPN 4008 1_555 ? ? ? ? ? ? WATSON-CRICK ?     ? ? 
hydrog25 hydrog ?    ? C GPN 1 O6 ? ? ? 1_555 D CPN 8 N4 ? ? C GPN 3001 D CPN 4008 1_555 ? ? ? ? ? ? WATSON-CRICK ?     ? ? 
hydrog26 hydrog ?    ? C GPN 2 N1 ? ? ? 1_555 D CPN 7 N3 ? ? C GPN 3002 D CPN 4007 1_555 ? ? ? ? ? ? WATSON-CRICK ?     ? ? 
hydrog27 hydrog ?    ? C GPN 2 N2 ? ? ? 1_555 D CPN 7 O2 ? ? C GPN 3002 D CPN 4007 1_555 ? ? ? ? ? ? WATSON-CRICK ?     ? ? 
hydrog28 hydrog ?    ? C GPN 2 O6 ? ? ? 1_555 D CPN 7 N4 ? ? C GPN 3002 D CPN 4007 1_555 ? ? ? ? ? ? WATSON-CRICK ?     ? ? 
hydrog29 hydrog ?    ? C CPN 3 N3 ? ? ? 1_555 D GPN 6 N1 ? ? C CPN 3003 D GPN 4006 1_555 ? ? ? ? ? ? WATSON-CRICK ?     ? ? 
hydrog30 hydrog ?    ? C CPN 3 N4 ? ? ? 1_555 D GPN 6 O6 ? ? C CPN 3003 D GPN 4006 1_555 ? ? ? ? ? ? WATSON-CRICK ?     ? ? 
hydrog31 hydrog ?    ? C CPN 3 O2 ? ? ? 1_555 D GPN 6 N2 ? ? C CPN 3003 D GPN 4006 1_555 ? ? ? ? ? ? WATSON-CRICK ?     ? ? 
hydrog32 hydrog ?    ? C APN 4 N1 ? ? ? 1_555 D TPN 5 N3 ? ? C APN 3004 D TPN 4005 1_555 ? ? ? ? ? ? WATSON-CRICK ?     ? ? 
hydrog33 hydrog ?    ? C APN 4 N6 ? ? ? 1_555 D TPN 5 O4 ? ? C APN 3004 D TPN 4005 1_555 ? ? ? ? ? ? WATSON-CRICK ?     ? ? 
hydrog34 hydrog ?    ? C TPN 5 N3 ? ? ? 1_555 D APN 4 N1 ? ? C TPN 3005 D APN 4004 1_555 ? ? ? ? ? ? WATSON-CRICK ?     ? ? 
hydrog35 hydrog ?    ? C TPN 5 O4 ? ? ? 1_555 D APN 4 N6 ? ? C TPN 3005 D APN 4004 1_555 ? ? ? ? ? ? WATSON-CRICK ?     ? ? 
hydrog36 hydrog ?    ? C GPN 6 N1 ? ? ? 1_555 D CPN 3 N3 ? ? C GPN 3006 D CPN 4003 1_555 ? ? ? ? ? ? WATSON-CRICK ?     ? ? 
hydrog37 hydrog ?    ? C GPN 6 N2 ? ? ? 1_555 D CPN 3 O2 ? ? C GPN 3006 D CPN 4003 1_555 ? ? ? ? ? ? WATSON-CRICK ?     ? ? 
hydrog38 hydrog ?    ? C GPN 6 O6 ? ? ? 1_555 D CPN 3 N4 ? ? C GPN 3006 D CPN 4003 1_555 ? ? ? ? ? ? WATSON-CRICK ?     ? ? 
hydrog39 hydrog ?    ? C CPN 7 N3 ? ? ? 1_555 D GPN 2 N1 ? ? C CPN 3007 D GPN 4002 1_555 ? ? ? ? ? ? WATSON-CRICK ?     ? ? 
hydrog40 hydrog ?    ? C CPN 7 N4 ? ? ? 1_555 D GPN 2 O6 ? ? C CPN 3007 D GPN 4002 1_555 ? ? ? ? ? ? WATSON-CRICK ?     ? ? 
hydrog41 hydrog ?    ? C CPN 7 O2 ? ? ? 1_555 D GPN 2 N2 ? ? C CPN 3007 D GPN 4002 1_555 ? ? ? ? ? ? WATSON-CRICK ?     ? ? 
hydrog42 hydrog ?    ? C CPN 8 N3 ? ? ? 1_555 D GPN 1 N1 ? ? C CPN 3008 D GPN 4001 1_555 ? ? ? ? ? ? WATSON-CRICK ?     ? ? 
hydrog43 hydrog ?    ? C CPN 8 N4 ? ? ? 1_555 D GPN 1 O6 ? ? C CPN 3008 D GPN 4001 1_555 ? ? ? ? ? ? WATSON-CRICK ?     ? ? 
hydrog44 hydrog ?    ? C CPN 8 O2 ? ? ? 1_555 D GPN 1 N2 ? ? C CPN 3008 D GPN 4001 1_555 ? ? ? ? ? ? WATSON-CRICK ?     ? ? 
# 
loop_
_struct_conn_type.id 
_struct_conn_type.criteria 
_struct_conn_type.reference 
covale ? ? 
hydrog ? ? 
# 
loop_
_struct_site.id 
_struct_site.pdbx_evidence_code 
_struct_site.pdbx_auth_asym_id 
_struct_site.pdbx_auth_comp_id 
_struct_site.pdbx_auth_seq_id 
_struct_site.pdbx_auth_ins_code 
_struct_site.pdbx_num_residues 
_struct_site.details 
AC1 Software A EDO 5003 ? 4 'BINDING SITE FOR RESIDUE EDO A 5003' 
AC2 Software A EDO 5005 ? 6 'BINDING SITE FOR RESIDUE EDO A 5005' 
AC3 Software B EDO 5004 ? 3 'BINDING SITE FOR RESIDUE EDO B 5004' 
AC4 Software D EDO 5001 ? 4 'BINDING SITE FOR RESIDUE EDO D 5001' 
AC5 Software D EDO 5002 ? 6 'BINDING SITE FOR RESIDUE EDO D 5002' 
# 
loop_
_struct_site_gen.id 
_struct_site_gen.site_id 
_struct_site_gen.pdbx_num_res 
_struct_site_gen.label_comp_id 
_struct_site_gen.label_asym_id 
_struct_site_gen.label_seq_id 
_struct_site_gen.pdbx_auth_ins_code 
_struct_site_gen.auth_comp_id 
_struct_site_gen.auth_asym_id 
_struct_site_gen.auth_seq_id 
_struct_site_gen.label_atom_id 
_struct_site_gen.label_alt_id 
_struct_site_gen.symmetry 
_struct_site_gen.details 
1  AC1 4 GPN A 2 ? GPN A 1002 . ? 1_555 ? 
2  AC1 4 CPN A 3 ? CPN A 1003 . ? 1_555 ? 
3  AC1 4 EDO F . ? EDO A 5005 . ? 1_555 ? 
4  AC1 4 HOH J . ? HOH A 9004 . ? 1_555 ? 
5  AC2 6 GPN A 1 ? GPN A 1001 . ? 1_555 ? 
6  AC2 6 GPN A 2 ? GPN A 1002 . ? 1_555 ? 
7  AC2 6 EDO E . ? EDO A 5003 . ? 1_555 ? 
8  AC2 6 HOH J . ? HOH A 9080 . ? 1_555 ? 
9  AC2 6 CPN C 8 ? CPN C 3008 . ? 1_565 ? 
10 AC2 6 GPN D 1 ? GPN D 4001 . ? 1_565 ? 
11 AC3 3 GPN B 2 ? GPN B 2002 . ? 1_555 ? 
12 AC3 3 CPN B 3 ? CPN B 2003 . ? 1_555 ? 
13 AC3 3 HOH K . ? HOH B 9071 . ? 1_555 ? 
14 AC4 4 GPN D 2 ? GPN D 4002 . ? 1_555 ? 
15 AC4 4 CPN D 3 ? CPN D 4003 . ? 1_555 ? 
16 AC4 4 EDO I . ? EDO D 5002 . ? 1_555 ? 
17 AC4 4 HOH M . ? HOH D 9012 . ? 1_555 ? 
18 AC5 6 GPN A 1 ? GPN A 1001 . ? 1_545 ? 
19 AC5 6 HOH J . ? HOH A 9044 . ? 1_545 ? 
20 AC5 6 CPN B 8 ? CPN B 2008 . ? 1_545 ? 
21 AC5 6 GPN D 1 ? GPN D 4001 . ? 1_555 ? 
22 AC5 6 GPN D 2 ? GPN D 4002 . ? 1_555 ? 
23 AC5 6 EDO H . ? EDO D 5001 . ? 1_555 ? 
# 
_atom_sites.entry_id                    3MBS 
_atom_sites.fract_transf_matrix[1][1]   -0.02000662 
_atom_sites.fract_transf_matrix[1][2]   -0.00684640 
_atom_sites.fract_transf_matrix[1][3]   0.04970477 
_atom_sites.fract_transf_matrix[2][1]   0.01166680 
_atom_sites.fract_transf_matrix[2][2]   0.03308853 
_atom_sites.fract_transf_matrix[2][3]   0.00240005 
_atom_sites.fract_transf_matrix[3][1]   -0.01586485 
_atom_sites.fract_transf_matrix[3][2]   0.00570976 
_atom_sites.fract_transf_matrix[3][3]   -0.00697292 
_atom_sites.fract_transf_vector[1]      0.627901 
_atom_sites.fract_transf_vector[2]      -0.302143 
_atom_sites.fract_transf_vector[3]      0.604654 
# 
loop_
_atom_type.symbol 
C 
N 
O 
# 
loop_
_atom_site.group_PDB 
_atom_site.id 
_atom_site.type_symbol 
_atom_site.label_atom_id 
_atom_site.label_alt_id 
_atom_site.label_comp_id 
_atom_site.label_asym_id 
_atom_site.label_entity_id 
_atom_site.label_seq_id 
_atom_site.pdbx_PDB_ins_code 
_atom_site.Cartn_x 
_atom_site.Cartn_y 
_atom_site.Cartn_z 
_atom_site.occupancy 
_atom_site.B_iso_or_equiv 
_atom_site.pdbx_formal_charge 
_atom_site.auth_seq_id 
_atom_site.auth_comp_id 
_atom_site.auth_asym_id 
_atom_site.auth_atom_id 
_atom_site.pdbx_PDB_model_num 
HETATM 1   C "C8'" . GPN A 1 1 ? 10.390  23.274  7.218   1.00 13.81 ? 1001 GPN A "C8'" 1 
HETATM 2   C "C7'" . GPN A 1 1 ? 9.328   23.099  8.336   1.00 10.97 ? 1001 GPN A "C7'" 1 
HETATM 3   O "O7'" . GPN A 1 1 ? 8.253   22.502  8.122   1.00 10.95 ? 1001 GPN A "O7'" 1 
HETATM 4   C "C5'" . GPN A 1 1 ? 8.474   23.403  10.583  1.00 12.10 ? 1001 GPN A "C5'" 1 
HETATM 5   C C     . GPN A 1 1 ? 8.471   22.076  11.334  1.00 11.45 ? 1001 GPN A C     1 
HETATM 6   O O     . GPN A 1 1 ? 7.607   21.875  12.192  1.00 12.36 ? 1001 GPN A O     1 
HETATM 7   N "N4'" . GPN A 1 1 ? 9.540   23.592  9.571   1.00 12.73 ? 1001 GPN A "N4'" 1 
HETATM 8   C "C3'" . GPN A 1 1 ? 10.819  24.235  9.916   1.00 13.32 ? 1001 GPN A "C3'" 1 
HETATM 9   C "C2'" . GPN A 1 1 ? 10.675  25.587  10.529  1.00 12.61 ? 1001 GPN A "C2'" 1 
HETATM 10  N N     . GPN A 1 1 ? 10.139  26.520  9.530   1.00 14.04 ? 1001 GPN A N     1 
HETATM 11  N N9    . GPN A 1 1 ? 9.783   22.775  5.976   1.00 16.43 ? 1001 GPN A N9    1 
HETATM 12  C C8    . GPN A 1 1 ? 9.157   23.449  5.042   1.00 16.28 ? 1001 GPN A C8    1 
HETATM 13  N N7    . GPN A 1 1 ? 8.768   22.735  4.017   1.00 16.57 ? 1001 GPN A N7    1 
HETATM 14  C C5    . GPN A 1 1 ? 9.057   21.450  4.400   1.00 12.57 ? 1001 GPN A C5    1 
HETATM 15  C C6    . GPN A 1 1 ? 8.881   20.232  3.758   1.00 10.74 ? 1001 GPN A C6    1 
HETATM 16  O O6    . GPN A 1 1 ? 8.389   20.047  2.646   1.00 14.90 ? 1001 GPN A O6    1 
HETATM 17  N N1    . GPN A 1 1 ? 9.455   19.179  4.442   1.00 10.46 ? 1001 GPN A N1    1 
HETATM 18  C C2    . GPN A 1 1 ? 10.141  19.289  5.629   1.00 9.78  ? 1001 GPN A C2    1 
HETATM 19  N N2    . GPN A 1 1 ? 10.648  18.188  6.186   1.00 12.35 ? 1001 GPN A N2    1 
HETATM 20  N N3    . GPN A 1 1 ? 10.387  20.471  6.224   1.00 10.93 ? 1001 GPN A N3    1 
HETATM 21  C C4    . GPN A 1 1 ? 9.830   21.507  5.568   1.00 11.37 ? 1001 GPN A C4    1 
HETATM 22  C "C8'" . GPN A 1 2 ? 8.093   19.145  8.328   1.00 10.67 ? 1002 GPN A "C8'" 1 
HETATM 23  C "C7'" . GPN A 1 2 ? 7.180   18.775  9.517   1.00 10.01 ? 1002 GPN A "C7'" 1 
HETATM 24  O "O7'" . GPN A 1 2 ? 6.007   18.559  9.302   1.00 11.02 ? 1002 GPN A "O7'" 1 
HETATM 25  C "C5'" . GPN A 1 2 ? 6.776   18.448  11.860  1.00 10.91 ? 1002 GPN A "C5'" 1 
HETATM 26  C C     . GPN A 1 2 ? 6.665   17.000  12.341  1.00 10.89 ? 1002 GPN A C     1 
HETATM 27  O O     . GPN A 1 2 ? 6.021   16.818  13.386  1.00 11.91 ? 1002 GPN A O     1 
HETATM 28  N "N4'" . GPN A 1 2 ? 7.708   18.673  10.741  1.00 10.36 ? 1002 GPN A "N4'" 1 
HETATM 29  C "C3'" . GPN A 1 2 ? 9.134   18.718  11.037  1.00 12.03 ? 1002 GPN A "C3'" 1 
HETATM 30  C "C2'" . GPN A 1 2 ? 9.636   19.941  11.805  1.00 11.56 ? 1002 GPN A "C2'" 1 
HETATM 31  N N     . GPN A 1 2 ? 9.410   21.186  11.026  1.00 12.34 ? 1002 GPN A N     1 
HETATM 32  N N9    . GPN A 1 2 ? 7.323   19.120  7.106   1.00 9.63  ? 1002 GPN A N9    1 
HETATM 33  C C8    . GPN A 1 2 ? 6.810   20.206  6.505   1.00 10.31 ? 1002 GPN A C8    1 
HETATM 34  N N7    . GPN A 1 2 ? 6.151   19.851  5.408   1.00 12.38 ? 1002 GPN A N7    1 
HETATM 35  C C5    . GPN A 1 2 ? 6.294   18.516  5.282   1.00 12.17 ? 1002 GPN A C5    1 
HETATM 36  C C6    . GPN A 1 2 ? 5.770   17.567  4.378   1.00 9.53  ? 1002 GPN A C6    1 
HETATM 37  O O6    . GPN A 1 2 ? 5.043   17.752  3.395   1.00 11.44 ? 1002 GPN A O6    1 
HETATM 38  N N1    . GPN A 1 2 ? 6.159   16.265  4.658   1.00 10.28 ? 1002 GPN A N1    1 
HETATM 39  C C2    . GPN A 1 2 ? 6.871   15.864  5.797   1.00 8.84  ? 1002 GPN A C2    1 
HETATM 40  N N2    . GPN A 1 2 ? 7.109   14.574  5.940   1.00 9.70  ? 1002 GPN A N2    1 
HETATM 41  N N3    . GPN A 1 2 ? 7.345   16.771  6.645   1.00 9.11  ? 1002 GPN A N3    1 
HETATM 42  C C4    . GPN A 1 2 ? 7.004   18.041  6.385   1.00 8.90  ? 1002 GPN A C4    1 
HETATM 43  C "C8'" . CPN A 1 3 ? 5.242   14.833  8.900   1.00 9.23  ? 1003 CPN A "C8'" 1 
HETATM 44  C "C7'" . CPN A 1 3 ? 4.453   14.474  10.129  1.00 10.77 ? 1003 CPN A "C7'" 1 
HETATM 45  O "O7'" . CPN A 1 3 ? 3.215   14.604  10.135  1.00 11.81 ? 1003 CPN A "O7'" 1 
HETATM 46  C "C5'" . CPN A 1 3 ? 4.227   13.894  12.397  1.00 12.27 ? 1003 CPN A "C5'" 1 
HETATM 47  C C     . CPN A 1 3 ? 3.561   12.516  12.539  1.00 15.63 ? 1003 CPN A C     1 
HETATM 48  O O     . CPN A 1 3 ? 2.859   12.314  13.545  1.00 18.22 ? 1003 CPN A O     1 
HETATM 49  N "N4'" . CPN A 1 3 ? 5.102   14.034  11.218  1.00 10.73 ? 1003 CPN A "N4'" 1 
HETATM 50  C "C3'" . CPN A 1 3 ? 6.548   13.733  11.273  1.00 11.18 ? 1003 CPN A "C3'" 1 
HETATM 51  C "C2'" . CPN A 1 3 ? 7.368   14.683  12.122  1.00 10.61 ? 1003 CPN A "C2'" 1 
HETATM 52  N N     . CPN A 1 3 ? 7.289   16.078  11.588  1.00 10.00 ? 1003 CPN A N     1 
HETATM 53  N N1    . CPN A 1 3 ? 4.402   15.211  7.753   1.00 10.27 ? 1003 CPN A N1    1 
HETATM 54  C C2    . CPN A 1 3 ? 3.944   14.213  6.919   1.00 9.29  ? 1003 CPN A C2    1 
HETATM 55  N N3    . CPN A 1 3 ? 3.161   14.584  5.859   1.00 9.07  ? 1003 CPN A N3    1 
HETATM 56  C C4    . CPN A 1 3 ? 2.909   15.934  5.651   1.00 10.70 ? 1003 CPN A C4    1 
HETATM 57  C C5    . CPN A 1 3 ? 3.271   16.910  6.593   1.00 10.60 ? 1003 CPN A C5    1 
HETATM 58  C C6    . CPN A 1 3 ? 4.104   16.556  7.593   1.00 11.41 ? 1003 CPN A C6    1 
HETATM 59  O O2    . CPN A 1 3 ? 4.216   13.028  7.144   1.00 8.79  ? 1003 CPN A O2    1 
HETATM 60  N N4    . CPN A 1 3 ? 2.114   16.243  4.638   1.00 13.21 ? 1003 CPN A N4    1 
HETATM 61  C "C8'" . APN A 1 4 ? 1.656   11.778  8.862   1.00 10.54 ? 1004 APN A "C8'" 1 
HETATM 62  C "C7'" . APN A 1 4 ? 0.652   11.087  9.795   1.00 10.61 ? 1004 APN A "C7'" 1 
HETATM 63  O "O7'" . APN A 1 4 ? -0.546  11.369  9.712   1.00 15.06 ? 1004 APN A "O7'" 1 
HETATM 64  C "C5'" . APN A 1 4 ? 0.277   9.651   11.720  1.00 15.17 ? 1004 APN A "C5'" 1 
HETATM 65  C C     . APN A 1 4 ? -0.475  8.430   11.414  1.00 18.12 ? 1004 APN A C     1 
HETATM 66  O O     . APN A 1 4 ? -1.312  7.973   12.217  1.00 31.32 ? 1004 APN A O     1 
HETATM 67  N "N4'" . APN A 1 4 ? 1.157   10.218  10.664  1.00 12.28 ? 1004 APN A "N4'" 1 
HETATM 68  C "C3'" . APN A 1 4 ? 2.551   9.675   10.616  1.00 13.64 ? 1004 APN A "C3'" 1 
HETATM 69  C "C2'" . APN A 1 4 ? 3.375   10.187  11.829  1.00 12.60 ? 1004 APN A "C2'" 1 
HETATM 70  N N     . APN A 1 4 ? 3.784   11.572  11.637  1.00 11.54 ? 1004 APN A N     1 
HETATM 71  N N9    . APN A 1 4 ? 0.958   12.733  8.021   1.00 10.72 ? 1004 APN A N9    1 
HETATM 72  C C8    . APN A 1 4 ? 0.849   14.060  8.165   1.00 11.04 ? 1004 APN A C8    1 
HETATM 73  N N7    . APN A 1 4 ? 0.066   14.549  7.202   1.00 12.15 ? 1004 APN A N7    1 
HETATM 74  C C5    . APN A 1 4 ? -0.280  13.522  6.408   1.00 10.90 ? 1004 APN A C5    1 
HETATM 75  C C6    . APN A 1 4 ? -0.965  13.383  5.196   1.00 12.34 ? 1004 APN A C6    1 
HETATM 76  N N6    . APN A 1 4 ? -1.600  14.398  4.580   1.00 13.06 ? 1004 APN A N6    1 
HETATM 77  N N1    . APN A 1 4 ? -1.133  12.135  4.700   1.00 11.83 ? 1004 APN A N1    1 
HETATM 78  C C2    . APN A 1 4 ? -0.598  11.109  5.315   1.00 11.67 ? 1004 APN A C2    1 
HETATM 79  N N3    . APN A 1 4 ? 0.119   11.141  6.420   1.00 11.59 ? 1004 APN A N3    1 
HETATM 80  C C4    . APN A 1 4 ? 0.323   12.399  6.909   1.00 11.43 ? 1004 APN A C4    1 
HETATM 81  C "C8'" . TPN A 1 5 ? -2.662  9.019   7.625   1.00 15.53 ? 1005 TPN A "C8'" 1 
HETATM 82  C "C7'" . TPN A 1 5 ? -3.647  8.373   8.572   1.00 14.12 ? 1005 TPN A "C7'" 1 
HETATM 83  O "O7'" . TPN A 1 5 ? -4.746  8.876   8.761   1.00 13.57 ? 1005 TPN A "O7'" 1 
HETATM 84  C "C5'" . TPN A 1 5 ? -4.216  6.659   10.092  1.00 20.20 ? 1005 TPN A "C5'" 1 
HETATM 85  C C     . TPN A 1 5 ? -5.159  5.821   9.218   1.00 20.77 ? 1005 TPN A C     1 
HETATM 86  O O     . TPN A 1 5 ? -4.838  5.342   8.120   1.00 20.40 ? 1005 TPN A O     1 
HETATM 87  N "N4'" . TPN A 1 5 ? -3.232  7.252   9.178   1.00 16.43 ? 1005 TPN A "N4'" 1 
HETATM 88  C "C3'" . TPN A 1 5 ? -1.937  6.598   8.915   1.00 19.62 ? 1005 TPN A "C3'" 1 
HETATM 89  C "C2'" . TPN A 1 5 ? -0.970  6.501   10.076  1.00 19.09 ? 1005 TPN A "C2'" 1 
HETATM 90  N N     . TPN A 1 5 ? -0.210  7.779   10.263  1.00 18.78 ? 1005 TPN A N     1 
HETATM 91  N N1    . TPN A 1 5 ? -3.233  10.292  7.126   1.00 13.57 ? 1005 TPN A N1    1 
HETATM 92  C C6    . TPN A 1 5 ? -3.054  11.508  7.779   1.00 14.21 ? 1005 TPN A C6    1 
HETATM 93  C C2    . TPN A 1 5 ? -4.034  10.203  5.987   1.00 14.80 ? 1005 TPN A C2    1 
HETATM 94  O O2    . TPN A 1 5 ? -4.283  9.119   5.469   1.00 16.31 ? 1005 TPN A O2    1 
HETATM 95  N N3    . TPN A 1 5 ? -4.539  11.409  5.526   1.00 14.38 ? 1005 TPN A N3    1 
HETATM 96  C C4    . TPN A 1 5 ? -4.339  12.661  6.114   1.00 16.51 ? 1005 TPN A C4    1 
HETATM 97  O O4    . TPN A 1 5 ? -4.793  13.616  5.469   1.00 15.12 ? 1005 TPN A O4    1 
HETATM 98  C C5    . TPN A 1 5 ? -3.568  12.707  7.264   1.00 12.34 ? 1005 TPN A C5    1 
HETATM 99  C C5M   . TPN A 1 5 ? -3.314  14.009  8.003   1.00 15.61 ? 1005 TPN A C5M   1 
HETATM 100 C "C8'" . GPN A 1 6 ? -7.526  7.769   7.091   1.00 13.79 ? 1006 GPN A "C8'" 1 
HETATM 101 C "C7'" . GPN A 1 6 ? -8.821  7.326   7.812   1.00 15.88 ? 1006 GPN A "C7'" 1 
HETATM 102 O "O7'" . GPN A 1 6 ? -9.703  8.189   7.948   1.00 16.98 ? 1006 GPN A "O7'" 1 
HETATM 103 C "C5'" . GPN A 1 6 ? -10.120 5.691   9.031   1.00 17.16 ? 1006 GPN A "C5'" 1 
HETATM 104 C C     . GPN A 1 6 ? -11.313 5.249   8.240   1.00 18.41 ? 1006 GPN A C     1 
HETATM 105 O O     . GPN A 1 6 ? -12.358 5.028   8.851   1.00 23.25 ? 1006 GPN A O     1 
HETATM 106 N "N4'" . GPN A 1 6 ? -8.937  6.086   8.238   1.00 17.62 ? 1006 GPN A "N4'" 1 
HETATM 107 C "C3'" . GPN A 1 6 ? -7.957  4.988   8.015   1.00 16.78 ? 1006 GPN A "C3'" 1 
HETATM 108 C "C2'" . GPN A 1 6 ? -7.244  4.558   9.276   1.00 18.25 ? 1006 GPN A "C2'" 1 
HETATM 109 N N     . GPN A 1 6 ? -6.355  5.633   9.796   1.00 20.10 ? 1006 GPN A N     1 
HETATM 110 N N9    . GPN A 1 6 ? -7.649  9.196   6.800   1.00 14.29 ? 1006 GPN A N9    1 
HETATM 111 C C8    . GPN A 1 6 ? -7.229  10.238  7.468   1.00 13.57 ? 1006 GPN A C8    1 
HETATM 112 N N7    . GPN A 1 6 ? -7.561  11.359  6.798   1.00 12.88 ? 1006 GPN A N7    1 
HETATM 113 C C5    . GPN A 1 6 ? -8.183  10.968  5.650   1.00 12.25 ? 1006 GPN A C5    1 
HETATM 114 C C6    . GPN A 1 6 ? -8.865  11.666  4.663   1.00 13.95 ? 1006 GPN A C6    1 
HETATM 115 O O6    . GPN A 1 6 ? -8.959  12.911  4.578   1.00 14.08 ? 1006 GPN A O6    1 
HETATM 116 N N1    . GPN A 1 6 ? -9.467  10.909  3.653   1.00 13.79 ? 1006 GPN A N1    1 
HETATM 117 C C2    . GPN A 1 6 ? -9.432  9.501   3.707   1.00 13.41 ? 1006 GPN A C2    1 
HETATM 118 N N2    . GPN A 1 6 ? -10.076 8.944   2.686   1.00 14.87 ? 1006 GPN A N2    1 
HETATM 119 N N3    . GPN A 1 6 ? -8.795  8.833   4.688   1.00 14.53 ? 1006 GPN A N3    1 
HETATM 120 C C4    . GPN A 1 6 ? -8.222  9.587   5.651   1.00 12.70 ? 1006 GPN A C4    1 
HETATM 121 C "C8'" . CPN A 1 7 ? -12.200 8.443   5.461   1.00 15.75 ? 1007 CPN A "C8'" 1 
HETATM 122 C "C7'" . CPN A 1 7 ? -13.571 7.956   5.923   1.00 16.77 ? 1007 CPN A "C7'" 1 
HETATM 123 O "O7'" . CPN A 1 7 ? -14.386 8.761   6.444   1.00 17.11 ? 1007 CPN A "O7'" 1 
HETATM 124 C "C5'" . CPN A 1 7 ? -15.090 6.197   6.426   1.00 20.03 ? 1007 CPN A "C5'" 1 
HETATM 125 C C     . CPN A 1 7 ? -16.281 6.088   5.497   1.00 22.38 ? 1007 CPN A C     1 
HETATM 126 O O     . CPN A 1 7 ? -17.372 5.714   5.990   1.00 32.29 ? 1007 CPN A O     1 
HETATM 127 N "N4'" . CPN A 1 7 ? -13.829 6.648   5.807   1.00 18.28 ? 1007 CPN A "N4'" 1 
HETATM 128 C "C3'" . CPN A 1 7 ? -12.955 5.642   5.180   1.00 20.91 ? 1007 CPN A "C3'" 1 
HETATM 129 C "C2'" . CPN A 1 7 ? -12.367 4.645   6.177   1.00 21.33 ? 1007 CPN A "C2'" 1 
HETATM 130 N N     . CPN A 1 7 ? -11.177 5.107   6.909   1.00 19.60 ? 1007 CPN A N     1 
HETATM 131 N N1    . CPN A 1 7 ? -12.120 9.905   5.529   1.00 14.73 ? 1007 CPN A N1    1 
HETATM 132 C C2    . CPN A 1 7 ? -12.756 10.598  4.492   1.00 13.93 ? 1007 CPN A C2    1 
HETATM 133 N N3    . CPN A 1 7 ? -12.707 11.957  4.549   1.00 13.98 ? 1007 CPN A N3    1 
HETATM 134 C C4    . CPN A 1 7 ? -12.074 12.607  5.601   1.00 13.88 ? 1007 CPN A C4    1 
HETATM 135 C C5    . CPN A 1 7 ? -11.475 11.936  6.664   1.00 15.32 ? 1007 CPN A C5    1 
HETATM 136 C C6    . CPN A 1 7 ? -11.501 10.578  6.579   1.00 13.52 ? 1007 CPN A C6    1 
HETATM 137 O O2    . CPN A 1 7 ? -13.335 9.974   3.612   1.00 15.24 ? 1007 CPN A O2    1 
HETATM 138 N N4    . CPN A 1 7 ? -12.058 13.929  5.605   1.00 14.39 ? 1007 CPN A N4    1 
HETATM 139 C "C8'" . CPN A 1 8 ? -16.824 9.912   3.846   1.00 17.04 ? 1008 CPN A "C8'" 1 
HETATM 140 C "C7'" . CPN A 1 8 ? -18.189 9.421   4.312   1.00 18.48 ? 1008 CPN A "C7'" 1 
HETATM 141 O "O7'" . CPN A 1 8 ? -18.852 10.108  5.113   1.00 16.67 ? 1008 CPN A "O7'" 1 
HETATM 142 C "C5'" . CPN A 1 8 ? -19.896 7.767   4.338   1.00 22.17 ? 1008 CPN A "C5'" 1 
HETATM 143 C C     . CPN A 1 8 ? -21.069 8.567   3.777   1.00 25.18 ? 1008 CPN A C     1 
HETATM 144 O O     . CPN A 1 8 ? -22.212 8.116   3.987   1.00 48.68 ? 1008 CPN A O     1 
HETATM 145 N "N4'" . CPN A 1 8 ? -18.601 8.256   3.818   1.00 20.06 ? 1008 CPN A "N4'" 1 
HETATM 146 C "C3'" . CPN A 1 8 ? -17.913 7.388   2.822   1.00 19.47 ? 1008 CPN A "C3'" 1 
HETATM 147 C "C2'" . CPN A 1 8 ? -17.255 6.165   3.344   1.00 24.06 ? 1008 CPN A "C2'" 1 
HETATM 148 N N     . CPN A 1 8 ? -16.083 6.389   4.199   1.00 21.40 ? 1008 CPN A N     1 
HETATM 149 N N1    . CPN A 1 8 ? -16.624 11.309  4.254   1.00 14.62 ? 1008 CPN A N1    1 
HETATM 150 C C2    . CPN A 1 8 ? -17.168 12.340  3.501   1.00 15.82 ? 1008 CPN A C2    1 
HETATM 151 N N3    . CPN A 1 8 ? -16.942 13.620  3.964   1.00 14.75 ? 1008 CPN A N3    1 
HETATM 152 C C4    . CPN A 1 8 ? -16.194 13.860  5.098   1.00 16.24 ? 1008 CPN A C4    1 
HETATM 153 C C5    . CPN A 1 8 ? -15.760 12.823  5.913   1.00 15.64 ? 1008 CPN A C5    1 
HETATM 154 C C6    . CPN A 1 8 ? -15.938 11.524  5.456   1.00 17.71 ? 1008 CPN A C6    1 
HETATM 155 O O2    . CPN A 1 8 ? -17.831 12.125  2.469   1.00 17.07 ? 1008 CPN A O2    1 
HETATM 156 N N4    . CPN A 1 8 ? -15.990 15.100  5.498   1.00 20.63 ? 1008 CPN A N4    1 
ATOM   157 N N     . LYS A 1 9 ? -20.769 9.298   2.715   1.00 37.41 ? 1009 LYS A N     1 
HETATM 158 C "C8'" . GPN B 1 1 ? -19.444 18.836  -1.495  1.00 18.30 ? 2001 GPN B "C8'" 1 
HETATM 159 C "C7'" . GPN B 1 1 ? -18.330 18.662  -2.526  1.00 16.99 ? 2001 GPN B "C7'" 1 
HETATM 160 O "O7'" . GPN B 1 1 ? -17.180 18.418  -2.147  1.00 18.56 ? 2001 GPN B "O7'" 1 
HETATM 161 C "C5'" . GPN B 1 1 ? -17.438 18.740  -4.771  1.00 19.52 ? 2001 GPN B "C5'" 1 
HETATM 162 C C     . GPN B 1 1 ? -17.177 17.326  -5.299  1.00 17.42 ? 2001 GPN B C     1 
HETATM 163 O O     . GPN B 1 1 ? -16.252 17.163  -6.136  1.00 19.37 ? 2001 GPN B O     1 
HETATM 164 N "N4'" . GPN B 1 1 ? -18.585 18.815  -3.843  1.00 18.26 ? 2001 GPN B "N4'" 1 
HETATM 165 C "C3'" . GPN B 1 1 ? -19.961 19.043  -4.330  1.00 19.11 ? 2001 GPN B "C3'" 1 
HETATM 166 C "C2'" . GPN B 1 1 ? -20.062 20.320  -5.143  1.00 20.17 ? 2001 GPN B "C2'" 1 
HETATM 167 N N     . GPN B 1 1 ? -19.816 21.519  -4.373  1.00 19.83 ? 2001 GPN B N     1 
HETATM 168 N N9    . GPN B 1 1 ? -18.812 18.795  -0.174  1.00 18.41 ? 2001 GPN B N9    1 
HETATM 169 C C8    . GPN B 1 1 ? -18.421 19.802  0.590   1.00 18.69 ? 2001 GPN B C8    1 
HETATM 170 N N7    . GPN B 1 1 ? -17.877 19.355  1.735   1.00 18.82 ? 2001 GPN B N7    1 
HETATM 171 C C5    . GPN B 1 1 ? -17.921 18.011  1.656   1.00 16.63 ? 2001 GPN B C5    1 
HETATM 172 C C6    . GPN B 1 1 ? -17.519 16.996  2.513   1.00 17.17 ? 2001 GPN B C6    1 
HETATM 173 O O6    . GPN B 1 1 ? -16.966 17.207  3.612   1.00 20.75 ? 2001 GPN B O6    1 
HETATM 174 N N1    . GPN B 1 1 ? -17.808 15.695  2.115   1.00 15.49 ? 2001 GPN B N1    1 
HETATM 175 C C2    . GPN B 1 1 ? -18.421 15.391  0.897   1.00 15.47 ? 2001 GPN B C2    1 
HETATM 176 N N2    . GPN B 1 1 ? -18.541 14.118  0.579   1.00 16.43 ? 2001 GPN B N2    1 
HETATM 177 N N3    . GPN B 1 1 ? -18.798 16.402  0.083   1.00 15.33 ? 2001 GPN B N3    1 
HETATM 178 C C4    . GPN B 1 1 ? -18.544 17.659  0.466   1.00 17.65 ? 2001 GPN B C4    1 
HETATM 179 C "C8'" . GPN B 1 2 ? -16.335 15.034  -1.772  1.00 15.95 ? 2002 GPN B "C8'" 1 
HETATM 180 C "C7'" . GPN B 1 2 ? -15.364 14.681  -2.904  1.00 15.72 ? 2002 GPN B "C7'" 1 
HETATM 181 O "O7'" . GPN B 1 2 ? -14.167 14.755  -2.662  1.00 16.38 ? 2002 GPN B "O7'" 1 
HETATM 182 C "C5'" . GPN B 1 2 ? -14.784 14.052  -5.154  1.00 16.55 ? 2002 GPN B "C5'" 1 
HETATM 183 C C     . GPN B 1 2 ? -14.359 12.616  -5.351  1.00 16.42 ? 2002 GPN B C     1 
HETATM 184 O O     . GPN B 1 2 ? -13.655 12.346  -6.328  1.00 17.37 ? 2002 GPN B O     1 
HETATM 185 N "N4'" . GPN B 1 2 ? -15.788 14.272  -4.103  1.00 18.33 ? 2002 GPN B "N4'" 1 
HETATM 186 C "C3'" . GPN B 1 2 ? -17.182 14.034  -4.373  1.00 18.56 ? 2002 GPN B "C3'" 1 
HETATM 187 C "C2'" . GPN B 1 2 ? -17.878 14.945  -5.341  1.00 17.03 ? 2002 GPN B "C2'" 1 
HETATM 188 N N     . GPN B 1 2 ? -17.934 16.340  -4.879  1.00 17.34 ? 2002 GPN B N     1 
HETATM 189 N N9    . GPN B 1 2 ? -15.604 15.426  -0.580  1.00 16.17 ? 2002 GPN B N9    1 
HETATM 190 C C8    . GPN B 1 2 ? -15.319 16.666  -0.208  1.00 17.79 ? 2002 GPN B C8    1 
HETATM 191 N N7    . GPN B 1 2 ? -14.701 16.644  0.954   1.00 17.69 ? 2002 GPN B N7    1 
HETATM 192 C C5    . GPN B 1 2 ? -14.457 15.364  1.295   1.00 14.78 ? 2002 GPN B C5    1 
HETATM 193 C C6    . GPN B 1 2 ? -13.911 14.760  2.416   1.00 14.62 ? 2002 GPN B C6    1 
HETATM 194 O O6    . GPN B 1 2 ? -13.215 15.231  3.338   1.00 17.43 ? 2002 GPN B O6    1 
HETATM 195 N N1    . GPN B 1 2 ? -13.901 13.359  2.383   1.00 13.73 ? 2002 GPN B N1    1 
HETATM 196 C C2    . GPN B 1 2 ? -14.611 12.631  1.431   1.00 14.62 ? 2002 GPN B C2    1 
HETATM 197 N N2    . GPN B 1 2 ? -14.564 11.311  1.469   1.00 15.63 ? 2002 GPN B N2    1 
HETATM 198 N N3    . GPN B 1 2 ? -15.150 13.250  0.365   1.00 13.78 ? 2002 GPN B N3    1 
HETATM 199 C C4    . GPN B 1 2 ? -15.146 14.582  0.357   1.00 15.02 ? 2002 GPN B C4    1 
HETATM 200 C "C8'" . CPN B 1 3 ? -12.638 11.382  -1.509  1.00 14.81 ? 2003 CPN B "C8'" 1 
HETATM 201 C "C7'" . CPN B 1 3 ? -11.708 11.109  -2.667  1.00 14.58 ? 2003 CPN B "C7'" 1 
HETATM 202 O "O7'" . CPN B 1 3 ? -10.535 11.548  -2.699  1.00 17.05 ? 2003 CPN B "O7'" 1 
HETATM 203 C "C5'" . CPN B 1 3 ? -11.288 10.221  -4.852  1.00 15.65 ? 2003 CPN B "C5'" 1 
HETATM 204 C C     . CPN B 1 3 ? -10.323 9.055   -4.709  1.00 14.56 ? 2003 CPN B C     1 
HETATM 205 O O     . CPN B 1 3 ? -9.486  8.851   -5.600  1.00 21.68 ? 2003 CPN B O     1 
HETATM 206 N "N4'" . CPN B 1 3 ? -12.183 10.388  -3.689  1.00 14.60 ? 2003 CPN B "N4'" 1 
HETATM 207 C "C3'" . CPN B 1 3 ? -13.506 9.729   -3.687  1.00 15.02 ? 2003 CPN B "C3'" 1 
HETATM 208 C "C2'" . CPN B 1 3 ? -14.502 10.255  -4.703  1.00 15.12 ? 2003 CPN B "C2'" 1 
HETATM 209 N N     . CPN B 1 3 ? -14.767 11.687  -4.480  1.00 13.69 ? 2003 CPN B N     1 
HETATM 210 N N1    . CPN B 1 3 ? -11.935 12.215  -0.507  1.00 14.59 ? 2003 CPN B N1    1 
HETATM 211 C C2    . CPN B 1 3 ? -11.319 11.546  0.528   1.00 11.84 ? 2003 CPN B C2    1 
HETATM 212 N N3    . CPN B 1 3 ? -10.678 12.296  1.503   1.00 13.20 ? 2003 CPN B N3    1 
HETATM 213 C C4    . CPN B 1 3 ? -10.595 13.671  1.404   1.00 13.76 ? 2003 CPN B C4    1 
HETATM 214 C C5    . CPN B 1 3 ? -11.256 14.382  0.376   1.00 14.41 ? 2003 CPN B C5    1 
HETATM 215 C C6    . CPN B 1 3 ? -11.882 13.616  -0.592  1.00 13.81 ? 2003 CPN B C6    1 
HETATM 216 O O2    . CPN B 1 3 ? -11.262 10.322  0.501   1.00 12.30 ? 2003 CPN B O2    1 
HETATM 217 N N4    . CPN B 1 3 ? -10.108 14.302  2.461   1.00 15.06 ? 2003 CPN B N4    1 
HETATM 218 C "C8'" . APN B 1 4 ? -8.502  9.635   -1.109  1.00 15.87 ? 2004 APN B "C8'" 1 
HETATM 219 C "C7'" . APN B 1 4 ? -7.308  9.009   -1.843  1.00 17.60 ? 2004 APN B "C7'" 1 
HETATM 220 O "O7'" . APN B 1 4 ? -6.221  9.639   -1.827  1.00 14.52 ? 2004 APN B "O7'" 1 
HETATM 221 C "C5'" . APN B 1 4 ? -6.441  7.408   -3.489  1.00 19.52 ? 2004 APN B "C5'" 1 
HETATM 222 C C     . APN B 1 4 ? -5.337  6.560   -2.948  1.00 23.34 ? 2004 APN B C     1 
HETATM 223 O O     . APN B 1 4 ? -4.350  6.303   -3.651  1.00 22.70 ? 2004 APN B O     1 
HETATM 224 N "N4'" . APN B 1 4 ? -7.505  7.857   -2.508  1.00 15.39 ? 2004 APN B "N4'" 1 
HETATM 225 C "C3'" . APN B 1 4 ? -8.643  6.980   -2.388  1.00 16.06 ? 2004 APN B "C3'" 1 
HETATM 226 C "C2'" . APN B 1 4 ? -9.507  7.070   -3.651  1.00 18.62 ? 2004 APN B "C2'" 1 
HETATM 227 N N     . APN B 1 4 ? -10.359 8.271   -3.626  1.00 15.72 ? 2004 APN B N     1 
HETATM 228 N N9    . APN B 1 4 ? -8.001  10.774  -0.330  1.00 14.42 ? 2004 APN B N9    1 
HETATM 229 C C8    . APN B 1 4 ? -8.177  12.033  -0.727  1.00 15.66 ? 2004 APN B C8    1 
HETATM 230 N N7    . APN B 1 4 ? -7.608  12.834  0.165   1.00 13.53 ? 2004 APN B N7    1 
HETATM 231 C C5    . APN B 1 4 ? -7.055  12.073  1.153   1.00 14.48 ? 2004 APN B C5    1 
HETATM 232 C C6    . APN B 1 4 ? -6.349  12.316  2.327   1.00 14.53 ? 2004 APN B C6    1 
HETATM 233 N N6    . APN B 1 4 ? -6.053  13.540  2.800   1.00 14.41 ? 2004 APN B N6    1 
HETATM 234 N N1    . APN B 1 4 ? -6.002  11.267  3.111   1.00 14.23 ? 2004 APN B N1    1 
HETATM 235 C C2    . APN B 1 4 ? -6.276  10.039  2.717   1.00 13.40 ? 2004 APN B C2    1 
HETATM 236 N N3    . APN B 1 4 ? -6.893  9.714   1.585   1.00 13.76 ? 2004 APN B N3    1 
HETATM 237 C C4    . APN B 1 4 ? -7.344  10.736  0.832   1.00 14.00 ? 2004 APN B C4    1 
HETATM 238 C "C8'" . TPN B 1 5 ? -3.702  8.464   0.679   1.00 13.11 ? 2005 TPN B "C8'" 1 
HETATM 239 C "C7'" . TPN B 1 5 ? -2.572  7.856   -0.139  1.00 13.11 ? 2005 TPN B "C7'" 1 
HETATM 240 O "O7'" . TPN B 1 5 ? -1.634  8.573   -0.441  1.00 12.86 ? 2005 TPN B "O7'" 1 
HETATM 241 C "C5'" . TPN B 1 5 ? -1.645  5.934   -1.174  1.00 14.87 ? 2005 TPN B "C5'" 1 
HETATM 242 C C     . TPN B 1 5 ? -0.533  5.540   -0.204  1.00 13.73 ? 2005 TPN B C     1 
HETATM 243 O O     . TPN B 1 5 ? -0.724  5.240   0.969   1.00 14.80 ? 2005 TPN B O     1 
HETATM 244 N "N4'" . TPN B 1 5 ? -2.718  6.559   -0.422  1.00 14.42 ? 2005 TPN B "N4'" 1 
HETATM 245 C "C3'" . TPN B 1 5 ? -3.836  5.712   0.023   1.00 17.36 ? 2005 TPN B "C3'" 1 
HETATM 246 C "C2'" . TPN B 1 5 ? -4.627  5.091   -1.106  1.00 19.46 ? 2005 TPN B "C2'" 1 
HETATM 247 N N     . TPN B 1 5 ? -5.531  6.088   -1.692  1.00 19.41 ? 2005 TPN B N     1 
HETATM 248 N N1    . TPN B 1 5 ? -3.457  9.888   0.941   1.00 11.56 ? 2005 TPN B N1    1 
HETATM 249 C C6    . TPN B 1 5 ? -3.891  10.888  0.108   1.00 11.70 ? 2005 TPN B C6    1 
HETATM 250 C C2    . TPN B 1 5 ? -2.720  10.182  2.102   1.00 12.32 ? 2005 TPN B C2    1 
HETATM 251 O O2    . TPN B 1 5 ? -2.292  9.282   2.811   1.00 14.35 ? 2005 TPN B O2    1 
HETATM 252 N N3    . TPN B 1 5 ? -2.504  11.521  2.318   1.00 11.59 ? 2005 TPN B N3    1 
HETATM 253 C C4    . TPN B 1 5 ? -3.001  12.559  1.536   1.00 13.48 ? 2005 TPN B C4    1 
HETATM 254 O O4    . TPN B 1 5 ? -2.712  13.713  1.889   1.00 13.28 ? 2005 TPN B O4    1 
HETATM 255 C C5    . TPN B 1 5 ? -3.656  12.216  0.347   1.00 12.04 ? 2005 TPN B C5    1 
HETATM 256 C C5M   . TPN B 1 5 ? -4.144  13.300  -0.627  1.00 15.96 ? 2005 TPN B C5M   1 
HETATM 257 C "C8'" . GPN B 1 6 ? 1.208   8.462   1.316   1.00 9.89  ? 2006 GPN B "C8'" 1 
HETATM 258 C "C7'" . GPN B 1 6 ? 2.585   8.283   0.614   1.00 7.69  ? 2006 GPN B "C7'" 1 
HETATM 259 O "O7'" . GPN B 1 6 ? 3.240   9.264   0.277   1.00 9.53  ? 2006 GPN B "O7'" 1 
HETATM 260 C "C5'" . GPN B 1 6 ? 4.337   6.902   -0.252  1.00 8.27  ? 2006 GPN B "C5'" 1 
HETATM 261 C C     . GPN B 1 6 ? 5.543   6.868   0.627   1.00 8.82  ? 2006 GPN B C     1 
HETATM 262 O O     . GPN B 1 6 ? 6.665   6.706   0.102   1.00 10.03 ? 2006 GPN B O     1 
HETATM 263 N "N4'" . GPN B 1 6 ? 3.040   7.048   0.412   1.00 8.69  ? 2006 GPN B "N4'" 1 
HETATM 264 C "C3'" . GPN B 1 6 ? 2.400   5.826   0.844   1.00 10.23 ? 2006 GPN B "C3'" 1 
HETATM 265 C "C2'" . GPN B 1 6 ? 1.796   4.935   -0.232  1.00 9.68  ? 2006 GPN B "C2'" 1 
HETATM 266 N N     . GPN B 1 6 ? 0.637   5.542   -0.856  1.00 11.55 ? 2006 GPN B N     1 
HETATM 267 N N9    . GPN B 1 6 ? 0.994   9.908   1.379   1.00 8.76  ? 2006 GPN B N9    1 
HETATM 268 C C8    . GPN B 1 6 ? 0.327   10.670  0.511   1.00 8.95  ? 2006 GPN B C8    1 
HETATM 269 N N7    . GPN B 1 6 ? 0.405   11.966  0.861   1.00 8.59  ? 2006 GPN B N7    1 
HETATM 270 C C5    . GPN B 1 6 ? 1.084   11.990  2.050   1.00 8.88  ? 2006 GPN B C5    1 
HETATM 271 C C6    . GPN B 1 6 ? 1.465   13.025  2.903   1.00 8.49  ? 2006 GPN B C6    1 
HETATM 272 O O6    . GPN B 1 6 ? 1.297   14.243  2.749   1.00 9.92  ? 2006 GPN B O6    1 
HETATM 273 N N1    . GPN B 1 6 ? 2.281   12.606  3.994   1.00 8.89  ? 2006 GPN B N1    1 
HETATM 274 C C2    . GPN B 1 6 ? 2.527   11.284  4.272   1.00 8.86  ? 2006 GPN B C2    1 
HETATM 275 N N2    . GPN B 1 6 ? 3.271   11.019  5.349   1.00 9.12  ? 2006 GPN B N2    1 
HETATM 276 N N3    . GPN B 1 6 ? 2.141   10.302  3.454   1.00 8.62  ? 2006 GPN B N3    1 
HETATM 277 C C4    . GPN B 1 6 ? 1.384   10.682  2.404   1.00 8.43  ? 2006 GPN B C4    1 
HETATM 278 C "C8'" . CPN B 1 7 ? 5.502   10.542  2.694   1.00 8.04  ? 2007 CPN B "C8'" 1 
HETATM 279 C "C7'" . CPN B 1 7 ? 6.945   10.240  2.307   1.00 9.38  ? 2007 CPN B "C7'" 1 
HETATM 280 O "O7'" . CPN B 1 7 ? 7.590   11.040  1.629   1.00 10.20 ? 2007 CPN B "O7'" 1 
HETATM 281 C "C5'" . CPN B 1 7 ? 8.817   8.713   2.201   1.00 8.35  ? 2007 CPN B "C5'" 1 
HETATM 282 C C     . CPN B 1 7 ? 9.947   8.900   3.154   1.00 8.08  ? 2007 CPN B C     1 
HETATM 283 O O     . CPN B 1 7 ? 11.055  8.537   2.792   1.00 9.58  ? 2007 CPN B O     1 
HETATM 284 N "N4'" . CPN B 1 7 ? 7.480   9.080   2.689   1.00 8.10  ? 2007 CPN B "N4'" 1 
HETATM 285 C "C3'" . CPN B 1 7 ? 6.819   8.097   3.595   1.00 7.51  ? 2007 CPN B "C3'" 1 
HETATM 286 C "C2'" . CPN B 1 7 ? 6.448   6.809   2.894   1.00 8.56  ? 2007 CPN B "C2'" 1 
HETATM 287 N N     . CPN B 1 7 ? 5.350   6.970   1.949   1.00 8.27  ? 2007 CPN B N     1 
HETATM 288 N N1    . CPN B 1 7 ? 5.112   11.893  2.352   1.00 7.36  ? 2007 CPN B N1    1 
HETATM 289 C C2    . CPN B 1 7 ? 5.549   12.923  3.213   1.00 7.97  ? 2007 CPN B C2    1 
HETATM 290 N N3    . CPN B 1 7 ? 5.243   14.199  2.886   1.00 9.01  ? 2007 CPN B N3    1 
HETATM 291 C C4    . CPN B 1 7 ? 4.549   14.477  1.737   1.00 8.97  ? 2007 CPN B C4    1 
HETATM 292 C C5    . CPN B 1 7 ? 4.135   13.457  0.893   1.00 8.60  ? 2007 CPN B C5    1 
HETATM 293 C C6    . CPN B 1 7 ? 4.452   12.157  1.210   1.00 8.15  ? 2007 CPN B C6    1 
HETATM 294 O O2    . CPN B 1 7 ? 6.211   12.644  4.203   1.00 8.13  ? 2007 CPN B O2    1 
HETATM 295 N N4    . CPN B 1 7 ? 4.251   15.743  1.476   1.00 11.01 ? 2007 CPN B N4    1 
HETATM 296 C "C8'" . CPN B 1 8 ? 9.816   13.118  4.209   1.00 9.39  ? 2008 CPN B "C8'" 1 
HETATM 297 C "C7'" . CPN B 1 8 ? 11.145  12.623  3.720   1.00 9.62  ? 2008 CPN B "C7'" 1 
HETATM 298 O "O7'" . CPN B 1 8 ? 11.737  13.164  2.743   1.00 11.88 ? 2008 CPN B "O7'" 1 
HETATM 299 C "C5'" . CPN B 1 8 ? 13.010  11.106  3.947   1.00 11.71 ? 2008 CPN B "C5'" 1 
HETATM 300 C C     . CPN B 1 8 ? 14.174  11.967  4.277   1.00 18.54 ? 2008 CPN B C     1 
HETATM 301 O O     . CPN B 1 8 ? 14.117  12.927  5.028   1.00 18.77 ? 2008 CPN B O     1 
HETATM 302 N "N4'" . CPN B 1 8 ? 11.715  11.625  4.393   1.00 11.50 ? 2008 CPN B "N4'" 1 
HETATM 303 C "C3'" . CPN B 1 8 ? 11.152  10.999  5.607   1.00 10.29 ? 2008 CPN B "C3'" 1 
HETATM 304 C "C2'" . CPN B 1 8 ? 10.775  9.537   5.357   1.00 10.76 ? 2008 CPN B "C2'" 1 
HETATM 305 N N     . CPN B 1 8 ? 9.719   9.454   4.366   1.00 8.29  ? 2008 CPN B N     1 
HETATM 306 N N1    . CPN B 1 8 ? 9.369   14.255  3.442   1.00 9.72  ? 2008 CPN B N1    1 
HETATM 307 C C2    . CPN B 1 8 ? 9.688   15.517  3.925   1.00 9.72  ? 2008 CPN B C2    1 
HETATM 308 N N3    . CPN B 1 8 ? 9.211   16.578  3.207   1.00 10.49 ? 2008 CPN B N3    1 
HETATM 309 C C4    . CPN B 1 8 ? 8.445   16.405  2.056   1.00 10.40 ? 2008 CPN B C4    1 
HETATM 310 C C5    . CPN B 1 8 ? 8.241   15.132  1.511   1.00 10.25 ? 2008 CPN B C5    1 
HETATM 311 C C6    . CPN B 1 8 ? 8.750   14.087  2.241   1.00 10.67 ? 2008 CPN B C6    1 
HETATM 312 O O2    . CPN B 1 8 ? 10.411  15.654  4.906   1.00 10.80 ? 2008 CPN B O2    1 
HETATM 313 N N4    . CPN B 1 8 ? 7.969   17.496  1.498   1.00 13.21 ? 2008 CPN B N4    1 
HETATM 314 C "C8'" . GPN C 1 1 ? 35.695  -6.647  4.501   1.00 18.17 ? 3001 GPN C "C8'" 1 
HETATM 315 C "C7'" . GPN C 1 1 ? 34.538  -6.451  5.518   1.00 18.34 ? 3001 GPN C "C7'" 1 
HETATM 316 O "O7'" . GPN C 1 1 ? 33.408  -6.085  5.189   1.00 16.44 ? 3001 GPN C "O7'" 1 
HETATM 317 C "C5'" . GPN C 1 1 ? 33.640  -6.445  7.753   1.00 16.80 ? 3001 GPN C "C5'" 1 
HETATM 318 C C     . GPN C 1 1 ? 33.429  -5.028  8.210   1.00 16.95 ? 3001 GPN C C     1 
HETATM 319 O O     . GPN C 1 1 ? 32.494  -4.819  9.031   1.00 18.93 ? 3001 GPN C O     1 
HETATM 320 N "N4'" . GPN C 1 1 ? 34.768  -6.656  6.823   1.00 17.58 ? 3001 GPN C "N4'" 1 
HETATM 321 C "C3'" . GPN C 1 1 ? 36.105  -7.028  7.295   1.00 17.33 ? 3001 GPN C "C3'" 1 
HETATM 322 C "C2'" . GPN C 1 1 ? 36.100  -8.415  7.910   1.00 21.74 ? 3001 GPN C "C2'" 1 
HETATM 323 N N     . GPN C 1 1 ? 35.669  -9.486  7.024   1.00 23.93 ? 3001 GPN C N     1 
HETATM 324 N N9    . GPN C 1 1 ? 35.057  -6.543  3.184   1.00 18.60 ? 3001 GPN C N9    1 
HETATM 325 C C8    . GPN C 1 1 ? 34.647  -7.541  2.448   1.00 21.75 ? 3001 GPN C C8    1 
HETATM 326 N N7    . GPN C 1 1 ? 34.087  -7.123  1.315   1.00 21.65 ? 3001 GPN C N7    1 
HETATM 327 C C5    . GPN C 1 1 ? 34.218  -5.781  1.302   1.00 18.77 ? 3001 GPN C C5    1 
HETATM 328 C C6    . GPN C 1 1 ? 33.744  -4.794  0.462   1.00 17.49 ? 3001 GPN C C6    1 
HETATM 329 O O6    . GPN C 1 1 ? 33.218  -4.958  -0.637  1.00 18.37 ? 3001 GPN C O6    1 
HETATM 330 N N1    . GPN C 1 1 ? 34.024  -3.492  0.874   1.00 16.71 ? 3001 GPN C N1    1 
HETATM 331 C C2    . GPN C 1 1 ? 34.676  -3.190  2.065   1.00 14.83 ? 3001 GPN C C2    1 
HETATM 332 N N2    . GPN C 1 1 ? 34.896  -1.925  2.349   1.00 14.74 ? 3001 GPN C N2    1 
HETATM 333 N N3    . GPN C 1 1 ? 35.053  -4.165  2.899   1.00 16.47 ? 3001 GPN C N3    1 
HETATM 334 C C4    . GPN C 1 1 ? 34.810  -5.417  2.510   1.00 16.93 ? 3001 GPN C C4    1 
HETATM 335 C "C8'" . GPN C 1 2 ? 32.557  -2.790  4.772   1.00 18.87 ? 3002 GPN C "C8'" 1 
HETATM 336 C "C7'" . GPN C 1 2 ? 31.529  -2.429  5.869   1.00 16.18 ? 3002 GPN C "C7'" 1 
HETATM 337 O "O7'" . GPN C 1 2 ? 30.315  -2.580  5.651   1.00 15.77 ? 3002 GPN C "O7'" 1 
HETATM 338 C "C5'" . GPN C 1 2 ? 31.012  -1.812  8.133   1.00 15.07 ? 3002 GPN C "C5'" 1 
HETATM 339 C C     . GPN C 1 2 ? 30.583  -0.372  8.362   1.00 13.11 ? 3002 GPN C C     1 
HETATM 340 O O     . GPN C 1 2 ? 29.825  -0.152  9.307   1.00 16.39 ? 3002 GPN C O     1 
HETATM 341 N "N4'" . GPN C 1 2 ? 31.989  -1.985  7.033   1.00 13.15 ? 3002 GPN C "N4'" 1 
HETATM 342 C "C3'" . GPN C 1 2 ? 33.394  -1.696  7.343   1.00 15.07 ? 3002 GPN C "C3'" 1 
HETATM 343 C "C2'" . GPN C 1 2 ? 34.076  -2.683  8.279   1.00 18.79 ? 3002 GPN C "C2'" 1 
HETATM 344 N N     . GPN C 1 2 ? 34.179  -4.015  7.709   1.00 17.23 ? 3002 GPN C N     1 
HETATM 345 N N9    . GPN C 1 2 ? 31.856  -3.187  3.549   1.00 16.44 ? 3002 GPN C N9    1 
HETATM 346 C C8    . GPN C 1 2 ? 31.633  -4.413  3.156   1.00 17.32 ? 3002 GPN C C8    1 
HETATM 347 N N7    . GPN C 1 2 ? 30.955  -4.410  2.019   1.00 17.43 ? 3002 GPN C N7    1 
HETATM 348 C C5    . GPN C 1 2 ? 30.855  -3.123  1.629   1.00 16.76 ? 3002 GPN C C5    1 
HETATM 349 C C6    . GPN C 1 2 ? 30.114  -2.505  0.651   1.00 15.99 ? 3002 GPN C C6    1 
HETATM 350 O O6    . GPN C 1 2 ? 29.624  -3.046  -0.329  1.00 16.59 ? 3002 GPN C O6    1 
HETATM 351 N N1    . GPN C 1 2 ? 30.172  -1.126  0.667   1.00 16.08 ? 3002 GPN C N1    1 
HETATM 352 C C2    . GPN C 1 2 ? 30.783  -0.393  1.679   1.00 13.99 ? 3002 GPN C C2    1 
HETATM 353 N N2    . GPN C 1 2 ? 30.748  0.916   1.625   1.00 15.04 ? 3002 GPN C N2    1 
HETATM 354 N N3    . GPN C 1 2 ? 31.395  -1.008  2.727   1.00 15.97 ? 3002 GPN C N3    1 
HETATM 355 C C4    . GPN C 1 2 ? 31.368  -2.344  2.682   1.00 15.62 ? 3002 GPN C C4    1 
HETATM 356 C "C8'" . CPN C 1 3 ? 28.932  0.755   4.543   1.00 13.78 ? 3003 CPN C "C8'" 1 
HETATM 357 C "C7'" . CPN C 1 3 ? 28.036  1.096   5.728   1.00 13.55 ? 3003 CPN C "C7'" 1 
HETATM 358 O "O7'" . CPN C 1 3 ? 26.876  0.635   5.725   1.00 14.46 ? 3003 CPN C "O7'" 1 
HETATM 359 C "C5'" . CPN C 1 3 ? 27.646  2.083   7.879   1.00 16.06 ? 3003 CPN C "C5'" 1 
HETATM 360 C C     . CPN C 1 3 ? 26.672  3.255   7.764   1.00 18.18 ? 3003 CPN C C     1 
HETATM 361 O O     . CPN C 1 3 ? 25.835  3.417   8.672   1.00 21.21 ? 3003 CPN C O     1 
HETATM 362 N "N4'" . CPN C 1 3 ? 28.484  1.889   6.705   1.00 15.52 ? 3003 CPN C "N4'" 1 
HETATM 363 C "C3'" . CPN C 1 3 ? 29.796  2.572   6.665   1.00 14.27 ? 3003 CPN C "C3'" 1 
HETATM 364 C "C2'" . CPN C 1 3 ? 30.717  1.984   7.713   1.00 17.85 ? 3003 CPN C "C2'" 1 
HETATM 365 N N     . CPN C 1 3 ? 31.039  0.551   7.499   1.00 16.90 ? 3003 CPN C N     1 
HETATM 366 N N1    . CPN C 1 3 ? 28.205  -0.016  3.503   1.00 12.39 ? 3003 CPN C N1    1 
HETATM 367 C C2    . CPN C 1 3 ? 27.567  0.679   2.468   1.00 14.38 ? 3003 CPN C C2    1 
HETATM 368 N N3    . CPN C 1 3 ? 26.906  -0.065  1.510   1.00 12.58 ? 3003 CPN C N3    1 
HETATM 369 C C4    . CPN C 1 3 ? 26.875  -1.455  1.557   1.00 13.03 ? 3003 CPN C C4    1 
HETATM 370 C C5    . CPN C 1 3 ? 27.494  -2.161  2.619   1.00 14.83 ? 3003 CPN C C5    1 
HETATM 371 C C6    . CPN C 1 3 ? 28.141  -1.398  3.542   1.00 14.55 ? 3003 CPN C C6    1 
HETATM 372 O O2    . CPN C 1 3 ? 27.579  1.895   2.454   1.00 15.26 ? 3003 CPN C O2    1 
HETATM 373 N N4    . CPN C 1 3 ? 26.225  -2.088  0.608   1.00 16.34 ? 3003 CPN C N4    1 
HETATM 374 C "C8'" . APN C 1 4 ? 24.688  2.734   3.935   1.00 13.37 ? 3004 APN C "C8'" 1 
HETATM 375 C "C7'" . APN C 1 4 ? 23.529  3.242   4.804   1.00 13.69 ? 3004 APN C "C7'" 1 
HETATM 376 O "O7'" . APN C 1 4 ? 22.454  2.643   4.854   1.00 16.28 ? 3004 APN C "O7'" 1 
HETATM 377 C "C5'" . APN C 1 4 ? 22.569  4.739   6.411   1.00 17.32 ? 3004 APN C "C5'" 1 
HETATM 378 C C     . APN C 1 4 ? 21.625  5.751   5.774   1.00 17.80 ? 3004 APN C C     1 
HETATM 379 O O     . APN C 1 4 ? 20.759  6.251   6.509   1.00 22.85 ? 3004 APN C O     1 
HETATM 380 N "N4'" . APN C 1 4 ? 23.711  4.356   5.546   1.00 17.58 ? 3004 APN C "N4'" 1 
HETATM 381 C "C3'" . APN C 1 4 ? 24.915  5.164   5.447   1.00 17.92 ? 3004 APN C "C3'" 1 
HETATM 382 C "C2'" . APN C 1 4 ? 25.866  5.226   6.613   1.00 19.32 ? 3004 APN C "C2'" 1 
HETATM 383 N N     . APN C 1 4 ? 26.783  4.070   6.719   1.00 17.35 ? 3004 APN C N     1 
HETATM 384 N N9    . APN C 1 4 ? 24.264  1.511   3.266   1.00 13.01 ? 3004 APN C N9    1 
HETATM 385 C C8    . APN C 1 4 ? 24.467  0.254   3.631   1.00 13.65 ? 3004 APN C C8    1 
HETATM 386 N N7    . APN C 1 4 ? 23.894  -0.583  2.768   1.00 14.31 ? 3004 APN C N7    1 
HETATM 387 C C5    . APN C 1 4 ? 23.363  0.197   1.798   1.00 12.89 ? 3004 APN C C5    1 
HETATM 388 C C6    . APN C 1 4 ? 22.644  -0.032  0.630   1.00 12.02 ? 3004 APN C C6    1 
HETATM 389 N N6    . APN C 1 4 ? 22.340  -1.257  0.265   1.00 15.02 ? 3004 APN C N6    1 
HETATM 390 N N1    . APN C 1 4 ? 22.228  1.016   -0.086  1.00 14.33 ? 3004 APN C N1    1 
HETATM 391 C C2    . APN C 1 4 ? 22.449  2.248   0.346   1.00 13.10 ? 3004 APN C C2    1 
HETATM 392 N N3    . APN C 1 4 ? 23.204  2.561   1.401   1.00 13.67 ? 3004 APN C N3    1 
HETATM 393 C C4    . APN C 1 4 ? 23.602  1.521   2.132   1.00 11.64 ? 3004 APN C C4    1 
HETATM 394 C "C8'" . TPN C 1 5 ? 20.082  3.803   2.298   1.00 15.80 ? 3005 TPN C "C8'" 1 
HETATM 395 C "C7'" . TPN C 1 5 ? 18.962  4.401   3.145   1.00 12.84 ? 3005 TPN C "C7'" 1 
HETATM 396 O "O7'" . TPN C 1 5 ? 17.972  3.756   3.495   1.00 13.19 ? 3005 TPN C "O7'" 1 
HETATM 397 C "C5'" . TPN C 1 5 ? 17.902  6.167   4.351   1.00 15.16 ? 3005 TPN C "C5'" 1 
HETATM 398 C C     . TPN C 1 5 ? 16.819  6.692   3.373   1.00 11.89 ? 3005 TPN C C     1 
HETATM 399 O O     . TPN C 1 5 ? 17.000  7.059   2.211   1.00 16.90 ? 3005 TPN C O     1 
HETATM 400 N "N4'" . TPN C 1 5 ? 19.002  5.680   3.488   1.00 15.94 ? 3005 TPN C "N4'" 1 
HETATM 401 C "C3'" . TPN C 1 5 ? 19.936  6.663   2.939   1.00 19.68 ? 3005 TPN C "C3'" 1 
HETATM 402 C "C2'" . TPN C 1 5 ? 21.082  7.120   3.812   1.00 19.79 ? 3005 TPN C "C2'" 1 
HETATM 403 N N     . TPN C 1 5 ? 21.810  6.050   4.474   1.00 17.41 ? 3005 TPN C N     1 
HETATM 404 N N1    . TPN C 1 5 ? 19.766  2.392   1.996   1.00 14.13 ? 3005 TPN C N1    1 
HETATM 405 C C6    . TPN C 1 5 ? 20.213  1.391   2.850   1.00 15.26 ? 3005 TPN C C6    1 
HETATM 406 C C2    . TPN C 1 5 ? 18.962  2.072   0.890   1.00 12.83 ? 3005 TPN C C2    1 
HETATM 407 O O2    . TPN C 1 5 ? 18.464  2.902   0.148   1.00 14.36 ? 3005 TPN C O2    1 
HETATM 408 N N3    . TPN C 1 5 ? 18.793  0.723   0.639   1.00 13.63 ? 3005 TPN C N3    1 
HETATM 409 C C4    . TPN C 1 5 ? 19.207  -0.270  1.475   1.00 12.64 ? 3005 TPN C C4    1 
HETATM 410 O O4    . TPN C 1 5 ? 18.952  -1.427  1.135   1.00 14.56 ? 3005 TPN C O4    1 
HETATM 411 C C5    . TPN C 1 5 ? 19.945  0.057   2.621   1.00 14.00 ? 3005 TPN C C5    1 
HETATM 412 C C5M   . TPN C 1 5 ? 20.568  -1.010  3.517   1.00 15.86 ? 3005 TPN C C5M   1 
HETATM 413 C "C8'" . GPN C 1 6 ? 15.067  3.808   1.806   1.00 9.16  ? 3006 GPN C "C8'" 1 
HETATM 414 C "C7'" . GPN C 1 6 ? 13.633  4.011   2.398   1.00 8.40  ? 3006 GPN C "C7'" 1 
HETATM 415 O "O7'" . GPN C 1 6 ? 12.937  3.033   2.686   1.00 8.85  ? 3006 GPN C "O7'" 1 
HETATM 416 C "C5'" . GPN C 1 6 ? 11.935  5.434   3.296   1.00 8.83  ? 3006 GPN C "C5'" 1 
HETATM 417 C C     . GPN C 1 6 ? 10.694  5.441   2.419   1.00 7.55  ? 3006 GPN C C     1 
HETATM 418 O O     . GPN C 1 6 ? 9.564   5.590   2.861   1.00 7.80  ? 3006 GPN C O     1 
HETATM 419 N "N4'" . GPN C 1 6 ? 13.203  5.257   2.596   1.00 8.25  ? 3006 GPN C "N4'" 1 
HETATM 420 C "C3'" . GPN C 1 6 ? 13.889  6.470   2.105   1.00 9.13  ? 3006 GPN C "C3'" 1 
HETATM 421 C "C2'" . GPN C 1 6 ? 14.477  7.339   3.183   1.00 11.52 ? 3006 GPN C "C2'" 1 
HETATM 422 N N     . GPN C 1 6 ? 15.608  6.712   3.854   1.00 11.55 ? 3006 GPN C N     1 
HETATM 423 N N9    . GPN C 1 6 ? 15.212  2.367   1.641   1.00 9.44  ? 3006 GPN C N9    1 
HETATM 424 C C8    . GPN C 1 6 ? 15.882  1.563   2.478   1.00 11.03 ? 3006 GPN C C8    1 
HETATM 425 N N7    . GPN C 1 6 ? 15.795  0.280   2.091   1.00 11.09 ? 3006 GPN C N7    1 
HETATM 426 C C5    . GPN C 1 6 ? 15.086  0.302   0.938   1.00 10.24 ? 3006 GPN C C5    1 
HETATM 427 C C6    . GPN C 1 6 ? 14.658  -0.747  0.138   1.00 9.72  ? 3006 GPN C C6    1 
HETATM 428 O O6    . GPN C 1 6 ? 14.872  -1.958  0.235   1.00 11.09 ? 3006 GPN C O6    1 
HETATM 429 N N1    . GPN C 1 6 ? 13.985  -0.299  -1.000  1.00 9.41  ? 3006 GPN C N1    1 
HETATM 430 C C2    . GPN C 1 6 ? 13.645  1.016   -1.237  1.00 7.61  ? 3006 GPN C C2    1 
HETATM 431 N N2    . GPN C 1 6 ? 12.870  1.237   -2.281  1.00 9.32  ? 3006 GPN C N2    1 
HETATM 432 N N3    . GPN C 1 6 ? 14.058  2.010   -0.447  1.00 8.09  ? 3006 GPN C N3    1 
HETATM 433 C C4    . GPN C 1 6 ? 14.719  1.618   0.651   1.00 8.37  ? 3006 GPN C C4    1 
HETATM 434 C "C8'" . CPN C 1 7 ? 10.770  1.754   0.379   1.00 7.95  ? 3007 CPN C "C8'" 1 
HETATM 435 C "C7'" . CPN C 1 7 ? 9.317   2.059   0.703   1.00 6.70  ? 3007 CPN C "C7'" 1 
HETATM 436 O "O7'" . CPN C 1 7 ? 8.708   1.242   1.399   1.00 8.48  ? 3007 CPN C "O7'" 1 
HETATM 437 C "C5'" . CPN C 1 7 ? 7.411   3.527   0.771   1.00 8.08  ? 3007 CPN C "C5'" 1 
HETATM 438 C C     . CPN C 1 7 ? 6.263   3.316   -0.181  1.00 8.64  ? 3007 CPN C C     1 
HETATM 439 O O     . CPN C 1 7 ? 5.108   3.663   0.178   1.00 8.96  ? 3007 CPN C O     1 
HETATM 440 N "N4'" . CPN C 1 7 ? 8.755   3.203   0.286   1.00 7.57  ? 3007 CPN C "N4'" 1 
HETATM 441 C "C3'" . CPN C 1 7 ? 9.366   4.193   -0.585  1.00 8.86  ? 3007 CPN C "C3'" 1 
HETATM 442 C "C2'" . CPN C 1 7 ? 9.838   5.464   0.088   1.00 7.99  ? 3007 CPN C "C2'" 1 
HETATM 443 N N     . CPN C 1 7 ? 10.860  5.310   1.081   1.00 8.07  ? 3007 CPN C N     1 
HETATM 444 N N1    . CPN C 1 7 ? 11.107  0.387   0.676   1.00 9.00  ? 3007 CPN C N1    1 
HETATM 445 C C2    . CPN C 1 7 ? 10.671  -0.643  -0.141  1.00 8.57  ? 3007 CPN C C2    1 
HETATM 446 N N3    . CPN C 1 7 ? 10.991  -1.949  0.156   1.00 8.15  ? 3007 CPN C N3    1 
HETATM 447 C C4    . CPN C 1 7 ? 11.727  -2.227  1.269   1.00 8.80  ? 3007 CPN C C4    1 
HETATM 448 C C5    . CPN C 1 7 ? 12.089  -1.201  2.155   1.00 11.95 ? 3007 CPN C C5    1 
HETATM 449 C C6    . CPN C 1 7 ? 11.859  0.093   1.812   1.00 9.57  ? 3007 CPN C C6    1 
HETATM 450 O O2    . CPN C 1 7 ? 9.969   -0.373  -1.104  1.00 8.92  ? 3007 CPN C O2    1 
HETATM 451 N N4    . CPN C 1 7 ? 11.942  -3.518  1.481   1.00 11.12 ? 3007 CPN C N4    1 
HETATM 452 C "C8'" . CPN C 1 8 ? 6.424   -0.833  -1.154  1.00 10.27 ? 3008 CPN C "C8'" 1 
HETATM 453 C "C7'" . CPN C 1 8 ? 5.070   -0.330  -0.741  1.00 9.10  ? 3008 CPN C "C7'" 1 
HETATM 454 O "O7'" . CPN C 1 8 ? 4.534   -0.842  0.242   1.00 10.91 ? 3008 CPN C "O7'" 1 
HETATM 455 C "C5'" . CPN C 1 8 ? 3.268   1.223   -0.804  1.00 12.31 ? 3008 CPN C "C5'" 1 
HETATM 456 C C     . CPN C 1 8 ? 2.186   0.207   -0.976  1.00 13.77 ? 3008 CPN C C     1 
HETATM 457 O O     . CPN C 1 8 ? 2.179   -0.619  -1.887  1.00 21.44 ? 3008 CPN C O     1 
HETATM 458 N "N4'" . CPN C 1 8 ? 4.483   0.682   -1.416  1.00 9.06  ? 3008 CPN C "N4'" 1 
HETATM 459 C "C3'" . CPN C 1 8 ? 5.009   1.264   -2.636  1.00 9.21  ? 3008 CPN C "C3'" 1 
HETATM 460 C "C2'" . CPN C 1 8 ? 5.534   2.669   -2.441  1.00 8.02  ? 3008 CPN C "C2'" 1 
HETATM 461 N N     . CPN C 1 8 ? 6.579   2.775   -1.365  1.00 8.94  ? 3008 CPN C N     1 
HETATM 462 N N1    . CPN C 1 8 ? 6.845   -1.996  -0.398  1.00 8.72  ? 3008 CPN C N1    1 
HETATM 463 C C2    . CPN C 1 8 ? 6.535   -3.267  -0.839  1.00 9.69  ? 3008 CPN C C2    1 
HETATM 464 N N3    . CPN C 1 8 ? 7.013   -4.342  -0.153  1.00 10.05 ? 3008 CPN C N3    1 
HETATM 465 C C4    . CPN C 1 8 ? 7.775   -4.153  1.005   1.00 11.76 ? 3008 CPN C C4    1 
HETATM 466 C C5    . CPN C 1 8 ? 7.988   -2.868  1.510   1.00 10.90 ? 3008 CPN C C5    1 
HETATM 467 C C6    . CPN C 1 8 ? 7.606   -1.771  0.783   1.00 10.83 ? 3008 CPN C C6    1 
HETATM 468 O O2    . CPN C 1 8 ? 5.839   -3.381  -1.876  1.00 11.17 ? 3008 CPN C O2    1 
HETATM 469 N N4    . CPN C 1 8 ? 8.328   -5.199  1.566   1.00 13.78 ? 3008 CPN C N4    1 
ATOM   470 N N     . LYS C 1 9 ? 1.151   0.443   -0.147  1.00 12.35 ? 3009 LYS C N     1 
ATOM   471 C CA    . LYS C 1 9 ? 0.000   0.000   0.000   1.00 17.65 ? 3009 LYS C CA    1 
ATOM   472 C C     . LYS C 1 9 ? -1.307  0.712   0.502   1.00 22.31 ? 3009 LYS C C     1 
HETATM 473 C "C8'" . GPN D 1 1 ? 5.816   -11.118 -4.278  1.00 14.44 ? 4001 GPN D "C8'" 1 
HETATM 474 C "C7'" . GPN D 1 1 ? 6.848   -10.891 -5.360  1.00 13.22 ? 4001 GPN D "C7'" 1 
HETATM 475 O "O7'" . GPN D 1 1 ? 7.872   -10.240 -5.097  1.00 12.93 ? 4001 GPN D "O7'" 1 
HETATM 476 C "C5'" . GPN D 1 1 ? 7.701   -11.193 -7.591  1.00 13.05 ? 4001 GPN D "C5'" 1 
HETATM 477 C C     . GPN D 1 1 ? 7.721   -9.867  -8.329  1.00 12.49 ? 4001 GPN D C     1 
HETATM 478 O O     . GPN D 1 1 ? 8.635   -9.742  -9.170  1.00 12.57 ? 4001 GPN D O     1 
HETATM 479 N "N4'" . GPN D 1 1 ? 6.607   -11.292 -6.607  1.00 12.24 ? 4001 GPN D "N4'" 1 
HETATM 480 C "C3'" . GPN D 1 1 ? 5.292   -11.700 -7.166  1.00 18.71 ? 4001 GPN D "C3'" 1 
HETATM 481 N N9    . GPN D 1 1 ? 6.380   -10.581 -3.029  1.00 13.20 ? 4001 GPN D N9    1 
HETATM 482 C C8    . GPN D 1 1 ? 6.987   -11.273 -2.100  1.00 15.10 ? 4001 GPN D C8    1 
HETATM 483 N N7    . GPN D 1 1 ? 7.462   -10.503 -1.128  1.00 15.77 ? 4001 GPN D N7    1 
HETATM 484 C C5    . GPN D 1 1 ? 7.016   -9.245  -1.414  1.00 14.15 ? 4001 GPN D C5    1 
HETATM 485 C C6    . GPN D 1 1 ? 7.086   -8.034  -0.714  1.00 13.69 ? 4001 GPN D C6    1 
HETATM 486 O O6    . GPN D 1 1 ? 7.795   -7.789  0.276   1.00 15.63 ? 4001 GPN D O6    1 
HETATM 487 N N1    . GPN D 1 1 ? 6.586   -6.953  -1.448  1.00 12.63 ? 4001 GPN D N1    1 
HETATM 488 C C2    . GPN D 1 1 ? 5.944   -7.067  -2.647  1.00 11.22 ? 4001 GPN D C2    1 
HETATM 489 N N2    . GPN D 1 1 ? 5.541   -5.933  -3.197  1.00 11.35 ? 4001 GPN D N2    1 
HETATM 490 N N3    . GPN D 1 1 ? 5.864   -8.226  -3.294  1.00 13.11 ? 4001 GPN D N3    1 
HETATM 491 C C4    . GPN D 1 1 ? 6.385   -9.294  -2.655  1.00 14.96 ? 4001 GPN D C4    1 
HETATM 492 C "C8'" . GPN D 1 2 ? 8.154   -6.868  -5.355  1.00 10.76 ? 4002 GPN D "C8'" 1 
HETATM 493 C "C7'" . GPN D 1 2 ? 9.077   -6.477  -6.539  1.00 10.53 ? 4002 GPN D "C7'" 1 
HETATM 494 O "O7'" . GPN D 1 2 ? 10.298  -6.293  -6.327  1.00 11.35 ? 4002 GPN D "O7'" 1 
HETATM 495 C "C5'" . GPN D 1 2 ? 9.425   -6.174  -8.930  1.00 12.02 ? 4002 GPN D "C5'" 1 
HETATM 496 C C     . GPN D 1 2 ? 9.593   -4.732  -9.390  1.00 10.86 ? 4002 GPN D C     1 
HETATM 497 O O     . GPN D 1 2 ? 10.289  -4.524  -10.366 1.00 12.76 ? 4002 GPN D O     1 
HETATM 498 N "N4'" . GPN D 1 2 ? 8.540   -6.383  -7.764  1.00 10.83 ? 4002 GPN D "N4'" 1 
HETATM 499 C "C3'" . GPN D 1 2 ? 7.084   -6.459  -8.024  1.00 10.47 ? 4002 GPN D "C3'" 1 
HETATM 500 C "C2'" . GPN D 1 2 ? 6.704   -7.711  -8.837  1.00 11.35 ? 4002 GPN D "C2'" 1 
HETATM 501 N N     . GPN D 1 2 ? 6.812   -8.927  -8.063  1.00 11.11 ? 4002 GPN D N     1 
HETATM 502 N N9    . GPN D 1 2 ? 8.911   -6.893  -4.110  1.00 10.89 ? 4002 GPN D N9    1 
HETATM 503 C C8    . GPN D 1 2 ? 9.404   -7.931  -3.491  1.00 11.42 ? 4002 GPN D C8    1 
HETATM 504 N N7    . GPN D 1 2 ? 10.037  -7.588  -2.400  1.00 11.02 ? 4002 GPN D N7    1 
HETATM 505 C C5    . GPN D 1 2 ? 9.963   -6.227  -2.335  1.00 9.28  ? 4002 GPN D C5    1 
HETATM 506 C C6    . GPN D 1 2 ? 10.435  -5.293  -1.407  1.00 10.66 ? 4002 GPN D C6    1 
HETATM 507 O O6    . GPN D 1 2 ? 11.101  -5.529  -0.392  1.00 11.41 ? 4002 GPN D O6    1 
HETATM 508 N N1    . GPN D 1 2 ? 10.087  -3.975  -1.723  1.00 8.67  ? 4002 GPN D N1    1 
HETATM 509 C C2    . GPN D 1 2 ? 9.276   -3.608  -2.788  1.00 8.87  ? 4002 GPN D C2    1 
HETATM 510 N N2    . GPN D 1 2 ? 9.033   -2.332  -2.959  1.00 8.24  ? 4002 GPN D N2    1 
HETATM 511 N N3    . GPN D 1 2 ? 8.871   -4.485  -3.712  1.00 9.21  ? 4002 GPN D N3    1 
HETATM 512 C C4    . GPN D 1 2 ? 9.195   -5.780  -3.404  1.00 9.60  ? 4002 GPN D C4    1 
HETATM 513 C "C8'" . CPN D 1 3 ? 10.910  -2.527  -5.893  1.00 11.61 ? 4003 CPN D "C8'" 1 
HETATM 514 C "C7'" . CPN D 1 3 ? 11.758  -2.184  -7.114  1.00 9.75  ? 4003 CPN D "C7'" 1 
HETATM 515 O "O7'" . CPN D 1 3 ? 12.993  -2.373  -7.064  1.00 10.78 ? 4003 CPN D "O7'" 1 
HETATM 516 C "C5'" . CPN D 1 3 ? 11.890  -1.559  -9.442  1.00 12.76 ? 4003 CPN D "C5'" 1 
HETATM 517 C C     . CPN D 1 3 ? 12.545  -0.198  -9.627  1.00 10.91 ? 4003 CPN D C     1 
HETATM 518 O O     . CPN D 1 3 ? 13.302  -0.082  -10.627 1.00 13.66 ? 4003 CPN D O     1 
HETATM 519 N "N4'" . CPN D 1 3 ? 11.122  -1.744  -8.199  1.00 10.21 ? 4003 CPN D "N4'" 1 
HETATM 520 C "C3'" . CPN D 1 3 ? 9.715   -1.419  -8.283  1.00 10.56 ? 4003 CPN D "C3'" 1 
HETATM 521 C "C2'" . CPN D 1 3 ? 8.909   -2.367  -9.144  1.00 11.96 ? 4003 CPN D "C2'" 1 
HETATM 522 N N     . CPN D 1 3 ? 8.959   -3.759  -8.702  1.00 11.01 ? 4003 CPN D N     1 
HETATM 523 N N1    . CPN D 1 3 ? 11.788  -2.949  -4.778  1.00 9.79  ? 4003 CPN D N1    1 
HETATM 524 C C2    . CPN D 1 3 ? 12.273  -1.960  -3.906  1.00 9.44  ? 4003 CPN D C2    1 
HETATM 525 N N3    . CPN D 1 3 ? 13.068  -2.336  -2.849  1.00 11.27 ? 4003 CPN D N3    1 
HETATM 526 C C4    . CPN D 1 3 ? 13.429  -3.671  -2.670  1.00 9.34  ? 4003 CPN D C4    1 
HETATM 527 C C5    . CPN D 1 3 ? 12.949  -4.647  -3.541  1.00 11.27 ? 4003 CPN D C5    1 
HETATM 528 C C6    . CPN D 1 3 ? 12.187  -4.273  -4.615  1.00 10.85 ? 4003 CPN D C6    1 
HETATM 529 O O2    . CPN D 1 3 ? 12.048  -0.781  -4.142  1.00 10.38 ? 4003 CPN D O2    1 
HETATM 530 N N4    . CPN D 1 3 ? 14.092  -3.965  -1.571  1.00 11.56 ? 4003 CPN D N4    1 
HETATM 531 C "C8'" . APN D 1 4 ? 14.502  0.378   -5.952  1.00 12.77 ? 4004 APN D "C8'" 1 
HETATM 532 C "C7'" . APN D 1 4 ? 15.463  1.166   -6.846  1.00 13.79 ? 4004 APN D "C7'" 1 
HETATM 533 O "O7'" . APN D 1 4 ? 16.690  0.912   -6.794  1.00 12.69 ? 4004 APN D "O7'" 1 
HETATM 534 C "C5'" . APN D 1 4 ? 16.070  2.696   -8.542  1.00 17.43 ? 4004 APN D "C5'" 1 
HETATM 535 C C     . APN D 1 4 ? 16.656  3.989   -8.035  1.00 19.11 ? 4004 APN D C     1 
HETATM 536 O O     . APN D 1 4 ? 17.400  4.617   -8.825  1.00 25.65 ? 4004 APN D O     1 
HETATM 537 N "N4'" . APN D 1 4 ? 14.995  2.108   -7.700  1.00 12.95 ? 4004 APN D "N4'" 1 
HETATM 538 C "C3'" . APN D 1 4 ? 13.624  2.564   -7.738  1.00 11.78 ? 4004 APN D "C3'" 1 
HETATM 539 C "C2'" . APN D 1 4 ? 12.764  2.134   -8.889  1.00 14.57 ? 4004 APN D "C2'" 1 
HETATM 540 N N     . APN D 1 4 ? 12.287  0.746   -8.717  1.00 12.49 ? 4004 APN D N     1 
HETATM 541 N N9    . APN D 1 4 ? 15.235  -0.433  -4.997  1.00 11.22 ? 4004 APN D N9    1 
HETATM 542 C C8    . APN D 1 4 ? 15.342  -1.762  -5.102  1.00 12.31 ? 4004 APN D C8    1 
HETATM 543 N N7    . APN D 1 4 ? 16.062  -2.281  -4.133  1.00 11.91 ? 4004 APN D N7    1 
HETATM 544 C C5    . APN D 1 4 ? 16.385  -1.240  -3.336  1.00 11.76 ? 4004 APN D C5    1 
HETATM 545 C C6    . APN D 1 4 ? 17.191  -1.104  -2.196  1.00 10.82 ? 4004 APN D C6    1 
HETATM 546 N N6    . APN D 1 4 ? 17.721  -2.134  -1.544  1.00 12.60 ? 4004 APN D N6    1 
HETATM 547 N N1    . APN D 1 4 ? 17.372  0.122   -1.690  1.00 11.47 ? 4004 APN D N1    1 
HETATM 548 C C2    . APN D 1 4 ? 16.816  1.184   -2.256  1.00 10.48 ? 4004 APN D C2    1 
HETATM 549 N N3    . APN D 1 4 ? 16.086  1.165   -3.371  1.00 10.23 ? 4004 APN D N3    1 
HETATM 550 C C4    . APN D 1 4 ? 15.892  -0.056  -3.902  1.00 9.68  ? 4004 APN D C4    1 
HETATM 551 C "C8'" . TPN D 1 5 ? 18.816  3.176   -4.704  1.00 17.44 ? 4005 TPN D "C8'" 1 
HETATM 552 C "C7'" . TPN D 1 5 ? 19.838  3.876   -5.608  1.00 15.03 ? 4005 TPN D "C7'" 1 
HETATM 553 O "O7'" . TPN D 1 5 ? 20.941  3.393   -5.843  1.00 17.54 ? 4005 TPN D "O7'" 1 
HETATM 554 C "C5'" . TPN D 1 5 ? 20.450  5.623   -7.122  1.00 15.60 ? 4005 TPN D "C5'" 1 
HETATM 555 C C     . TPN D 1 5 ? 21.407  6.518   -6.328  1.00 16.38 ? 4005 TPN D C     1 
HETATM 556 O O     . TPN D 1 5 ? 21.041  7.007   -5.275  1.00 18.17 ? 4005 TPN D O     1 
HETATM 557 N "N4'" . TPN D 1 5 ? 19.460  5.045   -6.190  1.00 18.84 ? 4005 TPN D "N4'" 1 
HETATM 558 C "C3'" . TPN D 1 5 ? 18.254  5.800   -5.902  1.00 17.60 ? 4005 TPN D "C3'" 1 
HETATM 559 C "C2'" . TPN D 1 5 ? 16.925  5.757   -6.538  1.00 23.89 ? 4005 TPN D "C2'" 1 
HETATM 560 N N     . TPN D 1 5 ? 16.369  4.388   -6.777  1.00 20.78 ? 4005 TPN D N     1 
HETATM 561 N N1    . TPN D 1 5 ? 19.420  1.984   -4.103  1.00 16.72 ? 4005 TPN D N1    1 
HETATM 562 C C6    . TPN D 1 5 ? 19.211  0.731   -4.706  1.00 15.69 ? 4005 TPN D C6    1 
HETATM 563 C C2    . TPN D 1 5 ? 20.197  2.071   -2.948  1.00 15.90 ? 4005 TPN D C2    1 
HETATM 564 O O2    . TPN D 1 5 ? 20.497  3.163   -2.448  1.00 15.97 ? 4005 TPN D O2    1 
HETATM 565 N N3    . TPN D 1 5 ? 20.730  0.890   -2.473  1.00 15.10 ? 4005 TPN D N3    1 
HETATM 566 C C4    . TPN D 1 5 ? 20.506  -0.374  -3.038  1.00 14.80 ? 4005 TPN D C4    1 
HETATM 567 O O4    . TPN D 1 5 ? 20.997  -1.366  -2.490  1.00 16.74 ? 4005 TPN D O4    1 
HETATM 568 C C5    . TPN D 1 5 ? 19.844  -0.426  -4.274  1.00 18.89 ? 4005 TPN D C5    1 
HETATM 569 C C5M   . TPN D 1 5 ? 19.520  -1.800  -4.896  1.00 18.51 ? 4005 TPN D C5M   1 
HETATM 570 C "C8'" . GPN D 1 6 ? 23.695  4.514   -4.182  1.00 16.10 ? 4006 GPN D "C8'" 1 
HETATM 571 C "C7'" . GPN D 1 6 ? 25.029  4.875   -4.852  1.00 14.22 ? 4006 GPN D "C7'" 1 
HETATM 572 O "O7'" . GPN D 1 6 ? 25.951  4.062   -4.975  1.00 15.63 ? 4006 GPN D "O7'" 1 
HETATM 573 C "C5'" . GPN D 1 6 ? 26.508  6.261   -6.069  1.00 18.89 ? 4006 GPN D "C5'" 1 
HETATM 574 C C     . GPN D 1 6 ? 27.642  6.837   -5.250  1.00 20.19 ? 4006 GPN D C     1 
HETATM 575 O O     . GPN D 1 6 ? 28.672  7.250   -5.816  1.00 26.27 ? 4006 GPN D O     1 
HETATM 576 N "N4'" . GPN D 1 6 ? 25.234  6.116   -5.328  1.00 15.53 ? 4006 GPN D "N4'" 1 
HETATM 577 C "C3'" . GPN D 1 6 ? 24.298  7.203   -5.109  1.00 17.38 ? 4006 GPN D "C3'" 1 
HETATM 578 C "C2'" . GPN D 1 6 ? 23.601  7.635   -6.387  1.00 20.65 ? 4006 GPN D "C2'" 1 
HETATM 579 N N     . GPN D 1 6 ? 22.611  6.674   -6.873  1.00 16.59 ? 4006 GPN D N     1 
HETATM 580 N N9    . GPN D 1 6 ? 23.874  3.120   -3.729  1.00 13.60 ? 4006 GPN D N9    1 
HETATM 581 C C8    . GPN D 1 6 ? 23.396  2.079   -4.393  1.00 16.49 ? 4006 GPN D C8    1 
HETATM 582 N N7    . GPN D 1 6 ? 23.769  0.935   -3.853  1.00 16.50 ? 4006 GPN D N7    1 
HETATM 583 C C5    . GPN D 1 6 ? 24.422  1.258   -2.675  1.00 13.85 ? 4006 GPN D C5    1 
HETATM 584 C C6    . GPN D 1 6 ? 25.014  0.531   -1.680  1.00 11.72 ? 4006 GPN D C6    1 
HETATM 585 O O6    . GPN D 1 6 ? 25.081  -0.710  -1.556  1.00 13.75 ? 4006 GPN D O6    1 
HETATM 586 N N1    . GPN D 1 6 ? 25.616  1.315   -0.700  1.00 11.80 ? 4006 GPN D N1    1 
HETATM 587 C C2    . GPN D 1 6 ? 25.675  2.696   -0.684  1.00 11.20 ? 4006 GPN D C2    1 
HETATM 588 N N2    . GPN D 1 6 ? 26.337  3.335   0.291   1.00 12.79 ? 4006 GPN D N2    1 
HETATM 589 N N3    . GPN D 1 6 ? 25.082  3.379   -1.668  1.00 12.26 ? 4006 GPN D N3    1 
HETATM 590 C C4    . GPN D 1 6 ? 24.491  2.657   -2.619  1.00 12.56 ? 4006 GPN D C4    1 
HETATM 591 C "C8'" . CPN D 1 7 ? 28.476  3.904   -2.390  1.00 15.86 ? 4007 CPN D "C8'" 1 
HETATM 592 C "C7'" . CPN D 1 7 ? 29.831  4.394   -2.931  1.00 14.43 ? 4007 CPN D "C7'" 1 
HETATM 593 O "O7'" . CPN D 1 7 ? 30.638  3.578   -3.383  1.00 15.76 ? 4007 CPN D "O7'" 1 
HETATM 594 C "C5'" . CPN D 1 7 ? 31.330  6.213   -3.500  1.00 21.82 ? 4007 CPN D "C5'" 1 
HETATM 595 C C     . CPN D 1 7 ? 32.533  6.299   -2.583  1.00 22.31 ? 4007 CPN D C     1 
HETATM 596 O O     . CPN D 1 7 ? 33.618  6.733   -3.045  1.00 23.83 ? 4007 CPN D O     1 
HETATM 597 N "N4'" . CPN D 1 7 ? 30.082  5.701   -2.886  1.00 18.39 ? 4007 CPN D "N4'" 1 
HETATM 598 C "C3'" . CPN D 1 7 ? 29.199  6.694   -2.243  1.00 19.18 ? 4007 CPN D "C3'" 1 
HETATM 599 C "C2'" . CPN D 1 7 ? 28.529  7.662   -3.210  1.00 21.17 ? 4007 CPN D "C2'" 1 
HETATM 600 N N     . CPN D 1 7 ? 27.454  6.899   -3.908  1.00 17.41 ? 4007 CPN D N     1 
HETATM 601 N N1    . CPN D 1 7 ? 28.401  2.451   -2.457  1.00 13.98 ? 4007 CPN D N1    1 
HETATM 602 C C2    . CPN D 1 7 ? 29.005  1.726   -1.435  1.00 13.62 ? 4007 CPN D C2    1 
HETATM 603 N N3    . CPN D 1 7 ? 28.973  0.344   -1.517  1.00 14.35 ? 4007 CPN D N3    1 
HETATM 604 C C4    . CPN D 1 7 ? 28.361  -0.309  -2.575  1.00 15.59 ? 4007 CPN D C4    1 
HETATM 605 C C5    . CPN D 1 7 ? 27.826  0.427   -3.632  1.00 15.88 ? 4007 CPN D C5    1 
HETATM 606 C C6    . CPN D 1 7 ? 27.879  1.800   -3.578  1.00 16.78 ? 4007 CPN D C6    1 
HETATM 607 O O2    . CPN D 1 7 ? 29.560  2.322   -0.534  1.00 15.41 ? 4007 CPN D O2    1 
HETATM 608 N N4    . CPN D 1 7 ? 28.348  -1.634  -2.551  1.00 21.13 ? 4007 CPN D N4    1 
HETATM 609 C "C8'" . CPN D 1 8 ? 33.071  2.329   -0.681  1.00 16.30 ? 4008 CPN D "C8'" 1 
HETATM 610 C "C7'" . CPN D 1 8 ? 34.377  2.831   -1.241  1.00 15.19 ? 4008 CPN D "C7'" 1 
HETATM 611 O "O7'" . CPN D 1 8 ? 35.043  2.127   -1.967  1.00 18.52 ? 4008 CPN D "O7'" 1 
HETATM 612 C "C5'" . CPN D 1 8 ? 35.810  4.705   -1.772  1.00 24.48 ? 4008 CPN D "C5'" 1 
HETATM 613 N "N4'" . CPN D 1 8 ? 34.766  4.058   -0.925  1.00 17.55 ? 4008 CPN D "N4'" 1 
HETATM 614 C "C3'" . CPN D 1 8 ? 34.186  4.869   0.157   1.00 21.63 ? 4008 CPN D "C3'" 1 
HETATM 615 C "C2'" . CPN D 1 8 ? 33.601  6.165   -0.413  1.00 24.33 ? 4008 CPN D "C2'" 1 
HETATM 616 N N     . CPN D 1 8 ? 32.422  5.911   -1.289  1.00 22.36 ? 4008 CPN D N     1 
HETATM 617 N N1    . CPN D 1 8 ? 32.861  0.955   -1.163  1.00 16.25 ? 4008 CPN D N1    1 
HETATM 618 C C2    . CPN D 1 8 ? 33.418  -0.096  -0.436  1.00 14.15 ? 4008 CPN D C2    1 
HETATM 619 N N3    . CPN D 1 8 ? 33.224  -1.402  -0.869  1.00 15.79 ? 4008 CPN D N3    1 
HETATM 620 C C4    . CPN D 1 8 ? 32.488  -1.631  -2.033  1.00 14.95 ? 4008 CPN D C4    1 
HETATM 621 C C5    . CPN D 1 8 ? 31.999  -0.570  -2.791  1.00 15.81 ? 4008 CPN D C5    1 
HETATM 622 C C6    . CPN D 1 8 ? 32.205  0.707   -2.339  1.00 14.08 ? 4008 CPN D C6    1 
HETATM 623 O O2    . CPN D 1 8 ? 34.050  0.153   0.579   1.00 16.81 ? 4008 CPN D O2    1 
HETATM 624 N N4    . CPN D 1 8 ? 32.215  -2.878  -2.379  1.00 16.86 ? 4008 CPN D N4    1 
HETATM 625 C C1    . EDO E 2 . ? 9.853   15.400  8.782   1.00 12.00 ? 5003 EDO A C1    1 
HETATM 626 O O1    . EDO E 2 . ? 8.572   15.984  9.126   1.00 10.18 ? 5003 EDO A O1    1 
HETATM 627 C C2    . EDO E 2 . ? 9.750   13.882  8.937   1.00 12.74 ? 5003 EDO A C2    1 
HETATM 628 O O2    . EDO E 2 . ? 8.756   13.398  7.983   1.00 12.70 ? 5003 EDO A O2    1 
HETATM 629 C C1    . EDO F 2 . ? 12.733  20.431  9.093   1.00 27.11 ? 5005 EDO A C1    1 
HETATM 630 O O1    . EDO F 2 . ? 11.332  20.757  8.999   1.00 16.65 ? 5005 EDO A O1    1 
HETATM 631 C C2    . EDO F 2 . ? 12.817  18.962  9.555   1.00 27.47 ? 5005 EDO A C2    1 
HETATM 632 O O2    . EDO F 2 . ? 12.308  18.096  8.500   1.00 22.37 ? 5005 EDO A O2    1 
HETATM 633 C C1    . EDO G 2 . ? -17.190 11.154  -1.559  1.00 19.28 ? 5004 EDO B C1    1 
HETATM 634 O O1    . EDO G 2 . ? -16.060 11.912  -1.954  1.00 17.33 ? 5004 EDO B O1    1 
HETATM 635 C C2    . EDO G 2 . ? -16.831 9.669   -1.349  1.00 19.87 ? 5004 EDO B C2    1 
HETATM 636 O O2    . EDO G 2 . ? -15.902 9.594   -0.271  1.00 25.32 ? 5004 EDO B O2    1 
HETATM 637 C C1    . EDO H 2 . ? 6.501   -1.604  -5.894  1.00 13.72 ? 5001 EDO D C1    1 
HETATM 638 O O1    . EDO H 2 . ? 7.409   -1.028  -4.957  1.00 14.55 ? 5001 EDO D O1    1 
HETATM 639 C C2    . EDO H 2 . ? 6.394   -3.117  -5.689  1.00 14.98 ? 5001 EDO D C2    1 
HETATM 640 O O2    . EDO H 2 . ? 7.643   -3.770  -6.046  1.00 11.82 ? 5001 EDO D O2    1 
HETATM 641 C C1    . EDO I 2 . ? 3.455   -6.807  -6.468  1.00 14.22 ? 5002 EDO D C1    1 
HETATM 642 O O1    . EDO I 2 . ? 3.991   -5.900  -5.485  1.00 17.26 ? 5002 EDO D O1    1 
HETATM 643 C C2    . EDO I 2 . ? 3.794   -8.257  -6.159  1.00 15.91 ? 5002 EDO D C2    1 
HETATM 644 O O2    . EDO I 2 . ? 5.126   -8.490  -5.841  1.00 13.96 ? 5002 EDO D O2    1 
HETATM 645 O O     . HOH J 3 . ? 8.430   10.491  8.496   1.00 13.22 ? 9004 HOH A O     1 
HETATM 646 O O     . HOH J 3 . ? -19.214 10.169  0.997   1.00 21.87 ? 9006 HOH A O     1 
HETATM 647 O O     . HOH J 3 . ? -20.677 10.696  -1.162  1.00 21.93 ? 9014 HOH A O     1 
HETATM 648 O O     . HOH J 3 . ? 5.252   11.447  9.169   1.00 11.28 ? 9015 HOH A O     1 
HETATM 649 O O     . HOH J 3 . ? 1.031   8.676   7.500   1.00 20.26 ? 9021 HOH A O     1 
HETATM 650 O O     . HOH J 3 . ? -13.963 7.688   2.664   1.00 23.51 ? 9028 HOH A O     1 
HETATM 651 O O     . HOH J 3 . ? -3.243  7.168   13.716  1.00 15.75 ? 9030 HOH A O     1 
HETATM 652 O O     . HOH J 3 . ? 12.169  22.550  12.896  1.00 24.91 ? 9037 HOH A O     1 
HETATM 653 O O     . HOH J 3 . ? 7.971   25.609  8.442   1.00 31.55 ? 9041 HOH A O     1 
HETATM 654 O O     . HOH J 3 . ? 9.893   24.023  0.910   1.00 16.00 ? 9044 HOH A O     1 
HETATM 655 O O     . HOH J 3 . ? -18.740 5.776   8.329   1.00 41.30 ? 9051 HOH A O     1 
HETATM 656 O O     . HOH J 3 . ? 1.830   19.114  3.940   1.00 27.62 ? 9055 HOH A O     1 
HETATM 657 O O     . HOH J 3 . ? -4.918  15.929  5.895   1.00 29.94 ? 9057 HOH A O     1 
HETATM 658 O O     . HOH J 3 . ? 5.656   20.033  1.843   1.00 46.90 ? 9062 HOH A O     1 
HETATM 659 O O     . HOH J 3 . ? -9.434  6.046   5.076   1.00 21.53 ? 9064 HOH A O     1 
HETATM 660 O O     . HOH J 3 . ? -0.838  17.250  7.572   1.00 28.56 ? 9069 HOH A O     1 
HETATM 661 O O     . HOH J 3 . ? 11.039  25.380  3.098   1.00 15.58 ? 9076 HOH A O     1 
HETATM 662 O O     . HOH J 3 . ? 13.331  15.550  8.579   1.00 23.22 ? 9080 HOH A O     1 
HETATM 663 O O     . HOH J 3 . ? 6.647   12.649  15.057  1.00 20.40 ? 9083 HOH A O     1 
HETATM 664 O O     . HOH J 3 . ? 7.005   21.660  0.952   1.00 30.62 ? 9090 HOH A O     1 
HETATM 665 O O     . HOH J 3 . ? -10.026 2.290   9.151   1.00 37.70 ? 9097 HOH A O     1 
HETATM 666 O O     . HOH J 3 . ? -6.361  13.953  10.454  1.00 32.44 ? 9105 HOH A O     1 
HETATM 667 O O     . HOH J 3 . ? 15.717  16.016  7.469   1.00 30.71 ? 9108 HOH A O     1 
HETATM 668 O O     . HOH J 3 . ? 4.985   22.002  9.254   1.00 32.73 ? 9110 HOH A O     1 
HETATM 669 O O     . HOH J 3 . ? -13.227 0.185   11.096  1.00 41.85 ? 9113 HOH A O     1 
HETATM 670 O O     . HOH J 3 . ? -11.406 2.225   11.035  1.00 49.38 ? 9115 HOH A O     1 
HETATM 671 O O     . HOH J 3 . ? -2.135  14.195  12.038  1.00 29.27 ? 9118 HOH A O     1 
HETATM 672 O O     . HOH J 3 . ? -7.989  15.079  5.866   1.00 33.22 ? 9120 HOH A O     1 
HETATM 673 O O     . HOH J 3 . ? -10.495 5.881   2.242   1.00 37.16 ? 9125 HOH A O     1 
HETATM 674 O O     . HOH J 3 . ? -17.095 9.260   7.656   1.00 25.59 ? 9134 HOH A O     1 
HETATM 675 O O     . HOH J 3 . ? -14.745 15.407  7.965   1.00 23.59 ? 9139 HOH A O     1 
HETATM 676 O O     . HOH J 3 . ? -11.206 5.336   -0.564  1.00 32.52 ? 9141 HOH A O     1 
HETATM 677 O O     . HOH J 3 . ? 10.618  15.542  12.530  1.00 29.23 ? 9145 HOH A O     1 
HETATM 678 O O     . HOH J 3 . ? -8.313  13.381  8.056   1.00 40.44 ? 9146 HOH A O     1 
HETATM 679 O O     . HOH J 3 . ? -4.720  6.327   5.413   1.00 39.92 ? 9148 HOH A O     1 
HETATM 680 O O     . HOH J 3 . ? -14.163 11.201  8.305   1.00 27.17 ? 9149 HOH A O     1 
HETATM 681 O O     . HOH J 3 . ? -5.112  3.096   6.634   1.00 35.84 ? 9152 HOH A O     1 
HETATM 682 O O     . HOH J 3 . ? -14.010 7.221   10.465  1.00 38.91 ? 9153 HOH A O     1 
HETATM 683 O O     . HOH J 3 . ? -7.920  9.686   10.656  1.00 34.44 ? 9154 HOH A O     1 
HETATM 684 O O     . HOH J 3 . ? -10.518 10.003  9.700   1.00 40.21 ? 9155 HOH A O     1 
HETATM 685 O O     . HOH J 3 . ? 6.062   24.705  7.034   1.00 25.95 ? 9173 HOH A O     1 
HETATM 686 O O     . HOH J 3 . ? -3.672  10.056  14.070  1.00 43.85 ? 9180 HOH A O     1 
HETATM 687 O O     . HOH J 3 . ? -3.132  11.089  11.880  1.00 42.33 ? 9181 HOH A O     1 
HETATM 688 O O     . HOH J 3 . ? 7.187   23.761  2.082   1.00 37.41 ? 9186 HOH A O     1 
HETATM 689 O O     . HOH J 3 . ? -20.080 4.681   2.081   1.00 49.49 ? 9188 HOH A O     1 
HETATM 690 O O     . HOH J 3 . ? 11.708  9.894   9.094   1.00 50.00 ? 9191 HOH A O     1 
HETATM 691 O O     . HOH J 3 . ? 12.795  14.852  11.249  1.00 50.00 ? 9196 HOH A O     1 
HETATM 692 O O     . HOH J 3 . ? 10.387  24.869  -1.647  1.00 50.00 ? 9199 HOH A O     1 
HETATM 693 O O     . HOH J 3 . ? 12.890  19.979  13.388  1.00 50.00 ? 9200 HOH A O     1 
HETATM 694 O O     . HOH J 3 . ? -18.747 17.932  10.136  1.00 50.00 ? 9214 HOH A O     1 
HETATM 695 O O     . HOH J 3 . ? -4.928  17.570  8.125   1.00 50.00 ? 9220 HOH A O     1 
HETATM 696 O O     . HOH J 3 . ? -2.618  17.719  9.102   1.00 50.00 ? 9222 HOH A O     1 
HETATM 697 O O     . HOH J 3 . ? 9.123   11.103  11.576  1.00 50.00 ? 9228 HOH A O     1 
HETATM 698 O O     . HOH J 3 . ? 2.233   20.607  6.476   1.00 50.00 ? 9229 HOH A O     1 
HETATM 699 O O     . HOH J 3 . ? -13.164 13.718  9.061   1.00 50.00 ? 9230 HOH A O     1 
HETATM 700 O O     . HOH J 3 . ? -1.768  18.086  12.383  1.00 50.00 ? 9231 HOH A O     1 
HETATM 701 O O     . HOH J 3 . ? -9.347  2.395   5.635   1.00 50.00 ? 9241 HOH A O     1 
HETATM 702 O O     . HOH J 3 . ? -19.910 9.587   -3.604  1.00 50.00 ? 9245 HOH A O     1 
HETATM 703 O O     . HOH J 3 . ? -12.734 1.046   7.054   1.00 50.00 ? 9247 HOH A O     1 
HETATM 704 O O     . HOH J 3 . ? 7.317   26.853  11.427  1.00 50.00 ? 9248 HOH A O     1 
HETATM 705 O O     . HOH J 3 . ? -15.782 17.909  8.569   1.00 50.00 ? 9250 HOH A O     1 
HETATM 706 O O     . HOH K 3 . ? 7.389   10.585  5.606   1.00 9.59  ? 9001 HOH B O     1 
HETATM 707 O O     . HOH K 3 . ? 3.233   7.654   3.579   1.00 9.66  ? 9002 HOH B O     1 
HETATM 708 O O     . HOH K 3 . ? -11.760 8.370   -1.160  1.00 17.71 ? 9005 HOH B O     1 
HETATM 709 O O     . HOH K 3 . ? -20.824 16.586  -6.752  1.00 21.44 ? 9008 HOH B O     1 
HETATM 710 O O     . HOH K 3 . ? 7.027   16.977  -1.304  1.00 19.98 ? 9013 HOH B O     1 
HETATM 711 O O     . HOH K 3 . ? -19.819 15.867  -2.674  1.00 22.19 ? 9018 HOH B O     1 
HETATM 712 O O     . HOH K 3 . ? -7.798  15.651  -0.715  1.00 23.53 ? 9022 HOH B O     1 
HETATM 713 O O     . HOH K 3 . ? -2.476  4.622   -4.665  1.00 22.46 ? 9024 HOH B O     1 
HETATM 714 O O     . HOH K 3 . ? -17.083 21.724  -2.790  1.00 29.88 ? 9027 HOH B O     1 
HETATM 715 O O     . HOH K 3 . ? -7.135  7.025   0.610   1.00 17.36 ? 9034 HOH B O     1 
HETATM 716 O O     . HOH K 3 . ? -1.301  6.982   3.128   1.00 24.81 ? 9038 HOH B O     1 
HETATM 717 O O     . HOH K 3 . ? -1.108  2.658   -2.902  1.00 43.56 ? 9042 HOH B O     1 
HETATM 718 O O     . HOH K 3 . ? 3.698   8.473   6.747   1.00 18.54 ? 9045 HOH B O     1 
HETATM 719 O O     . HOH K 3 . ? 12.017  9.065   0.309   1.00 25.39 ? 9053 HOH B O     1 
HETATM 720 O O     . HOH K 3 . ? 10.687  11.670  0.625   1.00 34.75 ? 9066 HOH B O     1 
HETATM 721 O O     . HOH K 3 . ? 7.023   5.875   -2.522  1.00 14.14 ? 9067 HOH B O     1 
HETATM 722 O O     . HOH K 3 . ? -14.180 18.400  -6.342  1.00 29.59 ? 9068 HOH B O     1 
HETATM 723 O O     . HOH K 3 . ? -14.917 7.142   -0.057  1.00 36.51 ? 9071 HOH B O     1 
HETATM 724 O O     . HOH K 3 . ? 9.508   12.948  -1.771  1.00 22.67 ? 9074 HOH B O     1 
HETATM 725 O O     . HOH K 3 . ? 2.400   3.447   -3.765  1.00 13.80 ? 9075 HOH B O     1 
HETATM 726 O O     . HOH K 3 . ? 9.651   6.224   -3.616  1.00 18.89 ? 9077 HOH B O     1 
HETATM 727 O O     . HOH K 3 . ? 6.109   8.268   8.469   1.00 37.28 ? 9078 HOH B O     1 
HETATM 728 O O     . HOH K 3 . ? 12.190  14.184  6.565   1.00 14.50 ? 9079 HOH B O     1 
HETATM 729 O O     . HOH K 3 . ? 15.363  13.697  1.644   1.00 27.16 ? 9081 HOH B O     1 
HETATM 730 O O     . HOH K 3 . ? 18.194  14.784  5.239   1.00 31.90 ? 9082 HOH B O     1 
HETATM 731 O O     . HOH K 3 . ? 16.772  12.703  3.606   1.00 37.35 ? 9084 HOH B O     1 
HETATM 732 O O     . HOH K 3 . ? -9.915  15.446  -3.068  1.00 44.44 ? 9095 HOH B O     1 
HETATM 733 O O     . HOH K 3 . ? 7.500   19.006  -2.260  1.00 42.01 ? 9099 HOH B O     1 
HETATM 734 O O     . HOH K 3 . ? -0.319  14.032  -0.850  1.00 27.59 ? 9111 HOH B O     1 
HETATM 735 O O     . HOH K 3 . ? 7.775   9.273   -1.552  1.00 27.97 ? 9117 HOH B O     1 
HETATM 736 O O     . HOH K 3 . ? 2.380   16.218  -0.514  1.00 26.56 ? 9124 HOH B O     1 
HETATM 737 O O     . HOH K 3 . ? -20.590 24.297  -5.150  1.00 44.37 ? 9127 HOH B O     1 
HETATM 738 O O     . HOH K 3 . ? -3.893  16.191  1.388   1.00 29.02 ? 9129 HOH B O     1 
HETATM 739 O O     . HOH K 3 . ? -0.182  5.686   -5.546  1.00 36.75 ? 9130 HOH B O     1 
HETATM 740 O O     . HOH K 3 . ? -9.908  17.230  2.080   1.00 35.00 ? 9131 HOH B O     1 
HETATM 741 O O     . HOH K 3 . ? -14.273 18.905  1.991   1.00 44.14 ? 9132 HOH B O     1 
HETATM 742 O O     . HOH K 3 . ? -16.694 20.956  3.610   1.00 33.15 ? 9135 HOH B O     1 
HETATM 743 O O     . HOH K 3 . ? 2.945   10.860  -2.236  1.00 28.71 ? 9140 HOH B O     1 
HETATM 744 O O     . HOH K 3 . ? -15.591 19.043  5.175   1.00 33.05 ? 9142 HOH B O     1 
HETATM 745 O O     . HOH K 3 . ? 0.916   9.234   -2.577  1.00 32.69 ? 9147 HOH B O     1 
HETATM 746 O O     . HOH K 3 . ? -0.092  16.085  1.345   1.00 36.91 ? 9157 HOH B O     1 
HETATM 747 O O     . HOH K 3 . ? -12.442 16.850  -1.871  1.00 33.23 ? 9162 HOH B O     1 
HETATM 748 O O     . HOH K 3 . ? -10.708 18.349  -1.721  1.00 49.64 ? 9163 HOH B O     1 
HETATM 749 O O     . HOH K 3 . ? -1.224  10.566  -3.470  1.00 36.50 ? 9165 HOH B O     1 
HETATM 750 O O     . HOH K 3 . ? -20.100 13.531  -1.577  1.00 24.15 ? 9166 HOH B O     1 
HETATM 751 O O     . HOH K 3 . ? -6.292  16.350  1.754   1.00 26.57 ? 9168 HOH B O     1 
HETATM 752 O O     . HOH K 3 . ? -8.596  13.602  -5.330  1.00 49.94 ? 9172 HOH B O     1 
HETATM 753 O O     . HOH K 3 . ? 7.252   12.779  -0.641  1.00 28.89 ? 9174 HOH B O     1 
HETATM 754 O O     . HOH K 3 . ? 6.097   10.934  -1.468  1.00 41.29 ? 9175 HOH B O     1 
HETATM 755 O O     . HOH K 3 . ? -6.896  12.079  -4.080  1.00 40.37 ? 9177 HOH B O     1 
HETATM 756 O O     . HOH K 3 . ? -19.726 23.046  -7.425  1.00 32.52 ? 9179 HOH B O     1 
HETATM 757 O O     . HOH K 3 . ? -23.376 26.314  -7.682  1.00 52.27 ? 9182 HOH B O     1 
HETATM 758 O O     . HOH K 3 . ? 8.988   15.464  -2.588  1.00 50.00 ? 9193 HOH B O     1 
HETATM 759 O O     . HOH K 3 . ? 11.267  8.277   -1.980  1.00 50.00 ? 9197 HOH B O     1 
HETATM 760 O O     . HOH K 3 . ? -9.576  12.764  -7.821  1.00 50.00 ? 9198 HOH B O     1 
HETATM 761 O O     . HOH K 3 . ? 4.264   6.043   5.994   1.00 50.00 ? 9203 HOH B O     1 
HETATM 762 O O     . HOH K 3 . ? -21.114 14.080  -6.742  1.00 50.00 ? 9206 HOH B O     1 
HETATM 763 O O     . HOH K 3 . ? 13.680  8.983   -3.467  1.00 50.00 ? 9208 HOH B O     1 
HETATM 764 O O     . HOH K 3 . ? -5.933  16.080  -2.444  1.00 50.00 ? 9217 HOH B O     1 
HETATM 765 O O     . HOH K 3 . ? 14.398  8.537   -5.706  1.00 50.00 ? 9218 HOH B O     1 
HETATM 766 O O     . HOH K 3 . ? -0.671  6.528   6.004   1.00 50.00 ? 9225 HOH B O     1 
HETATM 767 O O     . HOH K 3 . ? -14.072 21.775  0.824   1.00 50.00 ? 9234 HOH B O     1 
HETATM 768 O O     . HOH K 3 . ? 5.848   14.543  -1.954  1.00 50.00 ? 9235 HOH B O     1 
HETATM 769 O O     . HOH K 3 . ? -14.512 20.304  -9.063  1.00 50.00 ? 9236 HOH B O     1 
HETATM 770 O O     . HOH K 3 . ? -3.750  9.687   -4.665  1.00 50.00 ? 9238 HOH B O     1 
HETATM 771 O O     . HOH K 3 . ? 17.525  10.124  3.983   1.00 50.00 ? 9240 HOH B O     1 
HETATM 772 O O     . HOH K 3 . ? -19.755 25.415  -9.752  1.00 50.00 ? 9243 HOH B O     1 
HETATM 773 O O     . HOH K 3 . ? 1.396   18.169  0.859   1.00 50.00 ? 9249 HOH B O     1 
HETATM 774 O O     . HOH L 3 . ? 31.964  2.834   3.194   1.00 25.34 ? 9007 HOH C O     1 
HETATM 775 O O     . HOH L 3 . ? 13.070  4.681   -0.780  1.00 13.29 ? 9009 HOH C O     1 
HETATM 776 O O     . HOH L 3 . ? 32.364  0.436   4.936   1.00 16.66 ? 9011 HOH C O     1 
HETATM 777 O O     . HOH L 3 . ? 36.145  -3.700  5.710   1.00 26.10 ? 9016 HOH C O     1 
HETATM 778 O O     . HOH L 3 . ? 9.086   5.949   5.388   1.00 25.48 ? 9017 HOH C O     1 
HETATM 779 O O     . HOH L 3 . ? 6.953   5.964   6.675   1.00 21.50 ? 9019 HOH C O     1 
HETATM 780 O O     . HOH L 3 . ? 8.820   1.605   -2.526  1.00 11.56 ? 9020 HOH C O     1 
HETATM 781 O O     . HOH L 3 . ? 23.344  5.254   2.243   1.00 21.97 ? 9026 HOH C O     1 
HETATM 782 O O     . HOH L 3 . ? 36.297  -0.923  4.783   1.00 33.94 ? 9032 HOH C O     1 
HETATM 783 O O     . HOH L 3 . ? 16.384  -1.607  4.020   1.00 32.17 ? 9035 HOH C O     1 
HETATM 784 O O     . HOH L 3 . ? 25.515  2.188   11.018  1.00 19.17 ? 9039 HOH C O     1 
HETATM 785 O O     . HOH L 3 . ? 4.418   3.136   2.679   1.00 23.47 ? 9049 HOH C O     1 
HETATM 786 O O     . HOH L 3 . ? 17.549  4.909   -1.623  1.00 29.28 ? 9054 HOH C O     1 
HETATM 787 O O     . HOH L 3 . ? 21.382  -0.029  8.164   1.00 48.72 ? 9058 HOH C O     1 
HETATM 788 O O     . HOH L 3 . ? 19.213  2.737   6.380   1.00 38.73 ? 9059 HOH C O     1 
HETATM 789 O O     . HOH L 3 . ? 27.949  4.077   4.097   1.00 17.63 ? 9060 HOH C O     1 
HETATM 790 O O     . HOH L 3 . ? 14.459  10.050  0.681   1.00 21.74 ? 9073 HOH C O     1 
HETATM 791 O O     . HOH L 3 . ? 26.584  -1.666  7.079   1.00 47.97 ? 9093 HOH C O     1 
HETATM 792 O O     . HOH L 3 . ? 24.296  0.566   7.034   1.00 51.48 ? 9096 HOH C O     1 
HETATM 793 O O     . HOH L 3 . ? 12.265  3.750   -3.608  1.00 26.48 ? 9098 HOH C O     1 
HETATM 794 O O     . HOH L 3 . ? 5.892   0.739   2.617   1.00 22.87 ? 9100 HOH C O     1 
HETATM 795 O O     . HOH L 3 . ? 23.321  -3.764  0.447   1.00 36.16 ? 9101 HOH C O     1 
HETATM 796 O O     . HOH L 3 . ? 9.132   -0.162  3.851   1.00 26.66 ? 9106 HOH C O     1 
HETATM 797 O O     . HOH L 3 . ? 31.250  -7.069  10.179  1.00 32.05 ? 9112 HOH C O     1 
HETATM 798 O O     . HOH L 3 . ? 29.867  -5.279  -1.787  1.00 37.57 ? 9116 HOH C O     1 
HETATM 799 O O     . HOH L 3 . ? 14.976  5.418   6.385   1.00 23.41 ? 9119 HOH C O     1 
HETATM 800 O O     . HOH L 3 . ? 26.670  -5.019  0.567   1.00 27.38 ? 9121 HOH C O     1 
HETATM 801 O O     . HOH L 3 . ? 13.702  -4.117  3.791   1.00 35.78 ? 9122 HOH C O     1 
HETATM 802 O O     . HOH L 3 . ? 12.401  1.388   5.328   1.00 33.27 ? 9126 HOH C O     1 
HETATM 803 O O     . HOH L 3 . ? 31.936  -8.821  4.310   1.00 30.09 ? 9133 HOH C O     1 
HETATM 804 O O     . HOH L 3 . ? 29.269  -6.590  1.288   1.00 39.38 ? 9136 HOH C O     1 
HETATM 805 O O     . HOH L 3 . ? 9.544   -4.892  4.118   1.00 28.19 ? 9143 HOH C O     1 
HETATM 806 O O     . HOH L 3 . ? 28.252  6.254   3.015   1.00 40.64 ? 9144 HOH C O     1 
HETATM 807 O O     . HOH L 3 . ? 23.817  7.913   7.413   1.00 28.52 ? 9150 HOH C O     1 
HETATM 808 O O     . HOH L 3 . ? 1.693   2.001   2.254   1.00 27.49 ? 9151 HOH C O     1 
HETATM 809 O O     . HOH L 3 . ? 15.758  -3.647  1.881   1.00 35.15 ? 9156 HOH C O     1 
HETATM 810 O O     . HOH L 3 . ? 19.869  -4.146  1.551   1.00 29.66 ? 9158 HOH C O     1 
HETATM 811 O O     . HOH L 3 . ? 33.283  -9.452  6.324   1.00 30.47 ? 9160 HOH C O     1 
HETATM 812 O O     . HOH L 3 . ? 29.951  -6.803  6.256   1.00 36.45 ? 9167 HOH C O     1 
HETATM 813 O O     . HOH L 3 . ? 19.773  -4.588  4.388   1.00 49.76 ? 9169 HOH C O     1 
HETATM 814 O O     . HOH L 3 . ? 23.715  -3.092  3.861   1.00 28.63 ? 9171 HOH C O     1 
HETATM 815 O O     . HOH L 3 . ? 19.236  5.322   9.344   1.00 43.32 ? 9183 HOH C O     1 
HETATM 816 O O     . HOH L 3 . ? 18.079  -3.928  2.979   1.00 54.44 ? 9185 HOH C O     1 
HETATM 817 O O     . HOH L 3 . ? 13.057  6.014   -6.523  1.00 36.82 ? 9187 HOH C O     1 
HETATM 818 O O     . HOH L 3 . ? 16.621  8.699   0.219   1.00 33.67 ? 9189 HOH C O     1 
HETATM 819 O O     . HOH L 3 . ? 7.165   -3.174  5.575   1.00 50.00 ? 9192 HOH C O     1 
HETATM 820 O O     . HOH L 3 . ? 5.072   4.053   4.993   1.00 50.00 ? 9195 HOH C O     1 
HETATM 821 O O     . HOH L 3 . ? 11.945  6.202   -2.999  1.00 50.00 ? 9204 HOH C O     1 
HETATM 822 O O     . HOH L 3 . ? 13.629  8.817   6.739   1.00 50.00 ? 9205 HOH C O     1 
HETATM 823 O O     . HOH L 3 . ? 21.935  -3.753  5.585   1.00 50.00 ? 9209 HOH C O     1 
HETATM 824 O O     . HOH L 3 . ? 9.515   2.415   5.211   1.00 50.00 ? 9210 HOH C O     1 
HETATM 825 O O     . HOH L 3 . ? 11.242  -0.810  5.434   1.00 50.00 ? 9213 HOH C O     1 
HETATM 826 O O     . HOH L 3 . ? 22.130  4.694   10.528  1.00 50.00 ? 9219 HOH C O     1 
HETATM 827 O O     . HOH L 3 . ? 10.725  4.253   -6.451  1.00 50.00 ? 9223 HOH C O     1 
HETATM 828 O O     . HOH L 3 . ? 12.492  6.718   6.611   1.00 50.00 ? 9224 HOH C O     1 
HETATM 829 O O     . HOH L 3 . ? 25.711  -5.086  3.826   1.00 50.00 ? 9226 HOH C O     1 
HETATM 830 O O     . HOH L 3 . ? 30.534  -9.201  2.068   1.00 50.00 ? 9232 HOH C O     1 
HETATM 831 O O     . HOH L 3 . ? 32.004  5.642   2.784   1.00 50.00 ? 9233 HOH C O     1 
HETATM 832 O O     . HOH L 3 . ? 13.731  -1.011  5.593   1.00 50.00 ? 9239 HOH C O     1 
HETATM 833 O O     . HOH L 3 . ? 14.744  -5.805  2.019   1.00 50.00 ? 9244 HOH C O     1 
HETATM 834 O O     . HOH M 3 . ? 25.417  6.163   -1.887  1.00 19.07 ? 9003 HOH D O     1 
HETATM 835 O O     . HOH M 3 . ? 11.097  0.824   -6.149  1.00 12.97 ? 9010 HOH D O     1 
HETATM 836 O O     . HOH M 3 . ? 7.996   1.813   -5.671  1.00 10.27 ? 9012 HOH D O     1 
HETATM 837 O O     . HOH M 3 . ? 31.238  8.767   -5.932  1.00 47.07 ? 9023 HOH D O     1 
HETATM 838 O O     . HOH M 3 . ? 6.028   -14.240 -6.397  1.00 23.79 ? 9025 HOH D O     1 
HETATM 839 O O     . HOH M 3 . ? 15.253  3.540   -4.714  1.00 16.77 ? 9029 HOH D O     1 
HETATM 840 O O     . HOH M 3 . ? 4.207   -10.169 -9.604  1.00 26.88 ? 9031 HOH D O     1 
HETATM 841 O O     . HOH M 3 . ? 31.294  -3.291  -5.202  1.00 22.94 ? 9033 HOH D O     1 
HETATM 842 O O     . HOH M 3 . ? 23.886  5.123   -9.026  1.00 27.81 ? 9036 HOH D O     1 
HETATM 843 O O     . HOH M 3 . ? 14.586  -7.052  -1.598  1.00 32.34 ? 9040 HOH D O     1 
HETATM 844 O O     . HOH M 3 . ? 20.993  0.709   -7.793  1.00 42.23 ? 9043 HOH D O     1 
HETATM 845 O O     . HOH M 3 . ? 30.506  11.341  -9.012  1.00 47.99 ? 9046 HOH D O     1 
HETATM 846 O O     . HOH M 3 . ? 30.437  4.794   0.242   1.00 22.23 ? 9047 HOH D O     1 
HETATM 847 O O     . HOH M 3 . ? 13.807  -1.844  -12.508 1.00 21.27 ? 9048 HOH D O     1 
HETATM 848 O O     . HOH M 3 . ? 33.410  7.600   -5.712  1.00 52.33 ? 9050 HOH D O     1 
HETATM 849 O O     . HOH M 3 . ? 34.172  10.102  0.760   1.00 46.25 ? 9052 HOH D O     1 
HETATM 850 O O     . HOH M 3 . ? 35.302  2.283   1.849   1.00 25.21 ? 9056 HOH D O     1 
HETATM 851 O O     . HOH M 3 . ? 20.685  5.295   -0.767  1.00 23.61 ? 9061 HOH D O     1 
HETATM 852 O O     . HOH M 3 . ? 34.864  11.452  -6.971  1.00 42.44 ? 9063 HOH D O     1 
HETATM 853 O O     . HOH M 3 . ? 28.679  10.098  -6.813  1.00 41.58 ? 9065 HOH D O     1 
HETATM 854 O O     . HOH M 3 . ? 39.308  3.700   -1.607  1.00 34.18 ? 9070 HOH D O     1 
HETATM 855 O O     . HOH M 3 . ? 16.591  -5.004  -4.558  1.00 24.72 ? 9072 HOH D O     1 
HETATM 856 O O     . HOH M 3 . ? 18.944  2.500   -8.651  1.00 50.74 ? 9085 HOH D O     1 
HETATM 857 O O     . HOH M 3 . ? 5.846   -4.895  -11.291 1.00 30.24 ? 9086 HOH D O     1 
HETATM 858 O O     . HOH M 3 . ? 9.489   -8.644  2.412   1.00 35.22 ? 9087 HOH D O     1 
HETATM 859 O O     . HOH M 3 . ? 37.247  3.344   0.160   1.00 19.48 ? 9088 HOH D O     1 
HETATM 860 O O     . HOH M 3 . ? 11.290  -9.500  -1.063  1.00 29.77 ? 9089 HOH D O     1 
HETATM 861 O O     . HOH M 3 . ? 9.700   -12.369 -3.461  1.00 41.81 ? 9091 HOH D O     1 
HETATM 862 O O     . HOH M 3 . ? 13.647  -10.798 -0.976  1.00 45.11 ? 9092 HOH D O     1 
HETATM 863 O O     . HOH M 3 . ? 31.560  9.346   -1.867  1.00 39.38 ? 9094 HOH D O     1 
HETATM 864 O O     . HOH M 3 . ? 17.956  -5.043  -1.991  1.00 27.75 ? 9102 HOH D O     1 
HETATM 865 O O     . HOH M 3 . ? 23.508  -1.419  -5.197  1.00 24.83 ? 9103 HOH D O     1 
HETATM 866 O O     . HOH M 3 . ? 9.350   -14.350 -8.585  1.00 22.59 ? 9104 HOH D O     1 
HETATM 867 O O     . HOH M 3 . ? 39.515  2.122   -6.663  1.00 37.53 ? 9107 HOH D O     1 
HETATM 868 O O     . HOH M 3 . ? 20.664  -4.392  -2.251  1.00 36.50 ? 9109 HOH D O     1 
HETATM 869 O O     . HOH M 3 . ? 26.948  -2.825  -4.826  1.00 34.59 ? 9114 HOH D O     1 
HETATM 870 O O     . HOH M 3 . ? 24.273  -3.102  -2.416  1.00 37.04 ? 9123 HOH D O     1 
HETATM 871 O O     . HOH M 3 . ? 37.382  5.881   -4.354  1.00 34.99 ? 9128 HOH D O     1 
HETATM 872 O O     . HOH M 3 . ? 26.002  6.107   1.182   1.00 27.43 ? 9137 HOH D O     1 
HETATM 873 O O     . HOH M 3 . ? 33.060  3.189   -3.672  1.00 54.67 ? 9138 HOH D O     1 
HETATM 874 O O     . HOH M 3 . ? 14.034  -5.547  -7.793  1.00 35.51 ? 9159 HOH D O     1 
HETATM 875 O O     . HOH M 3 . ? 12.613  -8.170  -5.301  1.00 35.13 ? 9161 HOH D O     1 
HETATM 876 O O     . HOH M 3 . ? 28.370  8.453   -8.388  1.00 32.97 ? 9164 HOH D O     1 
HETATM 877 O O     . HOH M 3 . ? 11.793  -10.321 -4.834  1.00 35.38 ? 9176 HOH D O     1 
HETATM 878 O O     . HOH M 3 . ? 11.542  -7.432  1.565   1.00 40.81 ? 9184 HOH D O     1 
HETATM 879 O O     . HOH M 3 . ? 4.509   2.477   -6.103  1.00 50.00 ? 9190 HOH D O     1 
HETATM 880 O O     . HOH M 3 . ? 32.904  -1.726  -6.528  1.00 50.00 ? 9194 HOH D O     1 
HETATM 881 O O     . HOH M 3 . ? 3.352   -7.678  -10.398 1.00 50.00 ? 9201 HOH D O     1 
HETATM 882 O O     . HOH M 3 . ? 9.831   2.042   -10.953 1.00 50.00 ? 9202 HOH D O     1 
HETATM 883 O O     . HOH M 3 . ? 16.387  -2.058  -8.924  1.00 50.00 ? 9207 HOH D O     1 
HETATM 884 O O     . HOH M 3 . ? 4.168   -4.898  -9.660  1.00 50.00 ? 9211 HOH D O     1 
HETATM 885 O O     . HOH M 3 . ? 7.174   1.206   -8.641  1.00 50.00 ? 9212 HOH D O     1 
HETATM 886 O O     . HOH M 3 . ? 21.270  -5.405  -4.893  1.00 50.00 ? 9215 HOH D O     1 
HETATM 887 O O     . HOH M 3 . ? 9.069   2.629   -8.693  1.00 50.00 ? 9216 HOH D O     1 
HETATM 888 O O     . HOH M 3 . ? 2.872   -9.127  -12.836 1.00 50.00 ? 9221 HOH D O     1 
HETATM 889 O O     . HOH M 3 . ? 19.477  6.809   -3.066  1.00 50.00 ? 9227 HOH D O     1 
HETATM 890 O O     . HOH M 3 . ? 37.148  7.696   -0.172  1.00 50.00 ? 9237 HOH D O     1 
HETATM 891 O O     . HOH M 3 . ? 11.447  -12.431 -7.555  1.00 50.00 ? 9242 HOH D O     1 
HETATM 892 O O     . HOH M 3 . ? 18.809  -5.344  -6.112  1.00 50.00 ? 9246 HOH D O     1 
# 
loop_
_atom_site_anisotrop.id 
_atom_site_anisotrop.type_symbol 
_atom_site_anisotrop.pdbx_label_atom_id 
_atom_site_anisotrop.pdbx_label_alt_id 
_atom_site_anisotrop.pdbx_label_comp_id 
_atom_site_anisotrop.pdbx_label_asym_id 
_atom_site_anisotrop.pdbx_label_seq_id 
_atom_site_anisotrop.pdbx_PDB_ins_code 
_atom_site_anisotrop.U[1][1] 
_atom_site_anisotrop.U[2][2] 
_atom_site_anisotrop.U[3][3] 
_atom_site_anisotrop.U[1][2] 
_atom_site_anisotrop.U[1][3] 
_atom_site_anisotrop.U[2][3] 
_atom_site_anisotrop.pdbx_auth_seq_id 
_atom_site_anisotrop.pdbx_auth_comp_id 
_atom_site_anisotrop.pdbx_auth_asym_id 
_atom_site_anisotrop.pdbx_auth_atom_id 
1   C "C8'" . GPN A 1 ? 0.2385 0.0920 0.1943 -0.0791 0.0906  -0.0214 1001 GPN A "C8'" 
2   C "C7'" . GPN A 1 ? 0.1688 0.0929 0.1551 -0.0409 0.0457  -0.0335 1001 GPN A "C7'" 
3   O "O7'" . GPN A 1 ? 0.1814 0.0812 0.1536 -0.0396 0.0502  -0.0301 1001 GPN A "O7'" 
4   C "C5'" . GPN A 1 ? 0.2019 0.1149 0.1429 -0.0280 0.0317  -0.0500 1001 GPN A "C5'" 
5   C C     . GPN A 1 ? 0.1735 0.1212 0.1403 -0.0483 0.0126  -0.0460 1001 GPN A C     
6   O O     . GPN A 1 ? 0.1858 0.1222 0.1615 -0.0243 0.0307  -0.0379 1001 GPN A O     
7   N "N4'" . GPN A 1 ? 0.2085 0.1018 0.1734 -0.0588 0.0493  -0.0576 1001 GPN A "N4'" 
8   C "C3'" . GPN A 1 ? 0.2340 0.1058 0.1664 -0.0709 0.0061  -0.0062 1001 GPN A "C3'" 
9   C "C2'" . GPN A 1 ? 0.2428 0.1049 0.1312 -0.0929 0.0053  -0.0124 1001 GPN A "C2'" 
10  N N     . GPN A 1 ? 0.1801 0.1503 0.2032 -0.0238 0.0091  0.0034  1001 GPN A N     
11  N N9    . GPN A 1 ? 0.3787 0.0879 0.1578 -0.0075 0.0835  -0.0312 1001 GPN A N9    
12  C C8    . GPN A 1 ? 0.3309 0.0926 0.1953 -0.0468 0.0734  0.0042  1001 GPN A C8    
13  N N7    . GPN A 1 ? 0.3546 0.1030 0.1718 0.0043  0.0821  -0.0095 1001 GPN A N7    
14  C C5    . GPN A 1 ? 0.2389 0.1000 0.1388 -0.0049 0.0993  -0.0147 1001 GPN A C5    
15  C C6    . GPN A 1 ? 0.1422 0.1001 0.1656 -0.0242 0.0663  -0.0087 1001 GPN A C6    
16  O O6    . GPN A 1 ? 0.2931 0.1052 0.1680 0.0000  0.0344  -0.0140 1001 GPN A O6    
17  N N1    . GPN A 1 ? 0.1141 0.1001 0.1832 -0.0181 0.0521  -0.0231 1001 GPN A N1    
18  C C2    . GPN A 1 ? 0.0801 0.0988 0.1926 -0.0203 0.0524  -0.0388 1001 GPN A C2    
19  N N2    . GPN A 1 ? 0.1294 0.1039 0.2360 -0.0147 -0.0091 -0.0445 1001 GPN A N2    
20  N N3    . GPN A 1 ? 0.1196 0.0987 0.1969 -0.0450 0.0697  -0.0331 1001 GPN A N3    
21  C C4    . GPN A 1 ? 0.1999 0.0945 0.1375 -0.0172 0.1163  -0.0346 1001 GPN A C4    
22  C "C8'" . GPN A 2 ? 0.1478 0.1289 0.1288 -0.0407 0.0411  -0.0268 1002 GPN A "C8'" 
23  C "C7'" . GPN A 2 ? 0.1297 0.1180 0.1323 -0.0100 0.0507  -0.0237 1002 GPN A "C7'" 
24  O "O7'" . GPN A 2 ? 0.1414 0.1355 0.1417 -0.0126 0.0435  -0.0076 1002 GPN A "O7'" 
25  C "C5'" . GPN A 2 ? 0.1831 0.1070 0.1243 -0.0593 0.0432  -0.0512 1002 GPN A "C5'" 
26  C C     . GPN A 2 ? 0.1656 0.1120 0.1362 -0.0424 0.0178  -0.0228 1002 GPN A C     
27  O O     . GPN A 2 ? 0.1672 0.1578 0.1277 -0.0519 0.0096  -0.0098 1002 GPN A O     
28  N "N4'" . GPN A 2 ? 0.1508 0.1133 0.1295 -0.0303 0.0434  -0.0310 1002 GPN A "N4'" 
29  C "C3'" . GPN A 2 ? 0.1574 0.1305 0.1693 -0.0732 0.0133  -0.0302 1002 GPN A "C3'" 
30  C "C2'" . GPN A 2 ? 0.2002 0.1087 0.1301 -0.0544 0.0366  -0.0290 1002 GPN A "C2'" 
31  N N     . GPN A 2 ? 0.1705 0.1195 0.1787 -0.0414 0.0277  -0.0193 1002 GPN A N     
32  N N9    . GPN A 2 ? 0.1486 0.0833 0.1339 -0.0416 0.0346  -0.0155 1002 GPN A N9    
33  C C8    . GPN A 2 ? 0.1631 0.0929 0.1358 -0.0084 0.0594  -0.0243 1002 GPN A C8    
34  N N7    . GPN A 2 ? 0.2558 0.0926 0.1217 0.0060  0.0286  -0.0151 1002 GPN A N7    
35  C C5    . GPN A 2 ? 0.2452 0.0993 0.1178 -0.0105 0.0168  -0.0200 1002 GPN A C5    
36  C C6    . GPN A 2 ? 0.1673 0.0997 0.0951 -0.0229 0.0427  -0.0056 1002 GPN A C6    
37  O O6    . GPN A 2 ? 0.2004 0.1136 0.1207 -0.0206 0.0185  0.0004  1002 GPN A O6    
38  N N1    . GPN A 2 ? 0.1588 0.0973 0.1344 -0.0153 0.0386  -0.0095 1002 GPN A N1    
39  C C2    . GPN A 2 ? 0.0941 0.0931 0.1487 -0.0083 0.0398  -0.0236 1002 GPN A C2    
40  N N2    . GPN A 2 ? 0.1404 0.0933 0.1346 -0.0019 0.0316  -0.0285 1002 GPN A N2    
41  N N3    . GPN A 2 ? 0.1363 0.0870 0.1227 -0.0279 0.0606  -0.0136 1002 GPN A N3    
42  C C4    . GPN A 2 ? 0.1421 0.0896 0.1062 -0.0147 0.0491  -0.0216 1002 GPN A C4    
43  C "C8'" . CPN A 3 ? 0.1084 0.1215 0.1208 -0.0314 0.0188  -0.0223 1003 CPN A "C8'" 
44  C "C7'" . CPN A 3 ? 0.1345 0.1688 0.1057 -0.0410 0.0233  -0.0440 1003 CPN A "C7'" 
45  O "O7'" . CPN A 3 ? 0.1343 0.2080 0.1065 -0.0408 0.0279  -0.0251 1003 CPN A "O7'" 
46  C "C5'" . CPN A 3 ? 0.1890 0.1591 0.1179 -0.0399 0.0315  -0.0127 1003 CPN A "C5'" 
47  C C     . CPN A 3 ? 0.2004 0.1990 0.1943 -0.0781 0.0595  -0.0220 1003 CPN A C     
48  O O     . CPN A 3 ? 0.2912 0.2140 0.1871 -0.0906 0.0797  -0.0030 1003 CPN A O     
49  N "N4'" . CPN A 3 ? 0.1480 0.1468 0.1131 -0.0381 0.0194  -0.0279 1003 CPN A "N4'" 
50  C "C3'" . CPN A 3 ? 0.1479 0.1125 0.1641 -0.0587 0.0001  -0.0111 1003 CPN A "C3'" 
51  C "C2'" . CPN A 3 ? 0.1616 0.1137 0.1279 -0.0350 -0.0062 -0.0212 1003 CPN A "C2'" 
52  N N     . CPN A 3 ? 0.1226 0.1066 0.1507 -0.0379 -0.0071 -0.0279 1003 CPN A N     
53  N N1    . CPN A 3 ? 0.1417 0.1248 0.1237 -0.0262 0.0103  -0.0247 1003 CPN A N1    
54  C C2    . CPN A 3 ? 0.0681 0.1361 0.1489 0.0130  0.0092  -0.0460 1003 CPN A C2    
55  N N3    . CPN A 3 ? 0.0719 0.1514 0.1213 0.0157  0.0321  -0.0301 1003 CPN A N3    
56  C C4    . CPN A 3 ? 0.1276 0.1362 0.1426 0.0002  -0.0025 -0.0298 1003 CPN A C4    
57  C C5    . CPN A 3 ? 0.1559 0.1347 0.1121 -0.0334 0.0153  -0.0043 1003 CPN A C5    
58  C C6    . CPN A 3 ? 0.1660 0.1368 0.1305 0.0042  0.0015  -0.0363 1003 CPN A C6    
59  O O2    . CPN A 3 ? 0.1070 0.1208 0.1060 -0.0077 0.0309  -0.0214 1003 CPN A O2    
60  N N4    . CPN A 3 ? 0.2094 0.1376 0.1550 0.0092  -0.0397 -0.0288 1003 CPN A N4    
61  C "C8'" . APN A 4 ? 0.1209 0.1359 0.1439 -0.0220 0.0122  -0.0287 1004 APN A "C8'" 
62  C "C7'" . APN A 4 ? 0.1148 0.1775 0.1108 -0.0374 -0.0128 -0.0343 1004 APN A "C7'" 
63  O "O7'" . APN A 4 ? 0.1077 0.3074 0.1570 -0.0405 -0.0096 0.0319  1004 APN A "O7'" 
64  C "C5'" . APN A 4 ? 0.2117 0.1864 0.1782 -0.0803 0.0136  0.0031  1004 APN A "C5'" 
65  C C     . APN A 4 ? 0.1446 0.1893 0.3546 -0.0627 -0.0160 -0.0103 1004 APN A C     
66  O O     . APN A 4 ? 0.2652 0.2592 0.6657 -0.0971 0.1431  0.0697  1004 APN A O     
67  N "N4'" . APN A 4 ? 0.1390 0.2037 0.1237 -0.0471 -0.0189 -0.0032 1004 APN A "N4'" 
68  C "C3'" . APN A 4 ? 0.1348 0.1366 0.2467 -0.0609 -0.0504 -0.0008 1004 APN A "C3'" 
69  C "C2'" . APN A 4 ? 0.1354 0.1582 0.1853 -0.0678 -0.0421 0.0573  1004 APN A "C2'" 
70  N N     . APN A 4 ? 0.1400 0.1636 0.1349 -0.0867 -0.0143 0.0056  1004 APN A N     
71  N N9    . APN A 4 ? 0.1103 0.1531 0.1440 -0.0177 0.0225  -0.0220 1004 APN A N9    
72  C C8    . APN A 4 ? 0.0699 0.1576 0.1920 0.0026  0.0091  -0.0271 1004 APN A C8    
73  N N7    . APN A 4 ? 0.1155 0.1749 0.1712 -0.0228 0.0073  0.0032  1004 APN A N7    
74  C C5    . APN A 4 ? 0.0681 0.1876 0.1584 -0.0283 0.0324  -0.0068 1004 APN A C5    
75  C C6    . APN A 4 ? 0.1297 0.1907 0.1483 -0.0010 0.0241  -0.0098 1004 APN A C6    
76  N N6    . APN A 4 ? 0.1585 0.1748 0.1630 -0.0172 0.0019  -0.0025 1004 APN A N6    
77  N N1    . APN A 4 ? 0.0941 0.1812 0.1743 -0.0031 0.0110  -0.0076 1004 APN A N1    
78  C C2    . APN A 4 ? 0.1391 0.1807 0.1235 -0.0226 0.0054  -0.0072 1004 APN A C2    
79  N N3    . APN A 4 ? 0.1225 0.1900 0.1277 -0.0136 0.0125  -0.0240 1004 APN A N3    
80  C C4    . APN A 4 ? 0.1239 0.1901 0.1201 -0.0033 0.0309  -0.0313 1004 APN A C4    
81  C "C8'" . TPN A 5 ? 0.0925 0.2368 0.2607 0.0292  -0.0271 -0.0112 1005 TPN A "C8'" 
82  C "C7'" . TPN A 5 ? 0.0912 0.2174 0.2278 0.0056  -0.0668 0.0033  1005 TPN A "C7'" 
83  O "O7'" . TPN A 5 ? 0.0983 0.2469 0.1703 0.0149  -0.0538 0.0033  1005 TPN A "O7'" 
84  C "C5'" . TPN A 5 ? 0.2566 0.2114 0.2994 -0.0535 -0.0735 0.0204  1005 TPN A "C5'" 
85  C C     . TPN A 5 ? 0.1945 0.2833 0.3115 -0.0173 -0.0879 0.0026  1005 TPN A C     
86  O O     . TPN A 5 ? 0.1940 0.2214 0.3595 0.0364  -0.1074 -0.0410 1005 TPN A O     
87  N "N4'" . TPN A 5 ? 0.1629 0.2191 0.2422 0.0325  -0.0760 -0.0076 1005 TPN A "N4'" 
88  C "C3'" . TPN A 5 ? 0.1892 0.2027 0.3536 0.0580  -0.1331 -0.1159 1005 TPN A "C3'" 
89  C "C2'" . TPN A 5 ? 0.1691 0.1847 0.3715 0.0303  -0.1222 -0.0384 1005 TPN A "C2'" 
90  N N     . TPN A 5 ? 0.2748 0.1402 0.2986 0.0331  -0.2142 -0.0127 1005 TPN A N     
91  N N1    . TPN A 5 ? 0.1122 0.2503 0.1531 0.0343  0.0031  0.0007  1005 TPN A N1    
92  C C6    . TPN A 5 ? 0.1558 0.2407 0.1434 0.0266  0.0353  0.0020  1005 TPN A C6    
93  C C2    . TPN A 5 ? 0.1281 0.2949 0.1394 -0.0267 0.0098  0.0328  1005 TPN A C2    
94  O O2    . TPN A 5 ? 0.1429 0.3157 0.1612 -0.0027 0.0069  -0.0112 1005 TPN A O2    
95  N N3    . TPN A 5 ? 0.0718 0.3084 0.1659 -0.0192 -0.0210 0.0242  1005 TPN A N3    
96  C C4    . TPN A 5 ? 0.0826 0.2862 0.2586 -0.0599 -0.0537 0.0467  1005 TPN A C4    
97  O O4    . TPN A 5 ? 0.1320 0.3055 0.1372 0.0039  0.0051  0.0102  1005 TPN A O4    
98  C C5    . TPN A 5 ? 0.0716 0.2432 0.1540 -0.0093 0.0268  0.0155  1005 TPN A C5    
99  C C5M   . TPN A 5 ? 0.1976 0.2459 0.1498 0.0424  0.0305  -0.0061 1005 TPN A C5M   
100 C "C8'" . GPN A 6 ? 0.1061 0.2195 0.1982 0.0064  -0.0390 0.0264  1006 GPN A "C8'" 
101 C "C7'" . GPN A 6 ? 0.1567 0.2567 0.1898 0.0510  0.0061  0.0976  1006 GPN A "C7'" 
102 O "O7'" . GPN A 6 ? 0.1816 0.2822 0.1814 0.0692  0.0387  0.0979  1006 GPN A "O7'" 
103 C "C5'" . GPN A 6 ? 0.1837 0.2759 0.1927 0.0113  -0.0028 0.0863  1006 GPN A "C5'" 
104 C C     . GPN A 6 ? 0.1873 0.2375 0.2748 0.0035  -0.0166 0.0651  1006 GPN A C     
105 O O     . GPN A 6 ? 0.1671 0.3206 0.3959 0.0253  0.0190  0.0596  1006 GPN A O     
106 N "N4'" . GPN A 6 ? 0.1677 0.2510 0.2508 0.0324  0.0178  0.0906  1006 GPN A "N4'" 
107 C "C3'" . GPN A 6 ? 0.1513 0.2154 0.2709 0.0049  -0.0312 0.0554  1006 GPN A "C3'" 
108 C "C2'" . GPN A 6 ? 0.1940 0.2173 0.2821 0.0028  -0.0495 0.0702  1006 GPN A "C2'" 
109 N N     . GPN A 6 ? 0.1684 0.2376 0.3577 0.0290  -0.0984 0.0580  1006 GPN A N     
110 N N9    . GPN A 6 ? 0.1264 0.2360 0.1804 0.0052  -0.0231 0.0464  1006 GPN A N9    
111 C C8    . GPN A 6 ? 0.1804 0.2145 0.1205 0.0269  0.0217  0.0377  1006 GPN A C8    
112 N N7    . GPN A 6 ? 0.1209 0.2376 0.1307 0.0500  0.0287  0.0392  1006 GPN A N7    
113 C C5    . GPN A 6 ? 0.0620 0.2468 0.1567 0.0483  0.0142  0.0367  1006 GPN A C5    
114 C C6    . GPN A 6 ? 0.1508 0.2499 0.1292 0.0597  0.0166  0.0324  1006 GPN A C6    
115 O O6    . GPN A 6 ? 0.1308 0.2559 0.1480 0.0617  -0.0187 0.0384  1006 GPN A O6    
116 N N1    . GPN A 6 ? 0.1586 0.2558 0.1095 0.0556  0.0311  0.0324  1006 GPN A N1    
117 C C2    . GPN A 6 ? 0.0967 0.2563 0.1566 0.0406  0.0139  0.0381  1006 GPN A C2    
118 N N2    . GPN A 6 ? 0.1816 0.2566 0.1270 0.0432  0.0192  0.0326  1006 GPN A N2    
119 N N3    . GPN A 6 ? 0.1362 0.2453 0.1704 0.0699  -0.0055 0.0180  1006 GPN A N3    
120 C C4    . GPN A 6 ? 0.1027 0.2497 0.1300 0.0589  0.0289  0.0256  1006 GPN A C4    
121 C "C8'" . CPN A 7 ? 0.1843 0.2683 0.1458 0.0701  0.0007  0.0448  1007 CPN A "C8'" 
122 C "C7'" . CPN A 7 ? 0.2083 0.2445 0.1843 0.0403  0.0068  0.0265  1007 CPN A "C7'" 
123 O "O7'" . CPN A 7 ? 0.1898 0.2387 0.2217 0.0028  0.0552  0.0260  1007 CPN A "O7'" 
124 C "C5'" . CPN A 7 ? 0.2602 0.2487 0.2523 0.0082  -0.0354 0.0574  1007 CPN A "C5'" 
125 C C     . CPN A 7 ? 0.2302 0.2414 0.3785 -0.0046 -0.0588 -0.0076 1007 CPN A C     
126 O O     . CPN A 7 ? 0.2809 0.3750 0.5711 -0.0889 0.0074  -0.0278 1007 CPN A O     
127 N "N4'" . CPN A 7 ? 0.2070 0.2491 0.2386 0.0487  -0.0469 0.0088  1007 CPN A "N4'" 
128 C "C3'" . CPN A 7 ? 0.2339 0.2616 0.2992 0.1052  -0.0968 0.0003  1007 CPN A "C3'" 
129 C "C2'" . CPN A 7 ? 0.2162 0.2510 0.3433 0.0399  -0.0979 0.0483  1007 CPN A "C2'" 
130 N N     . CPN A 7 ? 0.2430 0.2501 0.2515 -0.0092 -0.0817 0.1058  1007 CPN A N     
131 N N1    . CPN A 7 ? 0.1616 0.2728 0.1255 0.0511  0.0123  0.0475  1007 CPN A N1    
132 C C2    . CPN A 7 ? 0.1490 0.2593 0.1209 0.0693  0.0205  0.0355  1007 CPN A C2    
133 N N3    . CPN A 7 ? 0.1392 0.2604 0.1314 0.0270  0.0273  0.0495  1007 CPN A N3    
134 C C4    . CPN A 7 ? 0.1500 0.2664 0.1107 0.0736  0.0293  0.0252  1007 CPN A C4    
135 C C5    . CPN A 7 ? 0.1859 0.2745 0.1218 0.0743  0.0223  0.0339  1007 CPN A C5    
136 C C6    . CPN A 7 ? 0.1242 0.2786 0.1109 0.0656  0.0385  0.0410  1007 CPN A C6    
137 O O2    . CPN A 7 ? 0.1818 0.2629 0.1346 0.0713  0.0045  0.0277  1007 CPN A O2    
138 N N4    . CPN A 7 ? 0.1107 0.2584 0.1778 0.0551  -0.0033 0.0325  1007 CPN A N4    
139 C "C8'" . CPN A 8 ? 0.1370 0.2651 0.2453 0.0535  0.0240  -0.0485 1008 CPN A "C8'" 
140 C "C7'" . CPN A 8 ? 0.1467 0.2811 0.2743 0.0299  0.0098  -0.0443 1008 CPN A "C7'" 
141 O "O7'" . CPN A 8 ? 0.1400 0.2834 0.2101 0.0122  0.0295  -0.0014 1008 CPN A "O7'" 
142 C "C5'" . CPN A 8 ? 0.3152 0.3043 0.2229 -0.0676 0.0346  -0.0169 1008 CPN A "C5'" 
143 C C     . CPN A 8 ? 0.2145 0.3148 0.4275 -0.0078 0.1128  -0.0983 1008 CPN A C     
144 O O     . CPN A 8 ? 0.2272 0.7853 0.8372 -0.0639 0.2440  -0.1026 1008 CPN A O     
145 N "N4'" . CPN A 8 ? 0.2245 0.2602 0.2777 0.0108  -0.0063 -0.0145 1008 CPN A "N4'" 
146 C "C3'" . CPN A 8 ? 0.1889 0.2672 0.2838 0.0187  -0.0525 -0.0472 1008 CPN A "C3'" 
147 C "C2'" . CPN A 8 ? 0.1702 0.2791 0.4648 0.0310  -0.1519 -0.0741 1008 CPN A "C2'" 
148 N N     . CPN A 8 ? 0.2130 0.2869 0.3134 0.0120  -0.1246 -0.0990 1008 CPN A N     
149 N N1    . CPN A 8 ? 0.1266 0.2472 0.1818 0.0621  0.0148  -0.0144 1008 CPN A N1    
150 C C2    . CPN A 8 ? 0.1401 0.2796 0.1814 0.0222  0.0262  0.0390  1008 CPN A C2    
151 N N3    . CPN A 8 ? 0.1232 0.2591 0.1783 0.0259  0.0265  0.0608  1008 CPN A N3    
152 C C4    . CPN A 8 ? 0.2084 0.2666 0.1420 0.0576  0.0328  0.0249  1008 CPN A C4    
153 C C5    . CPN A 8 ? 0.1583 0.2549 0.1812 0.0468  -0.0158 0.0044  1008 CPN A C5    
154 C C6    . CPN A 8 ? 0.2604 0.2581 0.1544 0.0817  0.0012  -0.0175 1008 CPN A C6    
155 O O2    . CPN A 8 ? 0.1746 0.3009 0.1732 0.0011  0.0154  0.0583  1008 CPN A O2    
156 N N4    . CPN A 8 ? 0.3456 0.2668 0.1716 0.1172  -0.0265 -0.0054 1008 CPN A N4    
157 N N     . LYS A 9 ? 0.2508 0.6395 0.5312 0.0450  -0.0634 0.1765  1009 LYS A N     
158 C "C8'" . GPN B 1 ? 0.1947 0.2781 0.2227 0.0947  0.0303  0.0351  2001 GPN B "C8'" 
159 C "C7'" . GPN B 1 ? 0.2049 0.2545 0.1861 0.1132  0.0095  0.0174  2001 GPN B "C7'" 
160 O "O7'" . GPN B 1 ? 0.1935 0.3440 0.1679 0.1046  0.0359  0.0642  2001 GPN B "O7'" 
161 C "C5'" . GPN B 1 ? 0.2146 0.3670 0.1603 0.1139  -0.0150 0.0021  2001 GPN B "C5'" 
162 C C     . GPN B 1 ? 0.1861 0.3515 0.1242 0.1140  -0.0264 0.0270  2001 GPN B C     
163 O O     . GPN B 1 ? 0.1972 0.3838 0.1549 0.0782  0.0104  -0.0012 2001 GPN B O     
164 N "N4'" . GPN B 1 ? 0.2010 0.2996 0.1934 0.0909  -0.0026 0.0149  2001 GPN B "N4'" 
165 C "C3'" . GPN B 1 ? 0.1990 0.2958 0.2312 0.0524  -0.0215 0.0506  2001 GPN B "C3'" 
166 C "C2'" . GPN B 1 ? 0.2434 0.2875 0.2354 0.0873  -0.0034 0.0440  2001 GPN B "C2'" 
167 N N     . GPN B 1 ? 0.2382 0.2924 0.2228 0.0763  0.0068  0.0496  2001 GPN B N     
168 N N9    . GPN B 1 ? 0.2343 0.2681 0.1973 0.1081  0.0437  0.0234  2001 GPN B N9    
169 C C8    . GPN B 1 ? 0.2551 0.2649 0.1903 0.1111  0.0560  0.0238  2001 GPN B C8    
170 N N7    . GPN B 1 ? 0.2718 0.2650 0.1785 0.0820  0.0548  0.0338  2001 GPN B N7    
171 C C5    . GPN B 1 ? 0.1900 0.2641 0.1776 0.0814  0.0747  0.0285  2001 GPN B C5    
172 C C6    . GPN B 1 ? 0.2137 0.2558 0.1828 0.0603  0.0388  0.0216  2001 GPN B C6    
173 O O6    . GPN B 1 ? 0.3118 0.2824 0.1940 0.0246  0.0006  0.0253  2001 GPN B O6    
174 N N1    . GPN B 1 ? 0.1625 0.2613 0.1648 0.0672  0.0428  0.0190  2001 GPN B N1    
175 C C2    . GPN B 1 ? 0.1185 0.2642 0.2051 0.0475  0.0122  0.0430  2001 GPN B C2    
176 N N2    . GPN B 1 ? 0.1340 0.2747 0.2157 0.0393  0.0017  0.0229  2001 GPN B N2    
177 N N3    . GPN B 1 ? 0.1063 0.2810 0.1952 0.0444  0.0444  0.0595  2001 GPN B N3    
178 C C4    . GPN B 1 ? 0.2035 0.2645 0.2028 0.1140  0.0436  0.0193  2001 GPN B C4    
179 C "C8'" . GPN B 2 ? 0.0846 0.3603 0.1610 0.0598  0.0161  0.0620  2002 GPN B "C8'" 
180 C "C7'" . GPN B 2 ? 0.1006 0.3114 0.1854 0.0584  0.0295  0.0332  2002 GPN B "C7'" 
181 O "O7'" . GPN B 2 ? 0.0992 0.3368 0.1863 0.0727  0.0401  0.0551  2002 GPN B "O7'" 
182 C "C5'" . GPN B 2 ? 0.1762 0.2985 0.1542 0.0370  0.0217  0.0536  2002 GPN B "C5'" 
183 C C     . GPN B 2 ? 0.1365 0.3286 0.1588 0.0924  0.0036  0.0582  2002 GPN B C     
184 O O     . GPN B 2 ? 0.1411 0.3634 0.1553 0.0801  -0.0006 0.0462  2002 GPN B O     
185 N "N4'" . GPN B 2 ? 0.1342 0.3648 0.1973 0.0839  0.0148  0.0177  2002 GPN B "N4'" 
186 C "C3'" . GPN B 2 ? 0.1422 0.3141 0.2489 0.0901  -0.0202 -0.0153 2002 GPN B "C3'" 
187 C "C2'" . GPN B 2 ? 0.1300 0.3650 0.1519 0.0984  0.0428  0.0042  2002 GPN B "C2'" 
188 N N     . GPN B 2 ? 0.1828 0.3599 0.1161 0.1326  0.0144  0.0225  2002 GPN B N     
189 N N9    . GPN B 2 ? 0.1202 0.3292 0.1650 0.0749  -0.0016 0.0584  2002 GPN B N9    
190 C C8    . GPN B 2 ? 0.1825 0.3165 0.1770 0.0558  -0.0126 0.0832  2002 GPN B C8    
191 N N7    . GPN B 2 ? 0.2125 0.2943 0.1654 0.1227  -0.0096 0.0312  2002 GPN B N7    
192 C C5    . GPN B 2 ? 0.1496 0.2852 0.1267 0.0974  0.0175  0.0346  2002 GPN B C5    
193 C C6    . GPN B 2 ? 0.1248 0.2925 0.1381 0.0462  0.0188  0.0633  2002 GPN B C6    
194 O O6    . GPN B 2 ? 0.2273 0.2815 0.1535 0.0594  -0.0316 0.0646  2002 GPN B O6    
195 N N1    . GPN B 2 ? 0.1022 0.2902 0.1291 0.0560  0.0180  0.0569  2002 GPN B N1    
196 C C2    . GPN B 2 ? 0.0806 0.2975 0.1776 0.0407  0.0002  0.0622  2002 GPN B C2    
197 N N2    . GPN B 2 ? 0.1476 0.2938 0.1525 0.0656  0.0210  0.0309  2002 GPN B N2    
198 N N3    . GPN B 2 ? 0.0750 0.3115 0.1370 0.0612  0.0166  0.0385  2002 GPN B N3    
199 C C4    . GPN B 2 ? 0.0817 0.3067 0.1824 0.0733  -0.0038 0.0547  2002 GPN B C4    
200 C "C8'" . CPN B 3 ? 0.1141 0.3194 0.1292 0.0436  -0.0045 0.0527  2003 CPN B "C8'" 
201 C "C7'" . CPN B 3 ? 0.0951 0.3388 0.1203 0.0811  -0.0261 0.0495  2003 CPN B "C7'" 
202 O "O7'" . CPN B 3 ? 0.0712 0.4393 0.1373 0.0932  -0.0171 -0.0209 2003 CPN B "O7'" 
203 C "C5'" . CPN B 3 ? 0.0832 0.3857 0.1259 0.0749  -0.0240 0.0280  2003 CPN B "C5'" 
204 C C     . CPN B 3 ? 0.1282 0.2792 0.1456 0.0368  -0.0420 -0.0468 2003 CPN B C     
205 O O     . CPN B 3 ? 0.1541 0.4137 0.2562 0.1101  0.0323  0.0099  2003 CPN B O     
206 N "N4'" . CPN B 3 ? 0.0853 0.3465 0.1228 0.0688  -0.0207 0.0549  2003 CPN B "N4'" 
207 C "C3'" . CPN B 3 ? 0.1083 0.2802 0.1822 0.0598  -0.0013 0.0507  2003 CPN B "C3'" 
208 C "C2'" . CPN B 3 ? 0.0680 0.3000 0.2066 0.0618  -0.0142 0.0070  2003 CPN B "C2'" 
209 N N     . CPN B 3 ? 0.0715 0.2851 0.1637 0.0571  -0.0170 0.0234  2003 CPN B N     
210 N N1    . CPN B 3 ? 0.1281 0.2885 0.1379 0.0681  -0.0138 0.0429  2003 CPN B N1    
211 C C2    . CPN B 3 ? 0.0647 0.2592 0.1258 0.0549  0.0160  0.0330  2003 CPN B C2    
212 N N3    . CPN B 3 ? 0.1009 0.2579 0.1426 0.0819  -0.0068 0.0063  2003 CPN B N3    
213 C C4    . CPN B 3 ? 0.0935 0.2632 0.1661 0.0502  -0.0126 0.0340  2003 CPN B C4    
214 C C5    . CPN B 3 ? 0.1134 0.2809 0.1531 0.0638  0.0133  0.0497  2003 CPN B C5    
215 C C6    . CPN B 3 ? 0.0911 0.2936 0.1401 0.0634  0.0131  0.0622  2003 CPN B C6    
216 O O2    . CPN B 3 ? 0.0750 0.2533 0.1389 0.0328  0.0070  0.0375  2003 CPN B O2    
217 N N4    . CPN B 3 ? 0.1327 0.2495 0.1901 0.0793  -0.0271 0.0095  2003 CPN B N4    
218 C "C8'" . APN B 4 ? 0.1285 0.2890 0.1857 0.0080  0.0104  -0.0228 2004 APN B "C8'" 
219 C "C7'" . APN B 4 ? 0.0957 0.3468 0.2262 0.0273  -0.0518 -0.0835 2004 APN B "C7'" 
220 O "O7'" . APN B 4 ? 0.0905 0.2734 0.1877 0.0546  -0.0409 -0.0288 2004 APN B "O7'" 
221 C "C5'" . APN B 4 ? 0.1715 0.2829 0.2874 0.0700  0.0398  -0.0151 2004 APN B "C5'" 
222 C C     . APN B 4 ? 0.1990 0.2824 0.4052 0.0879  0.0392  0.0151  2004 APN B C     
223 O O     . APN B 4 ? 0.1857 0.2963 0.3804 0.0951  -0.0074 -0.0912 2004 APN B O     
224 N "N4'" . APN B 4 ? 0.1309 0.2584 0.1955 0.0360  -0.0174 -0.0102 2004 APN B "N4'" 
225 C "C3'" . APN B 4 ? 0.1139 0.2515 0.2447 0.0493  -0.0374 0.0039  2004 APN B "C3'" 
226 C "C2'" . APN B 4 ? 0.1523 0.2816 0.2735 0.0612  -0.0720 -0.0307 2004 APN B "C2'" 
227 N N     . APN B 4 ? 0.1354 0.2711 0.1909 0.0508  -0.0537 -0.0220 2004 APN B N     
228 N N9    . APN B 4 ? 0.0993 0.2745 0.1743 0.0235  -0.0091 -0.0033 2004 APN B N9    
229 C C8    . APN B 4 ? 0.1270 0.2793 0.1885 0.0137  -0.0260 0.0154  2004 APN B C8    
230 N N7    . APN B 4 ? 0.0944 0.2679 0.1518 0.0270  0.0162  0.0088  2004 APN B N7    
231 C C5    . APN B 4 ? 0.1359 0.2669 0.1473 0.0415  -0.0003 -0.0066 2004 APN B C5    
232 C C6    . APN B 4 ? 0.1246 0.2737 0.1539 0.0073  0.0033  0.0096  2004 APN B C6    
233 N N6    . APN B 4 ? 0.1433 0.2824 0.1219 0.0125  0.0218  0.0018  2004 APN B N6    
234 N N1    . APN B 4 ? 0.1374 0.2786 0.1245 0.0581  0.0226  -0.0111 2004 APN B N1    
235 C C2    . APN B 4 ? 0.1080 0.2727 0.1284 0.0466  0.0374  -0.0006 2004 APN B C2    
236 N N3    . APN B 4 ? 0.1327 0.2705 0.1196 0.0215  0.0414  0.0047  2004 APN B N3    
237 C C4    . APN B 4 ? 0.1110 0.2714 0.1495 0.0060  0.0116  0.0135  2004 APN B C4    
238 C "C8'" . TPN B 5 ? 0.0839 0.2029 0.2115 0.0093  -0.0419 -0.0338 2005 TPN B "C8'" 
239 C "C7'" . TPN B 5 ? 0.0559 0.1648 0.2774 0.0215  -0.0437 -0.0177 2005 TPN B "C7'" 
240 O "O7'" . TPN B 5 ? 0.1181 0.1959 0.1747 -0.0206 -0.0323 -0.0171 2005 TPN B "O7'" 
241 C "C5'" . TPN B 5 ? 0.1635 0.1779 0.2236 0.0416  -0.0345 -0.0193 2005 TPN B "C5'" 
242 C C     . TPN B 5 ? 0.1235 0.2012 0.1971 0.0053  -0.0207 -0.0188 2005 TPN B C     
243 O O     . TPN B 5 ? 0.0988 0.2530 0.2105 -0.0117 -0.0083 0.0125  2005 TPN B O     
244 N "N4'" . TPN B 5 ? 0.1190 0.1765 0.2524 -0.0042 -0.0267 -0.0381 2005 TPN B "N4'" 
245 C "C3'" . TPN B 5 ? 0.0766 0.1857 0.3972 -0.0006 -0.0699 -0.0028 2005 TPN B "C3'" 
246 C "C2'" . TPN B 5 ? 0.0915 0.2435 0.4043 -0.0084 -0.0715 -0.0275 2005 TPN B "C2'" 
247 N N     . TPN B 5 ? 0.1372 0.2573 0.3431 0.0101  -0.0754 -0.0371 2005 TPN B N     
248 N N1    . TPN B 5 ? 0.1034 0.2035 0.1325 0.0022  0.0052  -0.0259 2005 TPN B N1    
249 C C6    . TPN B 5 ? 0.0833 0.2204 0.1408 0.0295  0.0256  -0.0178 2005 TPN B C6    
250 C C2    . TPN B 5 ? 0.0705 0.2335 0.1641 -0.0125 -0.0108 -0.0257 2005 TPN B C2    
251 O O2    . TPN B 5 ? 0.1180 0.2484 0.1787 -0.0057 -0.0223 -0.0047 2005 TPN B O2    
252 N N3    . TPN B 5 ? 0.0571 0.2290 0.1543 0.0019  0.0020  -0.0422 2005 TPN B N3    
253 C C4    . TPN B 5 ? 0.0927 0.2455 0.1738 0.0060  0.0070  -0.0209 2005 TPN B C4    
254 O O4    . TPN B 5 ? 0.1315 0.2409 0.1322 -0.0007 0.0023  0.0013  2005 TPN B O4    
255 C C5    . TPN B 5 ? 0.0976 0.2128 0.1472 0.0409  0.0229  -0.0199 2005 TPN B C5    
256 C C5M   . TPN B 5 ? 0.1701 0.2580 0.1785 0.0688  0.0518  0.0345  2005 TPN B C5M   
257 C "C8'" . GPN B 6 ? 0.0524 0.1238 0.1998 -0.0008 -0.0317 -0.0318 2006 GPN B "C8'" 
258 C "C7'" . GPN B 6 ? 0.0833 0.0971 0.1118 0.0028  -0.0270 -0.0131 2006 GPN B "C7'" 
259 O "O7'" . GPN B 6 ? 0.1287 0.0928 0.1409 0.0053  0.0225  -0.0235 2006 GPN B "O7'" 
260 C "C5'" . GPN B 6 ? 0.1087 0.0809 0.1247 -0.0046 -0.0087 -0.0421 2006 GPN B "C5'" 
261 C C     . GPN B 6 ? 0.1243 0.0900 0.1209 0.0127  -0.0085 -0.0290 2006 GPN B C     
262 O O     . GPN B 6 ? 0.1029 0.1517 0.1266 0.0098  -0.0033 0.0008  2006 GPN B O     
263 N "N4'" . GPN B 6 ? 0.1163 0.0972 0.1167 -0.0006 0.0037  -0.0248 2006 GPN B "N4'" 
264 C "C3'" . GPN B 6 ? 0.1537 0.1047 0.1303 -0.0276 -0.0031 -0.0191 2006 GPN B "C3'" 
265 C "C2'" . GPN B 6 ? 0.1119 0.1282 0.1277 -0.0270 -0.0107 -0.0121 2006 GPN B "C2'" 
266 N N     . GPN B 6 ? 0.1490 0.1456 0.1441 0.0009  -0.0165 -0.0084 2006 GPN B N     
267 N N9    . GPN B 6 ? 0.0601 0.1268 0.1460 0.0046  -0.0024 -0.0263 2006 GPN B N9    
268 C C8    . GPN B 6 ? 0.0643 0.1409 0.1352 0.0226  0.0145  -0.0365 2006 GPN B C8    
269 N N7    . GPN B 6 ? 0.0798 0.1320 0.1147 0.0013  0.0217  -0.0170 2006 GPN B N7    
270 C C5    . GPN B 6 ? 0.1314 0.1175 0.0884 -0.0097 0.0190  0.0041  2006 GPN B C5    
271 C C6    . GPN B 6 ? 0.0745 0.1118 0.1363 -0.0088 0.0027  -0.0037 2006 GPN B C6    
272 O O6    . GPN B 6 ? 0.1174 0.1183 0.1409 0.0079  0.0033  -0.0049 2006 GPN B O6    
273 N N1    . GPN B 6 ? 0.1074 0.1176 0.1128 0.0268  0.0125  -0.0247 2006 GPN B N1    
274 C C2    . GPN B 6 ? 0.1174 0.1123 0.1068 0.0005  0.0175  -0.0084 2006 GPN B C2    
275 N N2    . GPN B 6 ? 0.1078 0.1212 0.1175 -0.0004 0.0159  0.0129  2006 GPN B N2    
276 N N3    . GPN B 6 ? 0.0881 0.1097 0.1298 0.0095  0.0087  -0.0125 2006 GPN B N3    
277 C C4    . GPN B 6 ? 0.0497 0.1214 0.1492 0.0167  0.0054  -0.0238 2006 GPN B C4    
278 C "C8'" . CPN B 7 ? 0.1071 0.0794 0.1189 -0.0019 -0.0131 -0.0097 2007 CPN B "C8'" 
279 C "C7'" . CPN B 7 ? 0.1195 0.0887 0.1482 -0.0087 0.0095  -0.0161 2007 CPN B "C7'" 
280 O "O7'" . CPN B 7 ? 0.1528 0.1209 0.1139 -0.0002 0.0254  0.0003  2007 CPN B "O7'" 
281 C "C5'" . CPN B 7 ? 0.0828 0.1305 0.1039 -0.0069 -0.0005 0.0120  2007 CPN B "C5'" 
282 C C     . CPN B 7 ? 0.0887 0.0703 0.1478 -0.0131 -0.0125 -0.0212 2007 CPN B C     
283 O O     . CPN B 7 ? 0.0742 0.1265 0.1635 -0.0100 0.0006  0.0079  2007 CPN B O     
284 N "N4'" . CPN B 7 ? 0.0887 0.1012 0.1179 -0.0031 -0.0052 -0.0167 2007 CPN B "N4'" 
285 C "C3'" . CPN B 7 ? 0.0669 0.1112 0.1071 -0.0022 -0.0017 -0.0147 2007 CPN B "C3'" 
286 C "C2'" . CPN B 7 ? 0.1009 0.0933 0.1311 -0.0080 -0.0204 0.0001  2007 CPN B "C2'" 
287 N N     . CPN B 7 ? 0.0950 0.1013 0.1179 -0.0071 -0.0111 -0.0217 2007 CPN B N     
288 N N1    . CPN B 7 ? 0.1157 0.0768 0.0871 -0.0102 0.0122  -0.0093 2007 CPN B N1    
289 C C2    . CPN B 7 ? 0.0729 0.0816 0.1483 -0.0206 -0.0188 -0.0156 2007 CPN B C2    
290 N N3    . CPN B 7 ? 0.1191 0.0834 0.1398 -0.0009 0.0187  -0.0161 2007 CPN B N3    
291 C C4    . CPN B 7 ? 0.0962 0.0968 0.1476 -0.0007 0.0231  0.0030  2007 CPN B C4    
292 C C5    . CPN B 7 ? 0.0940 0.0990 0.1335 -0.0037 0.0158  0.0089  2007 CPN B C5    
293 C C6    . CPN B 7 ? 0.0976 0.1075 0.1047 0.0302  -0.0021 -0.0241 2007 CPN B C6    
294 O O2    . CPN B 7 ? 0.1005 0.0981 0.1103 -0.0090 -0.0009 -0.0232 2007 CPN B O2    
295 N N4    . CPN B 7 ? 0.1524 0.0938 0.1719 -0.0015 -0.0078 0.0111  2007 CPN B N4    
296 C "C8'" . CPN B 8 ? 0.1406 0.0737 0.1426 -0.0030 0.0419  -0.0214 2008 CPN B "C8'" 
297 C "C7'" . CPN B 8 ? 0.1169 0.0716 0.1771 -0.0235 0.0287  -0.0308 2008 CPN B "C7'" 
298 O "O7'" . CPN B 8 ? 0.1441 0.1127 0.1945 -0.0200 0.0615  -0.0210 2008 CPN B "O7'" 
299 C "C5'" . CPN B 8 ? 0.1280 0.0951 0.2217 -0.0132 0.0224  -0.0511 2008 CPN B "C5'" 
300 C C     . CPN B 8 ? 0.1742 0.1476 0.3824 -0.0715 0.0039  -0.0356 2008 CPN B C     
301 O O     . CPN B 8 ? 0.1821 0.0913 0.4397 -0.0307 -0.1306 -0.0270 2008 CPN B O     
302 N "N4'" . CPN B 8 ? 0.1449 0.0887 0.2035 0.0065  0.0220  -0.0205 2008 CPN B "N4'" 
303 C "C3'" . CPN B 8 ? 0.0702 0.1499 0.1709 -0.0159 -0.0417 -0.0024 2008 CPN B "C3'" 
304 C "C2'" . CPN B 8 ? 0.1590 0.1375 0.1122 -0.0185 -0.0285 0.0238  2008 CPN B "C2'" 
305 N N     . CPN B 8 ? 0.1320 0.0564 0.1266 -0.0115 -0.0190 0.0001  2008 CPN B N     
306 N N1    . CPN B 8 ? 0.1308 0.0737 0.1648 -0.0120 0.0304  -0.0120 2008 CPN B N1    
307 C C2    . CPN B 8 ? 0.1283 0.0790 0.1620 0.0061  0.0235  -0.0212 2008 CPN B C2    
308 N N3    . CPN B 8 ? 0.1563 0.0902 0.1518 0.0251  0.0453  -0.0022 2008 CPN B N3    
309 C C4    . CPN B 8 ? 0.1579 0.0883 0.1492 0.0340  0.0466  -0.0007 2008 CPN B C4    
310 C C5    . CPN B 8 ? 0.0956 0.1049 0.1888 0.0153  0.0318  -0.0070 2008 CPN B C5    
311 C C6    . CPN B 8 ? 0.1306 0.0747 0.2001 -0.0034 -0.0014 -0.0233 2008 CPN B C6    
312 O O2    . CPN B 8 ? 0.1347 0.0807 0.1949 0.0043  0.0003  -0.0228 2008 CPN B O2    
313 N N4    . CPN B 8 ? 0.2586 0.1152 0.1280 0.0765  0.0469  0.0053  2008 CPN B N4    
314 C "C8'" . GPN C 1 ? 0.1915 0.2872 0.2116 0.0952  0.0679  0.0726  3001 GPN C "C8'" 
315 C "C7'" . GPN C 1 ? 0.1697 0.3422 0.1849 0.0965  0.0259  0.0147  3001 GPN C "C7'" 
316 O "O7'" . GPN C 1 ? 0.1642 0.2718 0.1887 0.0826  0.0334  0.0255  3001 GPN C "O7'" 
317 C "C5'" . GPN C 1 ? 0.1454 0.3001 0.1930 0.0749  0.0284  0.0593  3001 GPN C "C5'" 
318 C C     . GPN C 1 ? 0.1469 0.3110 0.1859 0.0818  0.0166  0.0427  3001 GPN C C     
319 O O     . GPN C 1 ? 0.1615 0.3572 0.2005 0.1153  0.0217  0.0448  3001 GPN C O     
320 N "N4'" . GPN C 1 ? 0.1658 0.3161 0.1862 0.0874  0.0357  0.0479  3001 GPN C "N4'" 
321 C "C3'" . GPN C 1 ? 0.1645 0.2768 0.2174 0.1027  0.0244  0.0238  3001 GPN C "C3'" 
322 C "C2'" . GPN C 1 ? 0.2147 0.3221 0.2891 0.0702  -0.0113 0.0856  3001 GPN C "C2'" 
323 N N     . GPN C 1 ? 0.2546 0.2912 0.3633 0.0076  0.0757  0.0687  3001 GPN C N     
324 N N9    . GPN C 1 ? 0.2333 0.2756 0.1980 0.0961  0.0647  0.0448  3001 GPN C N9    
325 C C8    . GPN C 1 ? 0.3432 0.2587 0.2244 0.0812  0.0558  0.0447  3001 GPN C C8    
326 N N7    . GPN C 1 ? 0.3406 0.2591 0.2230 0.0862  0.0352  0.0103  3001 GPN C N7    
327 C C5    . GPN C 1 ? 0.2829 0.2514 0.1787 0.0928  0.0542  0.0123  3001 GPN C C5    
328 C C6    . GPN C 1 ? 0.2443 0.2468 0.1735 0.0645  0.0384  0.0015  3001 GPN C C6    
329 O O6    . GPN C 1 ? 0.2631 0.2427 0.1922 0.0601  0.0218  -0.0003 3001 GPN C O6    
330 N N1    . GPN C 1 ? 0.1928 0.2474 0.1947 0.0333  0.0091  0.0257  3001 GPN C N1    
331 C C2    . GPN C 1 ? 0.1479 0.2520 0.1636 0.0605  0.0481  0.0189  3001 GPN C C2    
332 N N2    . GPN C 1 ? 0.1177 0.2695 0.1727 0.0238  0.0425  0.0167  3001 GPN C N2    
333 N N3    . GPN C 1 ? 0.1602 0.2755 0.1900 0.0572  0.0348  0.0396  3001 GPN C N3    
334 C C4    . GPN C 1 ? 0.1966 0.2632 0.1835 0.0603  0.0618  0.0443  3001 GPN C C4    
335 C "C8'" . GPN C 2 ? 0.1877 0.4051 0.1242 0.1658  0.0132  0.0459  3002 GPN C "C8'" 
336 C "C7'" . GPN C 2 ? 0.1290 0.3814 0.1043 0.1163  -0.0062 0.0727  3002 GPN C "C7'" 
337 O "O7'" . GPN C 2 ? 0.1484 0.3134 0.1375 0.0748  -0.0110 0.0433  3002 GPN C "O7'" 
338 C "C5'" . GPN C 2 ? 0.1320 0.2861 0.1544 0.0982  0.0320  0.0290  3002 GPN C "C5'" 
339 C C     . GPN C 2 ? 0.1022 0.2695 0.1262 0.0525  -0.0240 -0.0007 3002 GPN C C     
340 O O     . GPN C 2 ? 0.1506 0.3175 0.1545 0.1063  0.0039  0.0028  3002 GPN C O     
341 N "N4'" . GPN C 2 ? 0.1208 0.2623 0.1167 0.0729  0.0159  0.0615  3002 GPN C "N4'" 
342 C "C3'" . GPN C 2 ? 0.1224 0.2960 0.1541 0.0608  0.0115  0.0825  3002 GPN C "C3'" 
343 C "C2'" . GPN C 2 ? 0.2079 0.3030 0.2028 0.0929  -0.0748 0.0511  3002 GPN C "C2'" 
344 N N     . GPN C 2 ? 0.1654 0.3004 0.1887 0.0810  -0.0183 0.0610  3002 GPN C N     
345 N N9    . GPN C 2 ? 0.1630 0.3397 0.1220 0.1254  0.0332  0.0682  3002 GPN C N9    
346 C C8    . GPN C 2 ? 0.1819 0.3291 0.1470 0.1589  0.0621  0.0506  3002 GPN C C8    
347 N N7    . GPN C 2 ? 0.1609 0.3162 0.1853 0.0922  0.0385  0.0567  3002 GPN C N7    
348 C C5    . GPN C 2 ? 0.1789 0.3177 0.1400 0.1196  0.0149  0.0350  3002 GPN C C5    
349 C C6    . GPN C 2 ? 0.1799 0.2995 0.1280 0.1338  0.0167  -0.0017 3002 GPN C C6    
350 O O6    . GPN C 2 ? 0.1468 0.3313 0.1522 0.1113  0.0087  -0.0095 3002 GPN C O6    
351 N N1    . GPN C 2 ? 0.1440 0.2974 0.1695 0.0929  0.0017  0.0263  3002 GPN C N1    
352 C C2    . GPN C 2 ? 0.1014 0.2967 0.1336 0.0731  0.0249  0.0505  3002 GPN C C2    
353 N N2    . GPN C 2 ? 0.1228 0.2964 0.1521 0.0504  -0.0019 0.0559  3002 GPN C N2    
354 N N3    . GPN C 2 ? 0.1411 0.3156 0.1502 0.0705  0.0151  0.0663  3002 GPN C N3    
355 C C4    . GPN C 2 ? 0.1742 0.3184 0.1007 0.1102  0.0361  0.0539  3002 GPN C C4    
356 C "C8'" . CPN C 3 ? 0.0943 0.2849 0.1441 0.0671  -0.0022 0.0013  3003 CPN C "C8'" 
357 C "C7'" . CPN C 3 ? 0.1569 0.2210 0.1370 0.0126  0.0385  0.0184  3003 CPN C "C7'" 
358 O "O7'" . CPN C 3 ? 0.1348 0.2702 0.1444 0.0338  0.0128  0.0595  3003 CPN C "O7'" 
359 C "C5'" . CPN C 3 ? 0.2230 0.2300 0.1572 0.0629  0.0290  -0.0142 3003 CPN C "C5'" 
360 C C     . CPN C 3 ? 0.1744 0.3350 0.1813 0.0928  0.0097  0.0024  3003 CPN C C     
361 O O     . CPN C 3 ? 0.2146 0.3895 0.2016 0.0898  0.0356  -0.0783 3003 CPN C O     
362 N "N4'" . CPN C 3 ? 0.1644 0.2637 0.1615 0.0512  0.0105  -0.0100 3003 CPN C "N4'" 
363 C "C3'" . CPN C 3 ? 0.1802 0.2367 0.1251 0.0437  -0.0280 0.0005  3003 CPN C "C3'" 
364 C "C2'" . CPN C 3 ? 0.2150 0.2872 0.1761 0.0632  -0.0499 0.0417  3003 CPN C "C2'" 
365 N N     . CPN C 3 ? 0.1980 0.2913 0.1528 0.0680  -0.0202 0.0411  3003 CPN C N     
366 N N1    . CPN C 3 ? 0.0835 0.2551 0.1323 0.0444  0.0189  0.0162  3003 CPN C N1    
367 C C2    . CPN C 3 ? 0.1890 0.2328 0.1244 0.0327  -0.0074 0.0195  3003 CPN C C2    
368 N N3    . CPN C 3 ? 0.1357 0.2332 0.1090 0.0049  0.0172  0.0386  3003 CPN C N3    
369 C C4    . CPN C 3 ? 0.1599 0.2265 0.1088 0.0654  0.0311  0.0051  3003 CPN C C4    
370 C C5    . CPN C 3 ? 0.1741 0.2334 0.1560 0.0294  0.0026  0.0423  3003 CPN C C5    
371 C C6    . CPN C 3 ? 0.1400 0.2537 0.1594 0.0742  -0.0008 0.0233  3003 CPN C C6    
372 O O2    . CPN C 3 ? 0.2089 0.2244 0.1464 0.0563  -0.0003 0.0036  3003 CPN C O2    
373 N N4    . CPN C 3 ? 0.2842 0.2224 0.1145 -0.0012 -0.0010 0.0383  3003 CPN C N4    
374 C "C8'" . APN C 4 ? 0.0968 0.2353 0.1758 0.0271  -0.0311 -0.0011 3004 APN C "C8'" 
375 C "C7'" . APN C 4 ? 0.1356 0.2071 0.1775 0.0414  -0.0198 0.0055  3004 APN C "C7'" 
376 O "O7'" . APN C 4 ? 0.1611 0.2675 0.1900 0.0043  0.0425  -0.0207 3004 APN C "O7'" 
377 C "C5'" . APN C 4 ? 0.1745 0.2191 0.2646 0.0274  -0.0570 -0.0879 3004 APN C "C5'" 
378 C C     . APN C 4 ? 0.1587 0.2035 0.3141 0.0393  -0.0538 -0.1108 3004 APN C C     
379 O O     . APN C 4 ? 0.1564 0.2864 0.4253 0.0329  0.0256  -0.0911 3004 APN C O     
380 N "N4'" . APN C 4 ? 0.1746 0.2196 0.2738 0.0629  -0.0419 -0.0422 3004 APN C "N4'" 
381 C "C3'" . APN C 4 ? 0.1643 0.2634 0.2534 0.0418  -0.0801 -0.0648 3004 APN C "C3'" 
382 C "C2'" . APN C 4 ? 0.2171 0.2794 0.2374 0.0858  -0.0914 -0.0619 3004 APN C "C2'" 
383 N N     . APN C 4 ? 0.2122 0.2617 0.1853 0.0698  -0.0437 -0.0156 3004 APN C N     
384 N N9    . APN C 4 ? 0.1249 0.2378 0.1316 0.0378  -0.0260 0.0049  3004 APN C N9    
385 C C8    . APN C 4 ? 0.1494 0.2352 0.1342 0.0600  -0.0022 -0.0017 3004 APN C C8    
386 N N7    . APN C 4 ? 0.1582 0.2416 0.1438 0.0124  0.0062  0.0149  3004 APN C N7    
387 C C5    . APN C 4 ? 0.1133 0.2444 0.1322 0.0335  0.0084  -0.0104 3004 APN C C5    
388 C C6    . APN C 4 ? 0.0846 0.2393 0.1329 -0.0007 0.0252  -0.0033 3004 APN C C6    
389 N N6    . APN C 4 ? 0.1259 0.2452 0.1994 -0.0192 -0.0004 -0.0056 3004 APN C N6    
390 N N1    . APN C 4 ? 0.1346 0.2558 0.1538 -0.0318 -0.0078 0.0345  3004 APN C N1    
391 C C2    . APN C 4 ? 0.1174 0.2521 0.1284 -0.0113 -0.0154 0.0316  3004 APN C C2    
392 N N3    . APN C 4 ? 0.1030 0.2532 0.1632 0.0290  -0.0376 0.0154  3004 APN C N3    
393 C C4    . APN C 4 ? 0.0777 0.2420 0.1224 0.0332  -0.0023 0.0002  3004 APN C C4    
394 C "C8'" . TPN C 5 ? 0.1795 0.2451 0.1756 -0.0422 0.0599  0.0032  3005 TPN C "C8'" 
395 C "C7'" . TPN C 5 ? 0.1166 0.2007 0.1706 -0.0013 -0.0268 -0.0028 3005 TPN C "C7'" 
396 O "O7'" . TPN C 5 ? 0.0945 0.2146 0.1919 0.0071  0.0022  -0.0509 3005 TPN C "O7'" 
397 C "C5'" . TPN C 5 ? 0.1168 0.1821 0.2772 0.0143  -0.1114 -0.0650 3005 TPN C "C5'" 
398 C C     . TPN C 5 ? 0.0933 0.1104 0.2483 -0.0122 -0.0504 -0.0007 3005 TPN C C     
399 O O     . TPN C 5 ? 0.1512 0.1974 0.2933 -0.0033 -0.0237 0.0706  3005 TPN C O     
400 N "N4'" . TPN C 5 ? 0.1219 0.1750 0.3088 0.0338  -0.0687 0.0214  3005 TPN C "N4'" 
401 C "C3'" . TPN C 5 ? 0.1592 0.2178 0.3710 -0.0262 -0.0944 0.0440  3005 TPN C "C3'" 
402 C "C2'" . TPN C 5 ? 0.1020 0.2173 0.4324 0.0491  -0.0912 -0.0401 3005 TPN C "C2'" 
403 N N     . TPN C 5 ? 0.1516 0.1811 0.3289 0.0479  -0.0729 -0.0695 3005 TPN C N     
404 N N1    . TPN C 5 ? 0.1226 0.2423 0.1717 0.0055  0.0229  -0.0106 3005 TPN C N1    
405 C C6    . TPN C 5 ? 0.1513 0.2543 0.1743 -0.0542 -0.0129 0.0246  3005 TPN C C6    
406 C C2    . TPN C 5 ? 0.1994 0.2057 0.0823 -0.0009 0.0561  0.0158  3005 TPN C C2    
407 O O2    . TPN C 5 ? 0.2129 0.1819 0.1507 -0.0166 0.0204  0.0259  3005 TPN C O2    
408 N N3    . TPN C 5 ? 0.1789 0.1956 0.1434 0.0142  0.0176  0.0126  3005 TPN C N3    
409 C C4    . TPN C 5 ? 0.1498 0.1950 0.1354 0.0467  0.0091  -0.0183 3005 TPN C C4    
410 O O4    . TPN C 5 ? 0.1930 0.1874 0.1727 0.0079  0.0143  -0.0061 3005 TPN C O4    
411 C C5    . TPN C 5 ? 0.1215 0.2534 0.1570 -0.0345 0.0067  0.0129  3005 TPN C C5    
412 C C5M   . TPN C 5 ? 0.2153 0.2530 0.1343 -0.0407 -0.0382 0.0002  3005 TPN C C5M   
413 C "C8'" . GPN C 6 ? 0.1243 0.1058 0.1181 -0.0014 0.0392  -0.0253 3006 GPN C "C8'" 
414 C "C7'" . GPN C 6 ? 0.0946 0.1086 0.1161 -0.0058 -0.0027 -0.0202 3006 GPN C "C7'" 
415 O "O7'" . GPN C 6 ? 0.0943 0.1184 0.1234 -0.0077 -0.0152 -0.0076 3006 GPN C "O7'" 
416 C "C5'" . GPN C 6 ? 0.0768 0.1356 0.1230 0.0218  -0.0229 -0.0096 3006 GPN C "C5'" 
417 C C     . GPN C 6 ? 0.0745 0.1052 0.1069 -0.0105 -0.0188 0.0090  3006 GPN C C     
418 O O     . GPN C 6 ? 0.0693 0.0956 0.1317 -0.0039 -0.0072 -0.0116 3006 GPN C O     
419 N "N4'" . GPN C 6 ? 0.0792 0.1143 0.1197 0.0006  -0.0164 -0.0232 3006 GPN C "N4'" 
420 C "C3'" . GPN C 6 ? 0.0831 0.1066 0.1574 0.0002  -0.0317 -0.0123 3006 GPN C "C3'" 
421 C "C2'" . GPN C 6 ? 0.1074 0.1084 0.2221 0.0118  -0.0636 -0.0370 3006 GPN C "C2'" 
422 N N     . GPN C 6 ? 0.0881 0.1345 0.2165 -0.0026 -0.0659 -0.0435 3006 GPN C N     
423 N N9    . GPN C 6 ? 0.1421 0.1124 0.1042 0.0167  -0.0086 -0.0227 3006 GPN C N9    
424 C C8    . GPN C 6 ? 0.1412 0.1302 0.1479 0.0014  -0.0347 -0.0030 3006 GPN C C8    
425 N N7    . GPN C 6 ? 0.1326 0.1288 0.1600 0.0092  -0.0188 -0.0057 3006 GPN C N7    
426 C C5    . GPN C 6 ? 0.0894 0.1191 0.1807 0.0293  -0.0231 -0.0401 3006 GPN C C5    
427 C C6    . GPN C 6 ? 0.1338 0.1045 0.1308 0.0195  0.0266  -0.0320 3006 GPN C C6    
428 O O6    . GPN C 6 ? 0.1740 0.1066 0.1407 0.0196  0.0338  -0.0194 3006 GPN C O6    
429 N N1    . GPN C 6 ? 0.1215 0.1051 0.1310 -0.0281 0.0287  -0.0103 3006 GPN C N1    
430 C C2    . GPN C 6 ? 0.0650 0.1157 0.1087 -0.0023 0.0294  -0.0318 3006 GPN C C2    
431 N N2    . GPN C 6 ? 0.1246 0.1256 0.1042 -0.0119 0.0067  -0.0360 3006 GPN C N2    
432 N N3    . GPN C 6 ? 0.0856 0.1126 0.1092 -0.0104 0.0125  -0.0260 3006 GPN C N3    
433 C C4    . GPN C 6 ? 0.0999 0.1074 0.1108 -0.0116 0.0070  -0.0163 3006 GPN C C4    
434 C "C8'" . CPN C 7 ? 0.1014 0.1033 0.0973 0.0000  0.0329  -0.0143 3007 CPN C "C8'" 
435 C "C7'" . CPN C 7 ? 0.0911 0.0797 0.0838 -0.0107 0.0035  -0.0275 3007 CPN C "C7'" 
436 O "O7'" . CPN C 7 ? 0.0948 0.0817 0.1459 0.0021  0.0294  -0.0044 3007 CPN C "O7'" 
437 C "C5'" . CPN C 7 ? 0.1131 0.0738 0.1201 0.0106  -0.0022 -0.0383 3007 CPN C "C5'" 
438 C C     . CPN C 7 ? 0.1161 0.0962 0.1159 -0.0142 -0.0035 0.0048  3007 CPN C C     
439 O O     . CPN C 7 ? 0.1155 0.0820 0.1431 0.0031  -0.0060 -0.0117 3007 CPN C O     
440 N "N4'" . CPN C 7 ? 0.1157 0.0861 0.0857 0.0016  0.0085  -0.0183 3007 CPN C "N4'" 
441 C "C3'" . CPN C 7 ? 0.1406 0.0975 0.0986 -0.0236 -0.0149 -0.0040 3007 CPN C "C3'" 
442 C "C2'" . CPN C 7 ? 0.1004 0.0994 0.1037 -0.0092 -0.0142 -0.0162 3007 CPN C "C2'" 
443 N N     . CPN C 7 ? 0.0941 0.0976 0.1148 -0.0042 -0.0100 -0.0086 3007 CPN C N     
444 N N1    . CPN C 7 ? 0.1016 0.1176 0.1230 0.0124  0.0051  -0.0191 3007 CPN C N1    
445 C C2    . CPN C 7 ? 0.1501 0.1087 0.0668 0.0209  0.0206  -0.0142 3007 CPN C C2    
446 N N3    . CPN C 7 ? 0.1059 0.1077 0.0959 -0.0009 0.0161  0.0022  3007 CPN C N3    
447 C C4    . CPN C 7 ? 0.1414 0.1047 0.0881 -0.0085 0.0042  -0.0044 3007 CPN C C4    
448 C C5    . CPN C 7 ? 0.2523 0.1139 0.0877 0.0161  -0.0100 -0.0236 3007 CPN C C5    
449 C C6    . CPN C 7 ? 0.1220 0.1156 0.1263 -0.0268 -0.0128 -0.0024 3007 CPN C C6    
450 O O2    . CPN C 7 ? 0.1233 0.1079 0.1078 0.0081  0.0023  -0.0019 3007 CPN C O2    
451 N N4    . CPN C 7 ? 0.2116 0.1053 0.1054 0.0195  -0.0097 -0.0003 3007 CPN C N4    
452 C "C8'" . CPN C 8 ? 0.1061 0.1074 0.1768 -0.0214 0.0230  0.0151  3008 CPN C "C8'" 
453 C "C7'" . CPN C 8 ? 0.1062 0.1073 0.1322 -0.0089 0.0079  -0.0035 3008 CPN C "C7'" 
454 O "O7'" . CPN C 8 ? 0.1295 0.1053 0.1796 0.0146  0.0389  0.0216  3008 CPN C "O7'" 
455 C "C5'" . CPN C 8 ? 0.1301 0.1168 0.2209 0.0059  0.0294  -0.0010 3008 CPN C "C5'" 
456 C C     . CPN C 8 ? 0.0739 0.1228 0.3265 0.0507  -0.0065 -0.0184 3008 CPN C C     
457 O O     . CPN C 8 ? 0.1218 0.1807 0.5122 -0.0167 0.0729  -0.1549 3008 CPN C O     
458 N "N4'" . CPN C 8 ? 0.1148 0.0935 0.1361 -0.0206 0.0031  -0.0088 3008 CPN C "N4'" 
459 C "C3'" . CPN C 8 ? 0.1609 0.0803 0.1086 -0.0103 -0.0141 -0.0247 3008 CPN C "C3'" 
460 C "C2'" . CPN C 8 ? 0.0795 0.0844 0.1411 -0.0149 -0.0219 -0.0087 3008 CPN C "C2'" 
461 N N     . CPN C 8 ? 0.0985 0.1269 0.1141 -0.0127 -0.0145 -0.0123 3008 CPN C N     
462 N N1    . CPN C 8 ? 0.0840 0.1024 0.1450 -0.0086 0.0232  -0.0103 3008 CPN C N1    
463 C C2    . CPN C 8 ? 0.1165 0.1037 0.1479 -0.0294 0.0427  -0.0143 3008 CPN C C2    
464 N N3    . CPN C 8 ? 0.1189 0.1003 0.1626 -0.0297 0.0342  -0.0104 3008 CPN C N3    
465 C C4    . CPN C 8 ? 0.1454 0.1307 0.1707 -0.0493 0.0219  0.0134  3008 CPN C C4    
466 C C5    . CPN C 8 ? 0.1450 0.1488 0.1202 -0.0271 0.0064  -0.0071 3008 CPN C C5    
467 C C6    . CPN C 8 ? 0.1479 0.1318 0.1319 -0.0335 0.0158  -0.0082 3008 CPN C C6    
468 O O2    . CPN C 8 ? 0.1445 0.1227 0.1570 -0.0060 0.0232  -0.0338 3008 CPN C O2    
469 N N4    . CPN C 8 ? 0.1502 0.1498 0.2236 -0.0395 -0.0204 0.0156  3008 CPN C N4    
470 N N     . LYS C 9 ? 0.0971 0.1269 0.2453 -0.0033 -0.0140 -0.0099 3009 LYS C N     
471 C CA    . LYS C 9 ? 0.0974 0.2787 0.2945 -0.0177 -0.0051 -0.0049 3009 LYS C CA    
472 C C     . LYS C 9 ? 0.1412 0.2981 0.4084 -0.0264 0.0833  -0.0438 3009 LYS C C     
473 C "C8'" . GPN D 1 ? 0.2335 0.1168 0.1982 -0.0254 0.0807  -0.0222 4001 GPN D "C8'" 
474 C "C7'" . GPN D 1 ? 0.2013 0.1079 0.1931 -0.0412 0.0677  -0.0393 4001 GPN D "C7'" 
475 O "O7'" . GPN D 1 ? 0.1809 0.1496 0.1610 -0.0158 0.0361  -0.0278 4001 GPN D "O7'" 
476 C "C5'" . GPN D 1 ? 0.2021 0.1189 0.1748 -0.0322 0.0643  -0.0158 4001 GPN D "C5'" 
477 C C     . GPN D 1 ? 0.2108 0.1235 0.1402 -0.0245 0.0584  -0.0168 4001 GPN D C     
478 O O     . GPN D 1 ? 0.1804 0.1818 0.1153 -0.0487 0.0342  -0.0243 4001 GPN D O     
479 N "N4'" . GPN D 1 ? 0.1587 0.1170 0.1895 -0.0490 0.0580  -0.0220 4001 GPN D "N4'" 
480 C "C3'" . GPN D 1 ? 0.2003 0.1881 0.3228 -0.0856 0.0215  -0.0681 4001 GPN D "C3'" 
481 N N9    . GPN D 1 ? 0.2161 0.0904 0.1952 -0.0460 0.0922  -0.0139 4001 GPN D N9    
482 C C8    . GPN D 1 ? 0.3029 0.0984 0.1724 -0.0022 0.0952  -0.0181 4001 GPN D C8    
483 N N7    . GPN D 1 ? 0.3381 0.0919 0.1691 0.0107  0.0754  -0.0101 4001 GPN D N7    
484 C C5    . GPN D 1 ? 0.2701 0.0874 0.1800 -0.0047 0.0706  -0.0045 4001 GPN D C5    
485 C C6    . GPN D 1 ? 0.2785 0.0902 0.1513 0.0006  0.0687  0.0077  4001 GPN D C6    
486 O O6    . GPN D 1 ? 0.3256 0.1245 0.1440 0.0589  0.0463  -0.0095 4001 GPN D O6    
487 N N1    . GPN D 1 ? 0.2169 0.0956 0.1672 0.0139  0.0458  -0.0120 4001 GPN D N1    
488 C C2    . GPN D 1 ? 0.1573 0.0955 0.1732 -0.0174 0.0593  -0.0106 4001 GPN D C2    
489 N N2    . GPN D 1 ? 0.1509 0.1155 0.1650 0.0229  0.0526  -0.0238 4001 GPN D N2    
490 N N3    . GPN D 1 ? 0.1857 0.1120 0.2004 -0.0004 0.0493  -0.0353 4001 GPN D N3    
491 C C4    . GPN D 1 ? 0.2507 0.0922 0.2256 -0.0254 0.0375  -0.0130 4001 GPN D C4    
492 C "C8'" . GPN D 2 ? 0.1458 0.0893 0.1737 -0.0460 0.0196  -0.0334 4002 GPN D "C8'" 
493 C "C7'" . GPN D 2 ? 0.1748 0.0743 0.1510 -0.0584 0.0100  -0.0441 4002 GPN D "C7'" 
494 O "O7'" . GPN D 2 ? 0.1610 0.1263 0.1439 -0.0491 0.0341  -0.0611 4002 GPN D "O7'" 
495 C "C5'" . GPN D 2 ? 0.1601 0.1315 0.1653 -0.0081 0.0253  -0.0044 4002 GPN D "C5'" 
496 C C     . GPN D 2 ? 0.1666 0.1350 0.1108 -0.0440 0.0062  -0.0279 4002 GPN D C     
497 O O     . GPN D 2 ? 0.1816 0.1534 0.1499 -0.0433 0.0413  -0.0139 4002 GPN D O     
498 N "N4'" . GPN D 2 ? 0.1612 0.0964 0.1537 -0.0464 0.0197  -0.0447 4002 GPN D "N4'" 
499 C "C3'" . GPN D 2 ? 0.1556 0.0943 0.1481 -0.0055 0.0197  -0.0236 4002 GPN D "C3'" 
500 C "C2'" . GPN D 2 ? 0.1380 0.1160 0.1773 -0.0422 0.0084  -0.0291 4002 GPN D "C2'" 
501 N N     . GPN D 2 ? 0.1779 0.1050 0.1392 -0.0520 0.0290  -0.0400 4002 GPN D N     
502 N N9    . GPN D 2 ? 0.1735 0.0939 0.1462 -0.0131 0.0400  -0.0369 4002 GPN D N9    
503 C C8    . GPN D 2 ? 0.1850 0.0845 0.1643 -0.0392 0.0392  -0.0126 4002 GPN D C8    
504 N N7    . GPN D 2 ? 0.1764 0.0816 0.1608 -0.0271 0.0418  -0.0164 4002 GPN D N7    
505 C C5    . GPN D 2 ? 0.1334 0.0823 0.1371 -0.0179 0.0508  -0.0167 4002 GPN D C5    
506 C C6    . GPN D 2 ? 0.1242 0.0990 0.1817 0.0085  -0.0036 -0.0328 4002 GPN D C6    
507 O O6    . GPN D 2 ? 0.1786 0.1017 0.1533 0.0166  0.0113  -0.0107 4002 GPN D O6    
508 N N1    . GPN D 2 ? 0.1112 0.0960 0.1221 -0.0081 0.0102  -0.0289 4002 GPN D N1    
509 C C2    . GPN D 2 ? 0.1284 0.0971 0.1118 -0.0119 0.0123  -0.0279 4002 GPN D C2    
510 N N2    . GPN D 2 ? 0.0990 0.0977 0.1163 -0.0143 0.0007  -0.0319 4002 GPN D N2    
511 N N3    . GPN D 2 ? 0.1091 0.0996 0.1414 -0.0186 0.0007  -0.0360 4002 GPN D N3    
512 C C4    . GPN D 2 ? 0.1033 0.0882 0.1731 -0.0391 0.0231  -0.0240 4002 GPN D C4    
513 C "C8'" . CPN D 3 ? 0.1428 0.1791 0.1191 -0.0305 0.0317  -0.0361 4003 CPN D "C8'" 
514 C "C7'" . CPN D 3 ? 0.1329 0.0925 0.1448 -0.0331 0.0185  -0.0096 4003 CPN D "C7'" 
515 O "O7'" . CPN D 3 ? 0.1297 0.1346 0.1453 -0.0159 0.0378  -0.0105 4003 CPN D "O7'" 
516 C "C5'" . CPN D 3 ? 0.1844 0.1722 0.1283 -0.0704 0.0400  -0.0402 4003 CPN D "C5'" 
517 C C     . CPN D 3 ? 0.1609 0.1588 0.0947 -0.0505 -0.0051 -0.0051 4003 CPN D C     
518 O O     . CPN D 3 ? 0.1563 0.2299 0.1329 -0.0500 0.0173  0.0152  4003 CPN D O     
519 N "N4'" . CPN D 3 ? 0.1389 0.1132 0.1358 -0.0251 0.0238  -0.0126 4003 CPN D "N4'" 
520 C "C3'" . CPN D 3 ? 0.1480 0.1275 0.1259 -0.0164 0.0035  -0.0297 4003 CPN D "C3'" 
521 C "C2'" . CPN D 3 ? 0.1586 0.1163 0.1795 -0.0580 0.0112  -0.0210 4003 CPN D "C2'" 
522 N N     . CPN D 3 ? 0.1823 0.1227 0.1134 -0.0347 0.0135  -0.0109 4003 CPN D N     
523 N N1    . CPN D 3 ? 0.1055 0.1372 0.1295 -0.0344 0.0397  -0.0396 4003 CPN D N1    
524 C C2    . CPN D 3 ? 0.1676 0.1076 0.0833 -0.0549 0.0481  -0.0059 4003 CPN D C2    
525 N N3    . CPN D 3 ? 0.2161 0.1047 0.1074 -0.0302 0.0154  -0.0123 4003 CPN D N3    
526 C C4    . CPN D 3 ? 0.1081 0.1023 0.1446 -0.0312 0.0604  -0.0177 4003 CPN D C4    
527 C C5    . CPN D 3 ? 0.1234 0.1168 0.1879 -0.0052 0.0524  -0.0550 4003 CPN D C5    
528 C C6    . CPN D 3 ? 0.1335 0.1146 0.1642 -0.0542 0.0602  -0.0251 4003 CPN D C6    
529 O O2    . CPN D 3 ? 0.1270 0.1228 0.1446 -0.0247 -0.0010 -0.0117 4003 CPN D O2    
530 N N4    . CPN D 3 ? 0.1980 0.1072 0.1340 -0.0019 0.0511  -0.0053 4003 CPN D N4    
531 C "C8'" . APN D 4 ? 0.1172 0.2103 0.1576 -0.0403 -0.0181 0.0377  4004 APN D "C8'" 
532 C "C7'" . APN D 4 ? 0.1338 0.1897 0.2005 -0.0174 0.0101  0.0455  4004 APN D "C7'" 
533 O "O7'" . APN D 4 ? 0.1374 0.1881 0.1565 -0.0092 0.0394  0.0128  4004 APN D "O7'" 
534 C "C5'" . APN D 4 ? 0.1776 0.2714 0.2133 -0.0760 -0.0105 0.0883  4004 APN D "C5'" 
535 C C     . APN D 4 ? 0.1938 0.2015 0.3308 -0.0671 -0.0500 0.1495  4004 APN D C     
536 O O     . APN D 4 ? 0.1939 0.2470 0.5337 -0.0212 0.0451  0.2177  4004 APN D O     
537 N "N4'" . APN D 4 ? 0.1574 0.1399 0.1949 -0.0166 0.0319  0.0218  4004 APN D "N4'" 
538 C "C3'" . APN D 4 ? 0.1608 0.1232 0.1634 -0.0313 -0.0307 0.0064  4004 APN D "C3'" 
539 C "C2'" . APN D 4 ? 0.2125 0.1720 0.1689 -0.0844 -0.0194 -0.0287 4004 APN D "C2'" 
540 N N     . APN D 4 ? 0.1812 0.1526 0.1410 -0.0377 -0.0215 -0.0229 4004 APN D N     
541 N N9    . APN D 4 ? 0.1148 0.1790 0.1325 -0.0081 0.0003  0.0043  4004 APN D N9    
542 C C8    . APN D 4 ? 0.1531 0.1797 0.1348 -0.0356 0.0094  -0.0033 4004 APN D C8    
543 N N7    . APN D 4 ? 0.1581 0.1658 0.1285 0.0055  0.0249  -0.0112 4004 APN D N7    
544 C C5    . APN D 4 ? 0.1828 0.1738 0.0902 0.0235  0.0187  -0.0100 4004 APN D C5    
545 C C6    . APN D 4 ? 0.1298 0.1864 0.0950 0.0168  0.0299  0.0039  4004 APN D C6    
546 N N6    . APN D 4 ? 0.1413 0.2032 0.1343 0.0450  0.0224  -0.0011 4004 APN D N6    
547 N N1    . APN D 4 ? 0.1342 0.1962 0.1054 0.0233  0.0121  -0.0132 4004 APN D N1    
548 C C2    . APN D 4 ? 0.1081 0.1850 0.1052 0.0178  0.0309  -0.0180 4004 APN D C2    
549 N N3    . APN D 4 ? 0.1091 0.1694 0.1103 -0.0027 0.0280  0.0058  4004 APN D N3    
550 C C4    . APN D 4 ? 0.0864 0.1642 0.1172 -0.0056 0.0228  0.0014  4004 APN D C4    
551 C "C8'" . TPN D 5 ? 0.1748 0.3510 0.1367 0.0221  0.0118  -0.0299 4005 TPN D "C8'" 
552 C "C7'" . TPN D 5 ? 0.1438 0.2478 0.1797 -0.0092 -0.0501 -0.0194 4005 TPN D "C7'" 
553 O "O7'" . TPN D 5 ? 0.1812 0.3129 0.1725 0.0288  0.0195  0.0820  4005 TPN D "O7'" 
554 C "C5'" . TPN D 5 ? 0.2341 0.2031 0.1554 0.0470  -0.1008 -0.0101 4005 TPN D "C5'" 
555 C C     . TPN D 5 ? 0.2241 0.1750 0.2232 0.0476  -0.0788 -0.0389 4005 TPN D C     
556 O O     . TPN D 5 ? 0.2923 0.2269 0.1710 -0.0493 -0.0549 -0.0203 4005 TPN D O     
557 N "N4'" . TPN D 5 ? 0.2432 0.2279 0.2448 0.0169  -0.0600 -0.0329 4005 TPN D "N4'" 
558 C "C3'" . TPN D 5 ? 0.2090 0.2313 0.2283 0.0010  -0.0945 -0.0143 4005 TPN D "C3'" 
559 C "C2'" . TPN D 5 ? 0.1869 0.2361 0.4845 -0.1115 -0.1178 0.0732  4005 TPN D "C2'" 
560 N N     . TPN D 5 ? 0.2636 0.1828 0.3431 -0.0845 -0.1077 0.0839  4005 TPN D N     
561 N N1    . TPN D 5 ? 0.1317 0.3274 0.1760 -0.0513 0.0058  0.0093  4005 TPN D N1    
562 C C6    . TPN D 5 ? 0.0801 0.3419 0.1741 -0.0269 0.0268  -0.0198 4005 TPN D C6    
563 C C2    . TPN D 5 ? 0.1448 0.3102 0.1490 0.0095  0.0211  -0.0229 4005 TPN D C2    
564 O O2    . TPN D 5 ? 0.1240 0.2945 0.1883 -0.0094 -0.0089 0.0067  4005 TPN D O2    
565 N N3    . TPN D 5 ? 0.1596 0.2960 0.1180 0.0099  0.0401  -0.0357 4005 TPN D N3    
566 C C4    . TPN D 5 ? 0.1439 0.3088 0.1094 0.0119  0.0509  -0.0428 4005 TPN D C4    
567 O O4    . TPN D 5 ? 0.1466 0.2967 0.1927 0.0113  0.0161  -0.0333 4005 TPN D O4    
568 C C5    . TPN D 5 ? 0.1573 0.3625 0.1979 0.0251  -0.0320 -0.0749 4005 TPN D C5    
569 C C5M   . TPN D 5 ? 0.1356 0.3609 0.2066 0.0189  -0.0464 -0.0663 4005 TPN D C5M   
570 C "C8'" . GPN D 6 ? 0.2252 0.2519 0.1349 0.0797  0.0669  0.0577  4006 GPN D "C8'" 
571 C "C7'" . GPN D 6 ? 0.1570 0.2357 0.1478 0.0111  -0.0243 0.0022  4006 GPN D "C7'" 
572 O "O7'" . GPN D 6 ? 0.1527 0.2483 0.1928 0.0141  -0.0129 0.0040  4006 GPN D "O7'" 
573 C "C5'" . GPN D 6 ? 0.1694 0.2976 0.2509 -0.0241 -0.0350 0.0661  4006 GPN D "C5'" 
574 C C     . GPN D 6 ? 0.1779 0.3285 0.2606 -0.0447 -0.0399 0.0862  4006 GPN D C     
575 O O     . GPN D 6 ? 0.2441 0.4249 0.3291 -0.1440 0.0210  0.0172  4006 GPN D O     
576 N "N4'" . GPN D 6 ? 0.1641 0.2578 0.1682 0.0087  -0.0469 0.0439  4006 GPN D "N4'" 
577 C "C3'" . GPN D 6 ? 0.2378 0.2501 0.1725 0.0336  -0.0690 -0.0079 4006 GPN D "C3'" 
578 C "C2'" . GPN D 6 ? 0.2669 0.2286 0.2890 -0.0158 -0.1421 0.0853  4006 GPN D "C2'" 
579 N N     . GPN D 6 ? 0.2535 0.2065 0.1703 0.0143  -0.0802 0.0309  4006 GPN D N     
580 N N9    . GPN D 6 ? 0.1396 0.2430 0.1342 0.0582  -0.0010 0.0234  4006 GPN D N9    
581 C C8    . GPN D 6 ? 0.1872 0.2824 0.1570 -0.0122 -0.0418 0.0454  4006 GPN D C8    
582 N N7    . GPN D 6 ? 0.2137 0.2545 0.1588 -0.0233 -0.0543 0.0328  4006 GPN D N7    
583 C C5    . GPN D 6 ? 0.1750 0.2292 0.1220 -0.0020 -0.0130 0.0334  4006 GPN D C5    
584 C C6    . GPN D 6 ? 0.1313 0.1899 0.1241 0.0028  0.0042  0.0187  4006 GPN D C6    
585 O O6    . GPN D 6 ? 0.1851 0.1847 0.1528 0.0032  0.0361  0.0109  4006 GPN D O6    
586 N N1    . GPN D 6 ? 0.1112 0.1812 0.1560 0.0337  -0.0193 0.0044  4006 GPN D N1    
587 C C2    . GPN D 6 ? 0.1242 0.1828 0.1187 0.0194  0.0059  0.0167  4006 GPN D C2    
588 N N2    . GPN D 6 ? 0.1088 0.1970 0.1804 0.0160  -0.0209 -0.0072 4006 GPN D N2    
589 N N3    . GPN D 6 ? 0.1509 0.2015 0.1132 0.0304  0.0167  0.0327  4006 GPN D N3    
590 C C4    . GPN D 6 ? 0.1230 0.2220 0.1320 0.0156  -0.0022 0.0358  4006 GPN D C4    
591 C "C8'" . CPN D 7 ? 0.1231 0.2552 0.2242 0.0249  0.0233  0.0258  4007 CPN D "C8'" 
592 C "C7'" . CPN D 7 ? 0.1126 0.2496 0.1861 0.0224  -0.0112 0.0329  4007 CPN D "C7'" 
593 O "O7'" . CPN D 7 ? 0.1275 0.2730 0.1983 0.0495  0.0255  0.0676  4007 CPN D "O7'" 
594 C "C5'" . CPN D 7 ? 0.1827 0.3724 0.2738 -0.0793 -0.0080 0.0469  4007 CPN D "C5'" 
595 C C     . CPN D 7 ? 0.1981 0.3233 0.3261 -0.0079 -0.0447 0.0405  4007 CPN D C     
596 O O     . CPN D 7 ? 0.1708 0.3727 0.3619 -0.0175 -0.0352 -0.0454 4007 CPN D O     
597 N "N4'" . CPN D 7 ? 0.1833 0.2556 0.2598 -0.0104 0.0297  0.0250  4007 CPN D "N4'" 
598 C "C3'" . CPN D 7 ? 0.1859 0.2756 0.2673 0.0209  -0.0714 -0.0468 4007 CPN D "C3'" 
599 C "C2'" . CPN D 7 ? 0.1443 0.3325 0.3275 0.0102  -0.0679 0.0136  4007 CPN D "C2'" 
600 N N     . CPN D 7 ? 0.1421 0.2526 0.2667 0.0186  -0.0433 0.0429  4007 CPN D N     
601 N N1    . CPN D 7 ? 0.0915 0.2551 0.1846 0.0314  0.0183  0.0327  4007 CPN D N1    
602 C C2    . CPN D 7 ? 0.0991 0.2680 0.1505 0.0117  0.0358  0.0379  4007 CPN D C2    
603 N N3    . CPN D 7 ? 0.1085 0.2660 0.1708 0.0576  0.0142  0.0210  4007 CPN D N3    
604 C C4    . CPN D 7 ? 0.1711 0.2522 0.1690 0.0341  0.0015  0.0350  4007 CPN D C4    
605 C C5    . CPN D 7 ? 0.1334 0.2584 0.2113 0.0004  -0.0328 0.0495  4007 CPN D C5    
606 C C6    . CPN D 7 ? 0.1767 0.2586 0.2023 0.0075  -0.0296 0.0506  4007 CPN D C6    
607 O O2    . CPN D 7 ? 0.1181 0.2845 0.1828 0.0451  0.0114  0.0060  4007 CPN D O2    
608 N N4    . CPN D 7 ? 0.4140 0.2514 0.1376 0.0734  -0.0076 0.0128  4007 CPN D N4    
609 C "C8'" . CPN D 8 ? 0.1164 0.2941 0.2089 0.0566  0.0093  0.0503  4008 CPN D "C8'" 
610 C "C7'" . CPN D 8 ? 0.1697 0.2141 0.1930 0.0571  0.0594  0.0547  4008 CPN D "C7'" 
611 O "O7'" . CPN D 8 ? 0.2173 0.2353 0.2511 0.0462  0.0943  0.0340  4008 CPN D "O7'" 
612 C "C5'" . CPN D 8 ? 0.1558 0.2688 0.5058 0.0091  0.0763  0.0530  4008 CPN D "C5'" 
613 N "N4'" . CPN D 8 ? 0.2076 0.2358 0.2235 0.0442  0.0220  0.0329  4008 CPN D "N4'" 
614 C "C3'" . CPN D 8 ? 0.2734 0.2917 0.2566 0.1290  -0.0387 -0.0245 4008 CPN D "C3'" 
615 C "C2'" . CPN D 8 ? 0.2878 0.3086 0.3279 0.1410  -0.0697 -0.0115 4008 CPN D "C2'" 
616 N N     . CPN D 8 ? 0.2598 0.2869 0.3029 0.1184  -0.0404 0.0091  4008 CPN D N     
617 N N1    . CPN D 8 ? 0.1030 0.3058 0.2087 0.0280  0.0322  0.0525  4008 CPN D N1    
618 C C2    . CPN D 8 ? 0.0770 0.2784 0.1823 0.0493  0.0111  -0.0064 4008 CPN D C2    
619 N N3    . CPN D 8 ? 0.0793 0.2933 0.2272 0.0412  0.0097  -0.0344 4008 CPN D N3    
620 C C4    . CPN D 8 ? 0.1254 0.2432 0.1991 0.0142  0.0083  0.0154  4008 CPN D C4    
621 C C5    . CPN D 8 ? 0.1228 0.2648 0.2133 0.0233  0.0626  0.0553  4008 CPN D C5    
622 C C6    . CPN D 8 ? 0.0564 0.2585 0.2201 0.0228  0.0293  0.0788  4008 CPN D C6    
623 O O2    . CPN D 8 ? 0.1338 0.2976 0.2073 0.0629  -0.0244 -0.0314 4008 CPN D O2    
624 N N4    . CPN D 8 ? 0.2330 0.2445 0.1631 -0.0018 0.0301  0.0059  4008 CPN D N4    
625 C C1    . EDO E . ? 0.1243 0.1255 0.2062 -0.0054 0.0262  -0.0343 5003 EDO A C1    
626 O O1    . EDO E . ? 0.1208 0.1265 0.1395 -0.0075 0.0171  -0.0223 5003 EDO A O1    
627 C C2    . EDO E . ? 0.1524 0.1249 0.2070 -0.0053 -0.0342 -0.0320 5003 EDO A C2    
628 O O2    . EDO E . ? 0.1745 0.1222 0.1860 -0.0186 -0.0479 -0.0070 5003 EDO A O2    
629 C C1    . EDO F . ? 0.2983 0.2210 0.5108 -0.0321 0.0176  -0.1466 5005 EDO A C1    
630 O O1    . EDO F . ? 0.2659 0.1896 0.1772 -0.0783 0.0823  -0.0813 5005 EDO A O1    
631 C C2    . EDO F . ? 0.3613 0.2125 0.4699 -0.0474 -0.1223 -0.1651 5005 EDO A C2    
632 O O2    . EDO F . ? 0.3599 0.2216 0.2683 -0.0867 -0.0446 -0.0804 5005 EDO A O2    
633 C C1    . EDO G . ? 0.1618 0.2799 0.2909 0.0360  0.0387  0.0190  5004 EDO B C1    
634 O O1    . EDO G . ? 0.1895 0.3127 0.1561 0.0062  0.0118  0.0323  5004 EDO B O1    
635 C C2    . EDO G . ? 0.2148 0.2681 0.2722 0.0199  0.0124  0.0018  5004 EDO B C2    
636 O O2    . EDO G . ? 0.3134 0.3249 0.3235 0.0456  -0.0497 0.0442  5004 EDO B O2    
637 C C1    . EDO H . ? 0.1665 0.1481 0.2065 0.0119  -0.0105 -0.0256 5001 EDO D C1    
638 O O1    . EDO H . ? 0.2068 0.1779 0.1681 0.0323  -0.0333 -0.0112 5001 EDO D O1    
639 C C2    . EDO H . ? 0.1845 0.1537 0.2309 0.0352  -0.0026 -0.0084 5001 EDO D C2    
640 O O2    . EDO H . ? 0.1716 0.1043 0.1732 -0.0108 0.0048  -0.0303 5001 EDO D O2    
641 C C1    . EDO I . ? 0.1621 0.1919 0.1862 -0.0021 0.0128  -0.0332 5002 EDO D C1    
642 O O1    . EDO I . ? 0.3079 0.1726 0.1754 0.0205  -0.0466 -0.0250 5002 EDO D O1    
643 C C2    . EDO I . ? 0.1603 0.1729 0.2713 -0.0686 0.0068  -0.0055 5002 EDO D C2    
644 O O2    . EDO I . ? 0.1522 0.1308 0.2477 -0.0163 0.0687  -0.0080 5002 EDO D O2    
645 O O     . HOH J . ? 0.2747 0.0815 0.1461 0.0095  -0.0989 -0.0135 9004 HOH A O     
646 O O     . HOH J . ? 0.2098 0.3787 0.2423 0.0001  -0.0294 0.0468  9006 HOH A O     
647 O O     . HOH J . ? 0.1412 0.4516 0.2403 -0.0123 -0.0110 0.0439  9014 HOH A O     
648 O O     . HOH J . ? 0.1545 0.1304 0.1437 -0.0182 0.0280  -0.0128 9015 HOH A O     
649 O O     . HOH J . ? 0.1268 0.2484 0.3943 -0.0154 -0.0461 0.1343  9021 HOH A O     
650 O O     . HOH J . ? 0.2129 0.3011 0.3793 -0.0192 -0.1172 0.0654  9028 HOH A O     
651 O O     . HOH J . ? 0.2476 0.2577 0.0930 0.0802  -0.0496 -0.0295 9030 HOH A O     
652 O O     . HOH J . ? 0.2668 0.2674 0.4123 0.0741  0.1525  0.0951  9037 HOH A O     
653 O O     . HOH J . ? 0.4792 0.2376 0.4820 -0.1003 -0.0158 0.0987  9041 HOH A O     
654 O O     . HOH J . ? 0.1539 0.2517 0.2024 -0.0579 -0.0052 -0.0381 9044 HOH A O     
655 O O     . HOH J . ? 0.4753 0.6454 0.4483 -0.0117 -0.0078 0.1495  9051 HOH A O     
656 O O     . HOH J . ? 0.5864 0.1632 0.2997 0.0695  -0.0007 0.0324  9055 HOH A O     
657 O O     . HOH J . ? 0.4352 0.4380 0.2645 0.0489  -0.0989 -0.0111 9057 HOH A O     
658 O O     . HOH J . ? 0.7561 0.5370 0.4888 0.0397  -0.0142 -0.0461 9062 HOH A O     
659 O O     . HOH J . ? 0.1654 0.4470 0.2056 0.0273  0.0037  -0.0117 9064 HOH A O     
660 O O     . HOH J . ? 0.3403 0.2858 0.4589 0.0234  0.0669  -0.1152 9069 HOH A O     
661 O O     . HOH J . ? 0.2125 0.1282 0.2514 -0.0529 0.0111  -0.0596 9076 HOH A O     
662 O O     . HOH J . ? 0.3585 0.2500 0.2736 0.0672  -0.0160 -0.0582 9080 HOH A O     
663 O O     . HOH J . ? 0.4471 0.1546 0.1733 0.0847  0.0291  0.0399  9083 HOH A O     
664 O O     . HOH J . ? 0.3893 0.3885 0.3856 0.0608  0.0155  0.0716  9090 HOH A O     
665 O O     . HOH J . ? 0.4445 0.2532 0.7347 -0.0202 0.0960  0.1184  9097 HOH A O     
666 O O     . HOH J . ? 0.4723 0.4276 0.3330 -0.0020 -0.1075 -0.0282 9105 HOH A O     
667 O O     . HOH J . ? 0.4660 0.2176 0.4830 0.0827  -0.0491 -0.0651 9108 HOH A O     
668 O O     . HOH J . ? 0.3438 0.5048 0.3950 -0.0818 -0.0450 -0.1101 9110 HOH A O     
669 O O     . HOH J . ? 0.3757 0.6422 0.5721 -0.0355 0.0918  -0.0349 9113 HOH A O     
670 O O     . HOH J . ? 0.5702 0.6756 0.6304 -0.0292 0.0427  -0.0544 9115 HOH A O     
671 O O     . HOH J . ? 0.2577 0.4755 0.3789 -0.0341 0.0605  -0.0523 9118 HOH A O     
672 O O     . HOH J . ? 0.5466 0.3544 0.3614 -0.0610 -0.1040 -0.0876 9120 HOH A O     
673 O O     . HOH J . ? 0.7504 0.3256 0.3359 -0.0088 -0.0700 -0.1168 9125 HOH A O     
674 O O     . HOH J . ? 0.3452 0.3969 0.2303 0.0335  0.0328  0.0452  9134 HOH A O     
675 O O     . HOH J . ? 0.2922 0.4019 0.2024 0.0691  -0.0071 -0.0244 9139 HOH A O     
676 O O     . HOH J . ? 0.3894 0.4943 0.3519 0.1217  0.0303  -0.0990 9141 HOH A O     
677 O O     . HOH J . ? 0.3560 0.3533 0.4013 -0.0944 0.0422  -0.0422 9145 HOH A O     
678 O O     . HOH J . ? 0.7600 0.3792 0.3974 -0.0837 0.0264  -0.0441 9146 HOH A O     
679 O O     . HOH J . ? 0.6075 0.4726 0.4368 -0.1211 0.1462  -0.0736 9148 HOH A O     
680 O O     . HOH J . ? 0.2255 0.5035 0.3033 0.0801  0.0107  0.1214  9149 HOH A O     
681 O O     . HOH J . ? 0.3797 0.4074 0.5749 0.0326  -0.0007 -0.2001 9152 HOH A O     
682 O O     . HOH J . ? 0.4989 0.5480 0.4313 -0.0759 0.0256  -0.1381 9153 HOH A O     
683 O O     . HOH J . ? 0.5641 0.4801 0.2644 0.0454  0.0126  0.1550  9154 HOH A O     
684 O O     . HOH J . ? 0.5895 0.4572 0.4810 0.1256  0.0156  0.0054  9155 HOH A O     
685 O O     . HOH J . ? 0.2919 0.2291 0.4649 -0.0489 0.0261  -0.0806 9173 HOH A O     
686 O O     . HOH J . ? 0.5030 0.5433 0.6197 0.0974  -0.0460 0.0729  9180 HOH A O     
687 O O     . HOH J . ? 0.2933 0.5037 0.8115 0.1260  0.1651  0.2161  9181 HOH A O     
688 O O     . HOH J . ? 0.2981 0.5842 0.5392 -0.0139 -0.0586 0.1584  9186 HOH A O     
689 O O     . HOH J . ? 0.5055 0.6395 0.7355 -0.2349 -0.1896 -0.0101 9188 HOH A O     
706 O O     . HOH K . ? 0.1207 0.1069 0.1367 0.0096  0.0050  -0.0099 9001 HOH B O     
707 O O     . HOH K . ? 0.1176 0.1387 0.1108 -0.0148 0.0166  0.0329  9002 HOH B O     
708 O O     . HOH K . ? 0.1403 0.3012 0.2314 0.0323  -0.0203 0.0444  9005 HOH B O     
709 O O     . HOH K . ? 0.1878 0.2696 0.3572 0.0516  0.0926  0.0330  9008 HOH B O     
710 O O     . HOH K . ? 0.2952 0.2593 0.2045 0.0702  0.0118  -0.0104 9013 HOH B O     
711 O O     . HOH K . ? 0.2469 0.3914 0.2049 0.1254  0.0517  -0.0029 9018 HOH B O     
712 O O     . HOH K . ? 0.2278 0.3230 0.3432 0.0043  0.0608  0.0686  9022 HOH B O     
713 O O     . HOH K . ? 0.2494 0.3756 0.2284 0.0641  -0.0538 -0.0221 9024 HOH B O     
714 O O     . HOH K . ? 0.3145 0.3445 0.4763 0.0570  0.0205  0.1094  9027 HOH B O     
715 O O     . HOH K . ? 0.1739 0.2209 0.2650 0.0128  -0.0433 0.0316  9034 HOH B O     
716 O O     . HOH K . ? 0.3459 0.3391 0.2579 0.0438  0.0126  0.0722  9038 HOH B O     
717 O O     . HOH K . ? 0.6524 0.6365 0.3661 0.1086  -0.0797 -0.1691 9042 HOH B O     
718 O O     . HOH K . ? 0.1515 0.2132 0.3396 0.0361  0.0328  0.0990  9045 HOH B O     
719 O O     . HOH K . ? 0.2988 0.4438 0.2220 0.1498  0.1288  0.1462  9053 HOH B O     
720 O O     . HOH K . ? 0.5268 0.3450 0.4486 0.1613  -0.0112 -0.1218 9066 HOH B O     
721 O O     . HOH K . ? 0.2396 0.1000 0.1978 0.0121  -0.0225 -0.0045 9067 HOH B O     
722 O O     . HOH K . ? 0.3133 0.4782 0.3327 0.0108  0.0303  -0.0433 9068 HOH B O     
723 O O     . HOH K . ? 0.5288 0.4870 0.3716 0.1055  -0.2889 -0.0491 9071 HOH B O     
724 O O     . HOH K . ? 0.2937 0.2633 0.3046 0.0245  0.0478  -0.0214 9074 HOH B O     
725 O O     . HOH K . ? 0.1489 0.1893 0.1863 0.0433  -0.0729 0.0276  9075 HOH B O     
726 O O     . HOH K . ? 0.2439 0.1865 0.2874 -0.0072 0.0121  0.0652  9077 HOH B O     
727 O O     . HOH K . ? 0.5267 0.3613 0.5284 0.2265  -0.3220 -0.0636 9078 HOH B O     
728 O O     . HOH K . ? 0.1646 0.1747 0.2116 -0.0126 -0.0348 -0.0042 9079 HOH B O     
729 O O     . HOH K . ? 0.5968 0.1361 0.2990 0.0730  0.1361  0.0696  9081 HOH B O     
730 O O     . HOH K . ? 0.3890 0.3120 0.5108 0.0700  -0.1831 -0.1051 9082 HOH B O     
731 O O     . HOH K . ? 0.3858 0.3719 0.6617 -0.0710 0.1476  -0.0764 9084 HOH B O     
732 O O     . HOH K . ? 0.5462 0.6441 0.4983 -0.0501 0.0265  0.3154  9095 HOH B O     
733 O O     . HOH K . ? 0.5171 0.6871 0.3919 -0.0494 -0.0555 0.1100  9099 HOH B O     
734 O O     . HOH K . ? 0.4504 0.3819 0.2159 0.0112  -0.0551 0.0705  9111 HOH B O     
735 O O     . HOH K . ? 0.4162 0.2658 0.3808 -0.1886 0.1098  -0.1188 9117 HOH B O     
736 O O     . HOH K . ? 0.2704 0.3131 0.4259 0.0361  -0.0141 0.0817  9124 HOH B O     
737 O O     . HOH K . ? 0.6974 0.5063 0.4821 0.0350  -0.0583 0.1135  9127 HOH B O     
738 O O     . HOH K . ? 0.4066 0.2851 0.4109 -0.0592 -0.1512 0.0576  9129 HOH B O     
739 O O     . HOH K . ? 0.4891 0.6078 0.2995 -0.0056 -0.1578 0.0178  9130 HOH B O     
740 O O     . HOH K . ? 0.5008 0.2846 0.5446 0.0487  0.0208  0.0101  9131 HOH B O     
741 O O     . HOH K . ? 0.6307 0.5252 0.5212 0.1999  0.0090  0.0843  9132 HOH B O     
742 O O     . HOH K . ? 0.3602 0.3371 0.5621 0.0843  -0.0242 0.0744  9135 HOH B O     
743 O O     . HOH K . ? 0.3261 0.5121 0.2527 0.0813  -0.0142 0.1205  9140 HOH B O     
744 O O     . HOH K . ? 0.3941 0.4437 0.4182 -0.1572 -0.0683 0.0254  9142 HOH B O     
745 O O     . HOH K . ? 0.5291 0.5200 0.1930 -0.1226 0.0087  -0.0384 9147 HOH B O     
746 O O     . HOH K . ? 0.4621 0.3927 0.5475 0.1935  -0.1490 0.1172  9157 HOH B O     
747 O O     . HOH K . ? 0.3862 0.3940 0.4825 -0.0402 -0.0516 -0.0290 9162 HOH B O     
748 O O     . HOH K . ? 0.6756 0.5305 0.6798 0.1265  0.0931  -0.1801 9163 HOH B O     
749 O O     . HOH K . ? 0.4383 0.5697 0.3788 -0.0542 -0.1252 -0.0271 9165 HOH B O     
750 O O     . HOH K . ? 0.3497 0.4118 0.1561 0.0483  -0.0882 0.0702  9166 HOH B O     
751 O O     . HOH K . ? 0.3210 0.3220 0.3666 0.0964  0.0265  0.1068  9168 HOH B O     
752 O O     . HOH K . ? 0.7790 0.7900 0.3285 -0.1273 -0.1780 -0.0467 9172 HOH B O     
753 O O     . HOH K . ? 0.3516 0.3948 0.3511 -0.0251 -0.0119 -0.0890 9174 HOH B O     
754 O O     . HOH K . ? 0.4070 0.6122 0.5495 -0.0332 0.1160  0.2097  9175 HOH B O     
755 O O     . HOH K . ? 0.2820 0.6132 0.6385 0.1185  0.1990  0.2010  9177 HOH B O     
756 O O     . HOH K . ? 0.4219 0.3825 0.4313 -0.0385 0.0023  -0.2036 9179 HOH B O     
757 O O     . HOH K . ? 0.6333 0.6163 0.7363 0.0725  0.1783  -0.1834 9182 HOH B O     
774 O O     . HOH L . ? 0.3320 0.3862 0.2446 -0.0418 -0.1030 -0.0238 9007 HOH C O     
775 O O     . HOH L . ? 0.1297 0.1999 0.1756 0.0413  -0.0339 -0.0756 9009 HOH C O     
776 O O     . HOH L . ? 0.0896 0.3339 0.2096 0.0223  -0.0140 0.0680  9011 HOH C O     
777 O O     . HOH L . ? 0.4571 0.3351 0.1995 0.1823  0.0361  0.0779  9016 HOH C O     
778 O O     . HOH L . ? 0.2252 0.5831 0.1597 0.0988  -0.0148 0.0854  9017 HOH C O     
779 O O     . HOH L . ? 0.2794 0.3164 0.2209 0.0007  0.0258  0.0360  9019 HOH C O     
780 O O     . HOH L . ? 0.1768 0.1451 0.1175 -0.0167 -0.0036 -0.0363 9020 HOH C O     
781 O O     . HOH L . ? 0.1235 0.3162 0.3951 0.0663  -0.0452 -0.0359 9026 HOH C O     
782 O O     . HOH L . ? 0.3279 0.4216 0.5402 -0.1011 0.0229  -0.0628 9032 HOH C O     
783 O O     . HOH L . ? 0.6460 0.2020 0.3742 0.0903  -0.0337 0.0930  9035 HOH C O     
784 O O     . HOH L . ? 0.1955 0.3656 0.1673 0.0873  0.0239  0.0208  9039 HOH C O     
785 O O     . HOH L . ? 0.2088 0.4185 0.2643 0.0886  0.0436  0.1609  9049 HOH C O     
786 O O     . HOH L . ? 0.3613 0.2741 0.4768 -0.0738 -0.1642 0.1239  9054 HOH C O     
787 O O     . HOH L . ? 0.4958 0.6277 0.7275 -0.0251 -0.0253 0.0072  9058 HOH C O     
788 O O     . HOH L . ? 0.5315 0.6400 0.3000 -0.1278 -0.0625 -0.0687 9059 HOH C O     
789 O O     . HOH L . ? 0.2367 0.2493 0.1839 0.0610  -0.0334 -0.0003 9060 HOH C O     
790 O O     . HOH L . ? 0.3258 0.2176 0.2824 0.0146  0.1542  0.0478  9073 HOH C O     
791 O O     . HOH L . ? 0.5945 0.5731 0.6551 -0.0249 0.0944  0.0863  9093 HOH C O     
792 O O     . HOH L . ? 0.7266 0.5563 0.6731 0.0821  -0.0117 -0.2059 9096 HOH C O     
793 O O     . HOH L . ? 0.4708 0.2903 0.2449 0.0242  -0.0131 0.0861  9098 HOH C O     
794 O O     . HOH L . ? 0.3422 0.2935 0.2334 -0.1028 0.0936  -0.0494 9100 HOH C O     
795 O O     . HOH L . ? 0.5607 0.2849 0.5282 0.0774  -0.1471 -0.0914 9101 HOH C O     
796 O O     . HOH L . ? 0.1982 0.5349 0.2797 -0.0398 0.0458  0.1755  9106 HOH C O     
797 O O     . HOH L . ? 0.4609 0.3944 0.3624 -0.0691 0.1625  0.0058  9112 HOH C O     
798 O O     . HOH L . ? 0.5578 0.3798 0.4898 0.0756  -0.0662 -0.1401 9116 HOH C O     
799 O O     . HOH L . ? 0.2995 0.4238 0.1663 0.0751  -0.0233 0.0646  9119 HOH C O     
800 O O     . HOH L . ? 0.3507 0.2885 0.4010 0.0300  -0.0106 -0.0022 9121 HOH C O     
801 O O     . HOH L . ? 0.5730 0.4484 0.3379 0.0066  -0.2950 0.1556  9122 HOH C O     
802 O O     . HOH L . ? 0.3618 0.4096 0.4929 -0.0513 -0.0687 -0.0852 9126 HOH C O     
803 O O     . HOH L . ? 0.2440 0.4474 0.4519 0.0416  -0.0403 0.0237  9133 HOH C O     
804 O O     . HOH L . ? 0.4844 0.4676 0.5442 -0.1612 -0.1786 -0.0392 9136 HOH C O     
805 O O     . HOH L . ? 0.4555 0.3832 0.2323 -0.1242 -0.0834 0.1010  9143 HOH C O     
806 O O     . HOH L . ? 0.5678 0.4346 0.5415 -0.0051 -0.0602 -0.0382 9144 HOH C O     
807 O O     . HOH L . ? 0.3696 0.3219 0.3921 0.0439  0.0070  -0.1212 9150 HOH C O     
808 O O     . HOH L . ? 0.3873 0.2008 0.4565 0.1072  0.2211  0.0719  9151 HOH C O     
809 O O     . HOH L . ? 0.5866 0.4236 0.3252 0.1385  -0.0947 -0.0236 9156 HOH C O     
810 O O     . HOH L . ? 0.4270 0.2921 0.4078 0.0059  -0.1114 0.0081  9158 HOH C O     
811 O O     . HOH L . ? 0.3456 0.4026 0.4097 0.0262  -0.0615 0.0136  9160 HOH C O     
812 O O     . HOH L . ? 0.1555 0.6086 0.6208 0.0370  -0.0316 0.0889  9167 HOH C O     
813 O O     . HOH L . ? 0.8327 0.3575 0.7004 0.1505  0.0299  0.0645  9169 HOH C O     
814 O O     . HOH L . ? 0.3861 0.2755 0.4262 -0.0171 -0.1287 0.1487  9171 HOH C O     
815 O O     . HOH L . ? 0.6902 0.3723 0.5836 0.0844  -0.0688 0.0136  9183 HOH C O     
816 O O     . HOH L . ? 0.7133 0.7032 0.6518 -0.1168 -0.2266 -0.0154 9185 HOH C O     
817 O O     . HOH L . ? 0.7143 0.2496 0.4351 0.1277  0.1131  0.1067  9187 HOH C O     
818 O O     . HOH L . ? 0.5800 0.3308 0.3685 0.2183  0.1640  0.0354  9189 HOH C O     
834 O O     . HOH M . ? 0.2612 0.2433 0.2202 -0.0189 -0.0489 0.0579  9003 HOH D O     
835 O O     . HOH M . ? 0.1686 0.1541 0.1699 0.0037  0.0072  -0.0349 9010 HOH D O     
836 O O     . HOH M . ? 0.1359 0.1474 0.1069 -0.0047 0.0322  0.0112  9012 HOH D O     
837 O O     . HOH M . ? 0.5684 0.5875 0.6327 -0.1273 0.0266  0.0835  9023 HOH D O     
838 O O     . HOH M . ? 0.3995 0.2288 0.2756 -0.0633 0.1522  -0.1094 9025 HOH D O     
839 O O     . HOH M . ? 0.1865 0.1680 0.2828 0.0083  -0.0749 -0.0819 9029 HOH D O     
840 O O     . HOH M . ? 0.2541 0.2495 0.5177 -0.0464 0.0639  -0.1083 9031 HOH D O     
841 O O     . HOH M . ? 0.1892 0.3567 0.3258 0.0229  -0.0076 -0.0286 9033 HOH D O     
842 O O     . HOH M . ? 0.4055 0.3894 0.2619 0.0573  0.1077  -0.0563 9036 HOH D O     
843 O O     . HOH M . ? 0.4530 0.3682 0.4077 0.1038  -0.0322 0.0166  9040 HOH D O     
844 O O     . HOH M . ? 0.6452 0.4352 0.5243 0.0629  -0.0878 0.0658  9043 HOH D O     
845 O O     . HOH M . ? 0.8104 0.4714 0.5415 0.0940  0.0210  0.0265  9046 HOH D O     
846 O O     . HOH M . ? 0.2837 0.3473 0.2137 0.0971  -0.0792 -0.0501 9047 HOH D O     
847 O O     . HOH M . ? 0.2761 0.3336 0.1986 -0.0046 0.0695  0.0280  9048 HOH D O     
848 O O     . HOH M . ? 0.5765 0.7293 0.6826 -0.1178 0.1613  0.1606  9050 HOH D O     
849 O O     . HOH M . ? 0.5849 0.6489 0.5237 -0.0239 -0.0447 -0.0429 9052 HOH D O     
850 O O     . HOH M . ? 0.4181 0.3188 0.2208 0.1326  -0.0811 -0.0623 9056 HOH D O     
851 O O     . HOH M . ? 0.1966 0.3975 0.3028 -0.0304 0.0308  0.0627  9061 HOH D O     
852 O O     . HOH M . ? 0.6144 0.5754 0.4229 0.0020  -0.0549 0.1219  9063 HOH D O     
853 O O     . HOH M . ? 0.3177 0.4993 0.7630 0.0188  0.0353  0.2568  9065 HOH D O     
854 O O     . HOH M . ? 0.3365 0.5487 0.4133 -0.1121 0.0857  0.1643  9070 HOH D O     
855 O O     . HOH M . ? 0.3451 0.2147 0.3796 0.0834  -0.0243 -0.0354 9072 HOH D O     
856 O O     . HOH M . ? 0.6733 0.6728 0.5816 -0.2011 -0.0442 0.0361  9085 HOH D O     
857 O O     . HOH M . ? 0.3339 0.5205 0.2946 0.2318  0.1757  0.0752  9086 HOH D O     
858 O O     . HOH M . ? 0.4788 0.4004 0.4590 0.0162  0.0132  -0.0723 9087 HOH D O     
859 O O     . HOH M . ? 0.1062 0.2616 0.3724 -0.0087 -0.0187 -0.0222 9088 HOH D O     
860 O O     . HOH M . ? 0.5489 0.3076 0.2747 0.1349  -0.0924 -0.0028 9089 HOH D O     
861 O O     . HOH M . ? 0.3374 0.6524 0.5987 0.1049  -0.0358 0.2018  9091 HOH D O     
862 O O     . HOH M . ? 0.6320 0.3405 0.7415 0.0254  0.0224  0.0748  9092 HOH D O     
863 O O     . HOH M . ? 0.5911 0.3867 0.5186 -0.0588 -0.0883 0.0387  9094 HOH D O     
864 O O     . HOH M . ? 0.4155 0.1755 0.4633 0.0444  -0.1795 -0.0436 9102 HOH D O     
865 O O     . HOH M . ? 0.3426 0.2478 0.3529 -0.0233 -0.0496 -0.0680 9103 HOH D O     
866 O O     . HOH M . ? 0.2819 0.2664 0.3099 0.0153  -0.0347 -0.0086 9104 HOH D O     
867 O O     . HOH M . ? 0.5223 0.5779 0.3258 -0.2373 -0.1621 0.1369  9107 HOH D O     
868 O O     . HOH M . ? 0.3840 0.3473 0.6554 0.0297  -0.0227 -0.2193 9109 HOH D O     
869 O O     . HOH M . ? 0.5514 0.3073 0.4555 -0.0026 -0.1912 0.0216  9114 HOH D O     
870 O O     . HOH M . ? 0.3926 0.5014 0.5135 -0.0466 -0.0190 -0.1928 9123 HOH D O     
871 O O     . HOH M . ? 0.4752 0.4918 0.3625 -0.0194 0.0318  0.1163  9128 HOH D O     
872 O O     . HOH M . ? 0.2711 0.3175 0.4535 -0.0488 0.0654  -0.0284 9137 HOH D O     
873 O O     . HOH M . ? 0.4821 0.6994 0.8956 0.0104  0.0687  -0.0450 9138 HOH D O     
874 O O     . HOH M . ? 0.4310 0.4134 0.5049 0.1135  0.1859  -0.0900 9159 HOH D O     
875 O O     . HOH M . ? 0.5422 0.3467 0.4460 0.0284  0.0795  0.0497  9161 HOH D O     
876 O O     . HOH M . ? 0.3184 0.5412 0.3930 -0.0075 -0.0366 0.0994  9164 HOH D O     
877 O O     . HOH M . ? 0.3370 0.3783 0.6289 0.0272  0.1790  0.0770  9176 HOH D O     
878 O O     . HOH M . ? 0.6859 0.2826 0.5820 0.1159  -0.0935 0.2058  9184 HOH D O     
# 
loop_
_pdbx_poly_seq_scheme.asym_id 
_pdbx_poly_seq_scheme.entity_id 
_pdbx_poly_seq_scheme.seq_id 
_pdbx_poly_seq_scheme.mon_id 
_pdbx_poly_seq_scheme.ndb_seq_num 
_pdbx_poly_seq_scheme.pdb_seq_num 
_pdbx_poly_seq_scheme.auth_seq_num 
_pdbx_poly_seq_scheme.pdb_mon_id 
_pdbx_poly_seq_scheme.auth_mon_id 
_pdbx_poly_seq_scheme.pdb_strand_id 
_pdbx_poly_seq_scheme.pdb_ins_code 
_pdbx_poly_seq_scheme.hetero 
A 1 1 GPN 1 1001 1001 GPN GPN A . n 
A 1 2 GPN 2 1002 1002 GPN GPN A . n 
A 1 3 CPN 3 1003 1003 CPN CPN A . n 
A 1 4 APN 4 1004 1004 APN APN A . n 
A 1 5 TPN 5 1005 1005 TPN TPN A . n 
A 1 6 GPN 6 1006 1006 GPN GPN A . n 
A 1 7 CPN 7 1007 1007 CPN CPN A . n 
A 1 8 CPN 8 1008 1008 CPN CPN A . n 
A 1 9 LYS 9 1009 1009 LYS LYS A . n 
B 1 1 GPN 1 2001 2001 GPN GPN B . n 
B 1 2 GPN 2 2002 2002 GPN GPN B . n 
B 1 3 CPN 3 2003 2003 CPN CPN B . n 
B 1 4 APN 4 2004 2004 APN APN B . n 
B 1 5 TPN 5 2005 2005 TPN TPN B . n 
B 1 6 GPN 6 2006 2006 GPN GPN B . n 
B 1 7 CPN 7 2007 2007 CPN CPN B . n 
B 1 8 CPN 8 2008 2008 CPN CPN B . n 
B 1 9 LYS 9 2009 ?    ?   ?   B . n 
C 1 1 GPN 1 3001 3001 GPN GPN C . n 
C 1 2 GPN 2 3002 3002 GPN GPN C . n 
C 1 3 CPN 3 3003 3003 CPN CPN C . n 
C 1 4 APN 4 3004 3004 APN APN C . n 
C 1 5 TPN 5 3005 3005 TPN TPN C . n 
C 1 6 GPN 6 3006 3006 GPN GPN C . n 
C 1 7 CPN 7 3007 3007 CPN CPN C . n 
C 1 8 CPN 8 3008 3008 CPN CPN C . n 
C 1 9 LYS 9 3009 3009 LYS LYS C . n 
D 1 1 GPN 1 4001 4001 GPN GPN D . n 
D 1 2 GPN 2 4002 4002 GPN GPN D . n 
D 1 3 CPN 3 4003 4003 CPN CPN D . n 
D 1 4 APN 4 4004 4004 APN APN D . n 
D 1 5 TPN 5 4005 4005 TPN TPN D . n 
D 1 6 GPN 6 4006 4006 GPN GPN D . n 
D 1 7 CPN 7 4007 4007 CPN CPN D . n 
D 1 8 CPN 8 4008 4008 CPN CPN D . n 
D 1 9 LYS 9 4009 ?    ?   ?   D . n 
# 
loop_
_pdbx_nonpoly_scheme.asym_id 
_pdbx_nonpoly_scheme.entity_id 
_pdbx_nonpoly_scheme.mon_id 
_pdbx_nonpoly_scheme.ndb_seq_num 
_pdbx_nonpoly_scheme.pdb_seq_num 
_pdbx_nonpoly_scheme.auth_seq_num 
_pdbx_nonpoly_scheme.pdb_mon_id 
_pdbx_nonpoly_scheme.auth_mon_id 
_pdbx_nonpoly_scheme.pdb_strand_id 
_pdbx_nonpoly_scheme.pdb_ins_code 
E 2 EDO 1  5003 5003 EDO EDO A . 
F 2 EDO 1  5005 5005 EDO EDO A . 
G 2 EDO 1  5004 5004 EDO EDO B . 
H 2 EDO 1  5001 5001 EDO EDO D . 
I 2 EDO 1  5002 5002 EDO EDO D . 
J 3 HOH 1  9004 9004 HOH HOH A . 
J 3 HOH 2  9006 9006 HOH HOH A . 
J 3 HOH 3  9014 9014 HOH HOH A . 
J 3 HOH 4  9015 9015 HOH HOH A . 
J 3 HOH 5  9021 9021 HOH HOH A . 
J 3 HOH 6  9028 9028 HOH HOH A . 
J 3 HOH 7  9030 9030 HOH HOH A . 
J 3 HOH 8  9037 9037 HOH HOH A . 
J 3 HOH 9  9041 9041 HOH HOH A . 
J 3 HOH 10 9044 9044 HOH HOH A . 
J 3 HOH 11 9051 9051 HOH HOH A . 
J 3 HOH 12 9055 9055 HOH HOH A . 
J 3 HOH 13 9057 9057 HOH HOH A . 
J 3 HOH 14 9062 9062 HOH HOH A . 
J 3 HOH 15 9064 9064 HOH HOH A . 
J 3 HOH 16 9069 9069 HOH HOH A . 
J 3 HOH 17 9076 9076 HOH HOH A . 
J 3 HOH 18 9080 9080 HOH HOH A . 
J 3 HOH 19 9083 9083 HOH HOH A . 
J 3 HOH 20 9090 9090 HOH HOH A . 
J 3 HOH 21 9097 9097 HOH HOH A . 
J 3 HOH 22 9105 9105 HOH HOH A . 
J 3 HOH 23 9108 9108 HOH HOH A . 
J 3 HOH 24 9110 9110 HOH HOH A . 
J 3 HOH 25 9113 9113 HOH HOH A . 
J 3 HOH 26 9115 9115 HOH HOH A . 
J 3 HOH 27 9118 9118 HOH HOH A . 
J 3 HOH 28 9120 9120 HOH HOH A . 
J 3 HOH 29 9125 9125 HOH HOH A . 
J 3 HOH 30 9134 9134 HOH HOH A . 
J 3 HOH 31 9139 9139 HOH HOH A . 
J 3 HOH 32 9141 9141 HOH HOH A . 
J 3 HOH 33 9145 9145 HOH HOH A . 
J 3 HOH 34 9146 9146 HOH HOH A . 
J 3 HOH 35 9148 9148 HOH HOH A . 
J 3 HOH 36 9149 9149 HOH HOH A . 
J 3 HOH 37 9152 9152 HOH HOH A . 
J 3 HOH 38 9153 9153 HOH HOH A . 
J 3 HOH 39 9154 9154 HOH HOH A . 
J 3 HOH 40 9155 9155 HOH HOH A . 
J 3 HOH 41 9173 9173 HOH HOH A . 
J 3 HOH 42 9180 9180 HOH HOH A . 
J 3 HOH 43 9181 9181 HOH HOH A . 
J 3 HOH 44 9186 9186 HOH HOH A . 
J 3 HOH 45 9188 9188 HOH HOH A . 
J 3 HOH 46 9191 9191 HOH HOH A . 
J 3 HOH 47 9196 9196 HOH HOH A . 
J 3 HOH 48 9199 9199 HOH HOH A . 
J 3 HOH 49 9200 9200 HOH HOH A . 
J 3 HOH 50 9214 9214 HOH HOH A . 
J 3 HOH 51 9220 9220 HOH HOH A . 
J 3 HOH 52 9222 9222 HOH HOH A . 
J 3 HOH 53 9228 9228 HOH HOH A . 
J 3 HOH 54 9229 9229 HOH HOH A . 
J 3 HOH 55 9230 9230 HOH HOH A . 
J 3 HOH 56 9231 9231 HOH HOH A . 
J 3 HOH 57 9241 9241 HOH HOH A . 
J 3 HOH 58 9245 9245 HOH HOH A . 
J 3 HOH 59 9247 9247 HOH HOH A . 
J 3 HOH 60 9248 9248 HOH HOH A . 
J 3 HOH 61 9250 9250 HOH HOH A . 
K 3 HOH 1  9001 9001 HOH HOH B . 
K 3 HOH 2  9002 9002 HOH HOH B . 
K 3 HOH 3  9005 9005 HOH HOH B . 
K 3 HOH 4  9008 9008 HOH HOH B . 
K 3 HOH 5  9013 9013 HOH HOH B . 
K 3 HOH 6  9018 9018 HOH HOH B . 
K 3 HOH 7  9022 9022 HOH HOH B . 
K 3 HOH 8  9024 9024 HOH HOH B . 
K 3 HOH 9  9027 9027 HOH HOH B . 
K 3 HOH 10 9034 9034 HOH HOH B . 
K 3 HOH 11 9038 9038 HOH HOH B . 
K 3 HOH 12 9042 9042 HOH HOH B . 
K 3 HOH 13 9045 9045 HOH HOH B . 
K 3 HOH 14 9053 9053 HOH HOH B . 
K 3 HOH 15 9066 9066 HOH HOH B . 
K 3 HOH 16 9067 9067 HOH HOH B . 
K 3 HOH 17 9068 9068 HOH HOH B . 
K 3 HOH 18 9071 9071 HOH HOH B . 
K 3 HOH 19 9074 9074 HOH HOH B . 
K 3 HOH 20 9075 9075 HOH HOH B . 
K 3 HOH 21 9077 9077 HOH HOH B . 
K 3 HOH 22 9078 9078 HOH HOH B . 
K 3 HOH 23 9079 9079 HOH HOH B . 
K 3 HOH 24 9081 9081 HOH HOH B . 
K 3 HOH 25 9082 9082 HOH HOH B . 
K 3 HOH 26 9084 9084 HOH HOH B . 
K 3 HOH 27 9095 9095 HOH HOH B . 
K 3 HOH 28 9099 9099 HOH HOH B . 
K 3 HOH 29 9111 9111 HOH HOH B . 
K 3 HOH 30 9117 9117 HOH HOH B . 
K 3 HOH 31 9124 9124 HOH HOH B . 
K 3 HOH 32 9127 9127 HOH HOH B . 
K 3 HOH 33 9129 9129 HOH HOH B . 
K 3 HOH 34 9130 9130 HOH HOH B . 
K 3 HOH 35 9131 9131 HOH HOH B . 
K 3 HOH 36 9132 9132 HOH HOH B . 
K 3 HOH 37 9135 9135 HOH HOH B . 
K 3 HOH 38 9140 9140 HOH HOH B . 
K 3 HOH 39 9142 9142 HOH HOH B . 
K 3 HOH 40 9147 9147 HOH HOH B . 
K 3 HOH 41 9157 9157 HOH HOH B . 
K 3 HOH 42 9162 9162 HOH HOH B . 
K 3 HOH 43 9163 9163 HOH HOH B . 
K 3 HOH 44 9165 9165 HOH HOH B . 
K 3 HOH 45 9166 9166 HOH HOH B . 
K 3 HOH 46 9168 9168 HOH HOH B . 
K 3 HOH 47 9172 9172 HOH HOH B . 
K 3 HOH 48 9174 9174 HOH HOH B . 
K 3 HOH 49 9175 9175 HOH HOH B . 
K 3 HOH 50 9177 9177 HOH HOH B . 
K 3 HOH 51 9179 9179 HOH HOH B . 
K 3 HOH 52 9182 9182 HOH HOH B . 
K 3 HOH 53 9193 9193 HOH HOH B . 
K 3 HOH 54 9197 9197 HOH HOH B . 
K 3 HOH 55 9198 9198 HOH HOH B . 
K 3 HOH 56 9203 9203 HOH HOH B . 
K 3 HOH 57 9206 9206 HOH HOH B . 
K 3 HOH 58 9208 9208 HOH HOH B . 
K 3 HOH 59 9217 9217 HOH HOH B . 
K 3 HOH 60 9218 9218 HOH HOH B . 
K 3 HOH 61 9225 9225 HOH HOH B . 
K 3 HOH 62 9234 9234 HOH HOH B . 
K 3 HOH 63 9235 9235 HOH HOH B . 
K 3 HOH 64 9236 9236 HOH HOH B . 
K 3 HOH 65 9238 9238 HOH HOH B . 
K 3 HOH 66 9240 9240 HOH HOH B . 
K 3 HOH 67 9243 9243 HOH HOH B . 
K 3 HOH 68 9249 9249 HOH HOH B . 
L 3 HOH 1  9007 9007 HOH HOH C . 
L 3 HOH 2  9009 9009 HOH HOH C . 
L 3 HOH 3  9011 9011 HOH HOH C . 
L 3 HOH 4  9016 9016 HOH HOH C . 
L 3 HOH 5  9017 9017 HOH HOH C . 
L 3 HOH 6  9019 9019 HOH HOH C . 
L 3 HOH 7  9020 9020 HOH HOH C . 
L 3 HOH 8  9026 9026 HOH HOH C . 
L 3 HOH 9  9032 9032 HOH HOH C . 
L 3 HOH 10 9035 9035 HOH HOH C . 
L 3 HOH 11 9039 9039 HOH HOH C . 
L 3 HOH 12 9049 9049 HOH HOH C . 
L 3 HOH 13 9054 9054 HOH HOH C . 
L 3 HOH 14 9058 9058 HOH HOH C . 
L 3 HOH 15 9059 9059 HOH HOH C . 
L 3 HOH 16 9060 9060 HOH HOH C . 
L 3 HOH 17 9073 9073 HOH HOH C . 
L 3 HOH 18 9093 9093 HOH HOH C . 
L 3 HOH 19 9096 9096 HOH HOH C . 
L 3 HOH 20 9098 9098 HOH HOH C . 
L 3 HOH 21 9100 9100 HOH HOH C . 
L 3 HOH 22 9101 9101 HOH HOH C . 
L 3 HOH 23 9106 9106 HOH HOH C . 
L 3 HOH 24 9112 9112 HOH HOH C . 
L 3 HOH 25 9116 9116 HOH HOH C . 
L 3 HOH 26 9119 9119 HOH HOH C . 
L 3 HOH 27 9121 9121 HOH HOH C . 
L 3 HOH 28 9122 9122 HOH HOH C . 
L 3 HOH 29 9126 9126 HOH HOH C . 
L 3 HOH 30 9133 9133 HOH HOH C . 
L 3 HOH 31 9136 9136 HOH HOH C . 
L 3 HOH 32 9143 9143 HOH HOH C . 
L 3 HOH 33 9144 9144 HOH HOH C . 
L 3 HOH 34 9150 9150 HOH HOH C . 
L 3 HOH 35 9151 9151 HOH HOH C . 
L 3 HOH 36 9156 9156 HOH HOH C . 
L 3 HOH 37 9158 9158 HOH HOH C . 
L 3 HOH 38 9160 9160 HOH HOH C . 
L 3 HOH 39 9167 9167 HOH HOH C . 
L 3 HOH 40 9169 9169 HOH HOH C . 
L 3 HOH 41 9171 9171 HOH HOH C . 
L 3 HOH 42 9183 9183 HOH HOH C . 
L 3 HOH 43 9185 9185 HOH HOH C . 
L 3 HOH 44 9187 9187 HOH HOH C . 
L 3 HOH 45 9189 9189 HOH HOH C . 
L 3 HOH 46 9192 9192 HOH HOH C . 
L 3 HOH 47 9195 9195 HOH HOH C . 
L 3 HOH 48 9204 9204 HOH HOH C . 
L 3 HOH 49 9205 9205 HOH HOH C . 
L 3 HOH 50 9209 9209 HOH HOH C . 
L 3 HOH 51 9210 9210 HOH HOH C . 
L 3 HOH 52 9213 9213 HOH HOH C . 
L 3 HOH 53 9219 9219 HOH HOH C . 
L 3 HOH 54 9223 9223 HOH HOH C . 
L 3 HOH 55 9224 9224 HOH HOH C . 
L 3 HOH 56 9226 9226 HOH HOH C . 
L 3 HOH 57 9232 9232 HOH HOH C . 
L 3 HOH 58 9233 9233 HOH HOH C . 
L 3 HOH 59 9239 9239 HOH HOH C . 
L 3 HOH 60 9244 9244 HOH HOH C . 
M 3 HOH 1  9003 9003 HOH HOH D . 
M 3 HOH 2  9010 9010 HOH HOH D . 
M 3 HOH 3  9012 9012 HOH HOH D . 
M 3 HOH 4  9023 9023 HOH HOH D . 
M 3 HOH 5  9025 9025 HOH HOH D . 
M 3 HOH 6  9029 9029 HOH HOH D . 
M 3 HOH 7  9031 9031 HOH HOH D . 
M 3 HOH 8  9033 9033 HOH HOH D . 
M 3 HOH 9  9036 9036 HOH HOH D . 
M 3 HOH 10 9040 9040 HOH HOH D . 
M 3 HOH 11 9043 9043 HOH HOH D . 
M 3 HOH 12 9046 9046 HOH HOH D . 
M 3 HOH 13 9047 9047 HOH HOH D . 
M 3 HOH 14 9048 9048 HOH HOH D . 
M 3 HOH 15 9050 9050 HOH HOH D . 
M 3 HOH 16 9052 9052 HOH HOH D . 
M 3 HOH 17 9056 9056 HOH HOH D . 
M 3 HOH 18 9061 9061 HOH HOH D . 
M 3 HOH 19 9063 9063 HOH HOH D . 
M 3 HOH 20 9065 9065 HOH HOH D . 
M 3 HOH 21 9070 9070 HOH HOH D . 
M 3 HOH 22 9072 9072 HOH HOH D . 
M 3 HOH 23 9085 9085 HOH HOH D . 
M 3 HOH 24 9086 9086 HOH HOH D . 
M 3 HOH 25 9087 9087 HOH HOH D . 
M 3 HOH 26 9088 9088 HOH HOH D . 
M 3 HOH 27 9089 9089 HOH HOH D . 
M 3 HOH 28 9091 9091 HOH HOH D . 
M 3 HOH 29 9092 9092 HOH HOH D . 
M 3 HOH 30 9094 9094 HOH HOH D . 
M 3 HOH 31 9102 9102 HOH HOH D . 
M 3 HOH 32 9103 9103 HOH HOH D . 
M 3 HOH 33 9104 9104 HOH HOH D . 
M 3 HOH 34 9107 9107 HOH HOH D . 
M 3 HOH 35 9109 9109 HOH HOH D . 
M 3 HOH 36 9114 9114 HOH HOH D . 
M 3 HOH 37 9123 9123 HOH HOH D . 
M 3 HOH 38 9128 9128 HOH HOH D . 
M 3 HOH 39 9137 9137 HOH HOH D . 
M 3 HOH 40 9138 9138 HOH HOH D . 
M 3 HOH 41 9159 9159 HOH HOH D . 
M 3 HOH 42 9161 9161 HOH HOH D . 
M 3 HOH 43 9164 9164 HOH HOH D . 
M 3 HOH 44 9176 9176 HOH HOH D . 
M 3 HOH 45 9184 9184 HOH HOH D . 
M 3 HOH 46 9190 9190 HOH HOH D . 
M 3 HOH 47 9194 9194 HOH HOH D . 
M 3 HOH 48 9201 9201 HOH HOH D . 
M 3 HOH 49 9202 9202 HOH HOH D . 
M 3 HOH 50 9207 9207 HOH HOH D . 
M 3 HOH 51 9211 9211 HOH HOH D . 
M 3 HOH 52 9212 9212 HOH HOH D . 
M 3 HOH 53 9215 9215 HOH HOH D . 
M 3 HOH 54 9216 9216 HOH HOH D . 
M 3 HOH 55 9221 9221 HOH HOH D . 
M 3 HOH 56 9227 9227 HOH HOH D . 
M 3 HOH 57 9237 9237 HOH HOH D . 
M 3 HOH 58 9242 9242 HOH HOH D . 
M 3 HOH 59 9246 9246 HOH HOH D . 
# 
loop_
_pdbx_struct_assembly.id 
_pdbx_struct_assembly.details 
_pdbx_struct_assembly.method_details 
_pdbx_struct_assembly.oligomeric_details 
_pdbx_struct_assembly.oligomeric_count 
1 author_defined_assembly ? dimeric 2 
2 author_defined_assembly ? dimeric 2 
# 
loop_
_pdbx_struct_assembly_gen.assembly_id 
_pdbx_struct_assembly_gen.oper_expression 
_pdbx_struct_assembly_gen.asym_id_list 
1 1 A,B,E,F,G,J,K 
2 1 C,D,H,I,L,M   
# 
_pdbx_struct_oper_list.id                   1 
_pdbx_struct_oper_list.type                 'identity operation' 
_pdbx_struct_oper_list.name                 1_555 
_pdbx_struct_oper_list.symmetry_operation   x,y,z 
_pdbx_struct_oper_list.matrix[1][1]         1.0000000000 
_pdbx_struct_oper_list.matrix[1][2]         0.0000000000 
_pdbx_struct_oper_list.matrix[1][3]         0.0000000000 
_pdbx_struct_oper_list.vector[1]            0.0000000000 
_pdbx_struct_oper_list.matrix[2][1]         0.0000000000 
_pdbx_struct_oper_list.matrix[2][2]         1.0000000000 
_pdbx_struct_oper_list.matrix[2][3]         0.0000000000 
_pdbx_struct_oper_list.vector[2]            0.0000000000 
_pdbx_struct_oper_list.matrix[3][1]         0.0000000000 
_pdbx_struct_oper_list.matrix[3][2]         0.0000000000 
_pdbx_struct_oper_list.matrix[3][3]         1.0000000000 
_pdbx_struct_oper_list.vector[3]            0.0000000000 
# 
loop_
_pdbx_audit_revision_history.ordinal 
_pdbx_audit_revision_history.data_content_type 
_pdbx_audit_revision_history.major_revision 
_pdbx_audit_revision_history.minor_revision 
_pdbx_audit_revision_history.revision_date 
1 'Structure model' 1 0 2011-03-30 
2 'Structure model' 1 1 2011-07-13 
3 'Structure model' 1 2 2017-11-08 
4 'Structure model' 1 3 2019-12-11 
5 'Structure model' 2 0 2023-11-15 
# 
_pdbx_audit_revision_details.ordinal             1 
_pdbx_audit_revision_details.revision_ordinal    1 
_pdbx_audit_revision_details.data_content_type   'Structure model' 
_pdbx_audit_revision_details.provider            repository 
_pdbx_audit_revision_details.type                'Initial release' 
_pdbx_audit_revision_details.description         ? 
_pdbx_audit_revision_details.details             ? 
# 
loop_
_pdbx_audit_revision_group.ordinal 
_pdbx_audit_revision_group.revision_ordinal 
_pdbx_audit_revision_group.data_content_type 
_pdbx_audit_revision_group.group 
1  2 'Structure model' 'Version format compliance' 
2  3 'Structure model' Advisory                    
3  3 'Structure model' 'Refinement description'    
4  4 'Structure model' Advisory                    
5  4 'Structure model' 'Derived calculations'      
6  5 'Structure model' Advisory                    
7  5 'Structure model' 'Atomic model'              
8  5 'Structure model' 'Data collection'           
9  5 'Structure model' 'Database references'       
10 5 'Structure model' 'Derived calculations'      
# 
loop_
_pdbx_audit_revision_category.ordinal 
_pdbx_audit_revision_category.revision_ordinal 
_pdbx_audit_revision_category.data_content_type 
_pdbx_audit_revision_category.category 
1  3 'Structure model' pdbx_unobs_or_zero_occ_atoms 
2  3 'Structure model' software                     
3  4 'Structure model' ndb_struct_na_base_pair      
4  4 'Structure model' ndb_struct_na_base_pair_step 
5  4 'Structure model' pdbx_distant_solvent_atoms   
6  4 'Structure model' pdbx_struct_assembly         
7  4 'Structure model' pdbx_struct_assembly_gen     
8  4 'Structure model' struct_conn                  
9  4 'Structure model' struct_conn_type             
10 5 'Structure model' atom_site                    
11 5 'Structure model' atom_site_anisotrop          
12 5 'Structure model' chem_comp_atom               
13 5 'Structure model' chem_comp_bond               
14 5 'Structure model' database_2                   
15 5 'Structure model' pdbx_unobs_or_zero_occ_atoms 
16 5 'Structure model' struct_conn                  
17 5 'Structure model' struct_site                  
# 
loop_
_pdbx_audit_revision_item.ordinal 
_pdbx_audit_revision_item.revision_ordinal 
_pdbx_audit_revision_item.data_content_type 
_pdbx_audit_revision_item.item 
1  5 'Structure model' '_atom_site.auth_atom_id'                 
2  5 'Structure model' '_atom_site.label_atom_id'                
3  5 'Structure model' '_atom_site_anisotrop.pdbx_auth_atom_id'  
4  5 'Structure model' '_atom_site_anisotrop.pdbx_label_atom_id' 
5  5 'Structure model' '_database_2.pdbx_DOI'                    
6  5 'Structure model' '_database_2.pdbx_database_accession'     
7  5 'Structure model' '_struct_conn.pdbx_leaving_atom_flag'     
8  5 'Structure model' '_struct_conn.ptnr1_label_atom_id'        
9  5 'Structure model' '_struct_conn.ptnr2_label_atom_id'        
10 5 'Structure model' '_struct_site.pdbx_auth_asym_id'          
11 5 'Structure model' '_struct_site.pdbx_auth_comp_id'          
12 5 'Structure model' '_struct_site.pdbx_auth_seq_id'           
# 
loop_
_software.name 
_software.classification 
_software.version 
_software.citation_id 
_software.pdbx_ordinal 
SHELXS    phasing          . ? 1 
SHELXD    phasing          . ? 2 
ACORN     phasing          . ? 3 
SHELXL-97 refinement       . ? 4 
HKL-2000  'data reduction' . ? 5 
HKL-2000  'data scaling'   . ? 6 
# 
_pdbx_validate_rmsd_bond.id                        1 
_pdbx_validate_rmsd_bond.PDB_model_num             1 
_pdbx_validate_rmsd_bond.auth_atom_id_1            N 
_pdbx_validate_rmsd_bond.auth_asym_id_1            C 
_pdbx_validate_rmsd_bond.auth_comp_id_1            LYS 
_pdbx_validate_rmsd_bond.auth_seq_id_1             3009 
_pdbx_validate_rmsd_bond.PDB_ins_code_1            ? 
_pdbx_validate_rmsd_bond.label_alt_id_1            ? 
_pdbx_validate_rmsd_bond.auth_atom_id_2            CA 
_pdbx_validate_rmsd_bond.auth_asym_id_2            C 
_pdbx_validate_rmsd_bond.auth_comp_id_2            LYS 
_pdbx_validate_rmsd_bond.auth_seq_id_2             3009 
_pdbx_validate_rmsd_bond.PDB_ins_code_2            ? 
_pdbx_validate_rmsd_bond.label_alt_id_2            ? 
_pdbx_validate_rmsd_bond.bond_value                1.242 
_pdbx_validate_rmsd_bond.bond_target_value         1.459 
_pdbx_validate_rmsd_bond.bond_deviation            -0.217 
_pdbx_validate_rmsd_bond.bond_standard_deviation   0.020 
_pdbx_validate_rmsd_bond.linker_flag               N 
# 
_pdbx_validate_rmsd_angle.id                         1 
_pdbx_validate_rmsd_angle.PDB_model_num              1 
_pdbx_validate_rmsd_angle.auth_atom_id_1             N 
_pdbx_validate_rmsd_angle.auth_asym_id_1             C 
_pdbx_validate_rmsd_angle.auth_comp_id_1             LYS 
_pdbx_validate_rmsd_angle.auth_seq_id_1              3009 
_pdbx_validate_rmsd_angle.PDB_ins_code_1             ? 
_pdbx_validate_rmsd_angle.label_alt_id_1             ? 
_pdbx_validate_rmsd_angle.auth_atom_id_2             CA 
_pdbx_validate_rmsd_angle.auth_asym_id_2             C 
_pdbx_validate_rmsd_angle.auth_comp_id_2             LYS 
_pdbx_validate_rmsd_angle.auth_seq_id_2              3009 
_pdbx_validate_rmsd_angle.PDB_ins_code_2             ? 
_pdbx_validate_rmsd_angle.label_alt_id_2             ? 
_pdbx_validate_rmsd_angle.auth_atom_id_3             C 
_pdbx_validate_rmsd_angle.auth_asym_id_3             C 
_pdbx_validate_rmsd_angle.auth_comp_id_3             LYS 
_pdbx_validate_rmsd_angle.auth_seq_id_3              3009 
_pdbx_validate_rmsd_angle.PDB_ins_code_3             ? 
_pdbx_validate_rmsd_angle.label_alt_id_3             ? 
_pdbx_validate_rmsd_angle.angle_value                130.32 
_pdbx_validate_rmsd_angle.angle_target_value         111.00 
_pdbx_validate_rmsd_angle.angle_deviation            19.32 
_pdbx_validate_rmsd_angle.angle_standard_deviation   2.70 
_pdbx_validate_rmsd_angle.linker_flag                N 
# 
loop_
_pdbx_distant_solvent_atoms.id 
_pdbx_distant_solvent_atoms.PDB_model_num 
_pdbx_distant_solvent_atoms.auth_atom_id 
_pdbx_distant_solvent_atoms.label_alt_id 
_pdbx_distant_solvent_atoms.auth_asym_id 
_pdbx_distant_solvent_atoms.auth_comp_id 
_pdbx_distant_solvent_atoms.auth_seq_id 
_pdbx_distant_solvent_atoms.PDB_ins_code 
_pdbx_distant_solvent_atoms.neighbor_macromolecule_distance 
_pdbx_distant_solvent_atoms.neighbor_ligand_distance 
1 1 O ? A HOH 9199 ? 6.27 . 
2 1 O ? A HOH 9214 ? 6.09 . 
3 1 O ? A HOH 9231 ? 6.48 . 
4 1 O ? B HOH 9182 ? 6.83 . 
5 1 O ? B HOH 9208 ? 6.27 . 
6 1 O ? B HOH 9243 ? 6.64 . 
7 1 O ? D HOH 9063 ? 6.26 . 
8 1 O ? D HOH 9107 ? 6.49 . 
9 1 O ? D HOH 9221 ? 6.19 . 
# 
loop_
_pdbx_unobs_or_zero_occ_atoms.id 
_pdbx_unobs_or_zero_occ_atoms.PDB_model_num 
_pdbx_unobs_or_zero_occ_atoms.polymer_flag 
_pdbx_unobs_or_zero_occ_atoms.occupancy_flag 
_pdbx_unobs_or_zero_occ_atoms.auth_asym_id 
_pdbx_unobs_or_zero_occ_atoms.auth_comp_id 
_pdbx_unobs_or_zero_occ_atoms.auth_seq_id 
_pdbx_unobs_or_zero_occ_atoms.PDB_ins_code 
_pdbx_unobs_or_zero_occ_atoms.auth_atom_id 
_pdbx_unobs_or_zero_occ_atoms.label_alt_id 
_pdbx_unobs_or_zero_occ_atoms.label_asym_id 
_pdbx_unobs_or_zero_occ_atoms.label_comp_id 
_pdbx_unobs_or_zero_occ_atoms.label_seq_id 
_pdbx_unobs_or_zero_occ_atoms.label_atom_id 
1  1 Y 1 C LYS 3009 ? O     ? C LYS 9 O     
2  1 Y 1 C LYS 3009 ? CB    ? C LYS 9 CB    
3  1 Y 1 C LYS 3009 ? CG    ? C LYS 9 CG    
4  1 Y 1 C LYS 3009 ? CD    ? C LYS 9 CD    
5  1 Y 1 C LYS 3009 ? CE    ? C LYS 9 CE    
6  1 Y 1 C LYS 3009 ? NZ    ? C LYS 9 NZ    
7  1 Y 1 D GPN 4001 ? "C2'" ? D GPN 1 "C2'" 
8  1 Y 1 D GPN 4001 ? N     ? D GPN 1 N     
9  1 Y 1 D CPN 4008 ? C     ? D CPN 8 C     
10 1 Y 1 D CPN 4008 ? O     ? D CPN 8 O     
# 
loop_
_pdbx_unobs_or_zero_occ_residues.id 
_pdbx_unobs_or_zero_occ_residues.PDB_model_num 
_pdbx_unobs_or_zero_occ_residues.polymer_flag 
_pdbx_unobs_or_zero_occ_residues.occupancy_flag 
_pdbx_unobs_or_zero_occ_residues.auth_asym_id 
_pdbx_unobs_or_zero_occ_residues.auth_comp_id 
_pdbx_unobs_or_zero_occ_residues.auth_seq_id 
_pdbx_unobs_or_zero_occ_residues.PDB_ins_code 
_pdbx_unobs_or_zero_occ_residues.label_asym_id 
_pdbx_unobs_or_zero_occ_residues.label_comp_id 
_pdbx_unobs_or_zero_occ_residues.label_seq_id 
1 1 Y 1 B LYS 2009 ? B LYS 9 
2 1 Y 1 D LYS 4009 ? D LYS 9 
# 
loop_
_chem_comp_atom.comp_id 
_chem_comp_atom.atom_id 
_chem_comp_atom.type_symbol 
_chem_comp_atom.pdbx_aromatic_flag 
_chem_comp_atom.pdbx_stereo_config 
_chem_comp_atom.pdbx_ordinal 
APN "C8'"  C N N 1   
APN "C7'"  C N N 2   
APN "O7'"  O N N 3   
APN "C5'"  C N N 4   
APN C      C N N 5   
APN O      O N N 6   
APN OXT    O N N 7   
APN "N4'"  N N N 8   
APN "C3'"  C N N 9   
APN "C2'"  C N N 10  
APN N      N N N 11  
APN N9     N Y N 12  
APN C8     C Y N 13  
APN N7     N Y N 14  
APN C5     C Y N 15  
APN C6     C Y N 16  
APN N6     N N N 17  
APN N1     N Y N 18  
APN C2     C Y N 19  
APN N3     N Y N 20  
APN C4     C Y N 21  
APN "H8'1" H N N 22  
APN "H8'2" H N N 23  
APN "H5'1" H N N 24  
APN "H5'2" H N N 25  
APN HXT    H N N 26  
APN "H3'1" H N N 27  
APN "H3'2" H N N 28  
APN "H2'1" H N N 29  
APN "H2'2" H N N 30  
APN H      H N N 31  
APN H2     H N N 32  
APN H3     H N N 33  
APN H8     H N N 34  
APN HN61   H N N 35  
APN HN62   H N N 36  
APN H21    H N N 37  
CPN "C8'"  C N N 38  
CPN "C7'"  C N N 39  
CPN "O7'"  O N N 40  
CPN "C5'"  C N N 41  
CPN C      C N N 42  
CPN O      O N N 43  
CPN OXT    O N N 44  
CPN "N4'"  N N N 45  
CPN "C3'"  C N N 46  
CPN "C2'"  C N N 47  
CPN N      N N N 48  
CPN N1     N N N 49  
CPN C2     C N N 50  
CPN N3     N N N 51  
CPN C4     C N N 52  
CPN C5     C N N 53  
CPN C6     C N N 54  
CPN O2     O N N 55  
CPN N4     N N N 56  
CPN "H8'1" H N N 57  
CPN "H8'2" H N N 58  
CPN "H5'1" H N N 59  
CPN "H5'2" H N N 60  
CPN HXT    H N N 61  
CPN "H3'1" H N N 62  
CPN "H3'2" H N N 63  
CPN "H2'1" H N N 64  
CPN "H2'2" H N N 65  
CPN H      H N N 66  
CPN H2     H N N 67  
CPN H3     H N N 68  
CPN H5     H N N 69  
CPN H6     H N N 70  
CPN HN41   H N N 71  
CPN HN42   H N N 72  
EDO C1     C N N 73  
EDO O1     O N N 74  
EDO C2     C N N 75  
EDO O2     O N N 76  
EDO H11    H N N 77  
EDO H12    H N N 78  
EDO HO1    H N N 79  
EDO H21    H N N 80  
EDO H22    H N N 81  
EDO HO2    H N N 82  
GPN "C8'"  C N N 83  
GPN "C7'"  C N N 84  
GPN "O7'"  O N N 85  
GPN "C5'"  C N N 86  
GPN C      C N N 87  
GPN O      O N N 88  
GPN OXT    O N N 89  
GPN "N4'"  N N N 90  
GPN "C3'"  C N N 91  
GPN "C2'"  C N N 92  
GPN N      N N N 93  
GPN N9     N Y N 94  
GPN C8     C Y N 95  
GPN N7     N Y N 96  
GPN C5     C Y N 97  
GPN C6     C N N 98  
GPN O6     O N N 99  
GPN N1     N N N 100 
GPN C2     C N N 101 
GPN N2     N N N 102 
GPN N3     N N N 103 
GPN C4     C Y N 104 
GPN "H8'1" H N N 105 
GPN "H8'2" H N N 106 
GPN "H5'1" H N N 107 
GPN "H5'2" H N N 108 
GPN HXT    H N N 109 
GPN "H3'1" H N N 110 
GPN "H3'2" H N N 111 
GPN "H2'1" H N N 112 
GPN "H2'2" H N N 113 
GPN H      H N N 114 
GPN H2     H N N 115 
GPN H3     H N N 116 
GPN H8     H N N 117 
GPN HN1    H N N 118 
GPN HN21   H N N 119 
GPN HN22   H N N 120 
HOH O      O N N 121 
HOH H1     H N N 122 
HOH H2     H N N 123 
LYS N      N N N 124 
LYS CA     C N S 125 
LYS C      C N N 126 
LYS O      O N N 127 
LYS CB     C N N 128 
LYS CG     C N N 129 
LYS CD     C N N 130 
LYS CE     C N N 131 
LYS NZ     N N N 132 
LYS OXT    O N N 133 
LYS H      H N N 134 
LYS H2     H N N 135 
LYS HA     H N N 136 
LYS HB2    H N N 137 
LYS HB3    H N N 138 
LYS HG2    H N N 139 
LYS HG3    H N N 140 
LYS HD2    H N N 141 
LYS HD3    H N N 142 
LYS HE2    H N N 143 
LYS HE3    H N N 144 
LYS HZ1    H N N 145 
LYS HZ2    H N N 146 
LYS HZ3    H N N 147 
LYS HXT    H N N 148 
TPN "C8'"  C N N 149 
TPN "C7'"  C N N 150 
TPN "O7'"  O N N 151 
TPN "C5'"  C N N 152 
TPN C      C N N 153 
TPN O      O N N 154 
TPN OXT    O N N 155 
TPN "N4'"  N N N 156 
TPN "C3'"  C N N 157 
TPN "C2'"  C N N 158 
TPN N      N N N 159 
TPN N1     N N N 160 
TPN C6     C N N 161 
TPN C2     C N N 162 
TPN O2     O N N 163 
TPN N3     N N N 164 
TPN C4     C N N 165 
TPN O4     O N N 166 
TPN C5     C N N 167 
TPN C5M    C N N 168 
TPN "H8'1" H N N 169 
TPN "H8'2" H N N 170 
TPN "H5'1" H N N 171 
TPN "H5'2" H N N 172 
TPN HXT    H N N 173 
TPN "H3'1" H N N 174 
TPN "H3'2" H N N 175 
TPN "H2'1" H N N 176 
TPN "H2'2" H N N 177 
TPN H      H N N 178 
TPN H2     H N N 179 
TPN H3     H N N 180 
TPN H6     H N N 181 
TPN HN3    H N N 182 
TPN HM51   H N N 183 
TPN HM52   H N N 184 
TPN HM53   H N N 185 
# 
loop_
_chem_comp_bond.comp_id 
_chem_comp_bond.atom_id_1 
_chem_comp_bond.atom_id_2 
_chem_comp_bond.value_order 
_chem_comp_bond.pdbx_aromatic_flag 
_chem_comp_bond.pdbx_stereo_config 
_chem_comp_bond.pdbx_ordinal 
APN "C8'" "C7'"  sing N N 1   
APN "C8'" N9     sing N N 2   
APN "C8'" "H8'1" sing N N 3   
APN "C8'" "H8'2" sing N N 4   
APN "C7'" "O7'"  doub N N 5   
APN "C7'" "N4'"  sing N N 6   
APN "C5'" C      sing N N 7   
APN "C5'" "N4'"  sing N N 8   
APN "C5'" "H5'1" sing N N 9   
APN "C5'" "H5'2" sing N N 10  
APN C     O      doub N N 11  
APN C     OXT    sing N N 12  
APN OXT   HXT    sing N N 13  
APN "N4'" "C3'"  sing N N 14  
APN "C3'" "C2'"  sing N N 15  
APN "C3'" "H3'1" sing N N 16  
APN "C3'" "H3'2" sing N N 17  
APN "C2'" N      sing N N 18  
APN "C2'" "H2'1" sing N N 19  
APN "C2'" "H2'2" sing N N 20  
APN N     H      sing N N 21  
APN N     H2     sing N N 22  
APN N     H3     sing N N 23  
APN N9    C8     sing Y N 24  
APN N9    C4     sing Y N 25  
APN C8    N7     doub Y N 26  
APN C8    H8     sing N N 27  
APN N7    C5     sing Y N 28  
APN C5    C6     sing Y N 29  
APN C5    C4     doub Y N 30  
APN C6    N6     sing N N 31  
APN C6    N1     doub Y N 32  
APN N6    HN61   sing N N 33  
APN N6    HN62   sing N N 34  
APN N1    C2     sing Y N 35  
APN C2    N3     doub Y N 36  
APN C2    H21    sing N N 37  
APN N3    C4     sing Y N 38  
CPN "C8'" "C7'"  sing N N 39  
CPN "C8'" N1     sing N N 40  
CPN "C8'" "H8'1" sing N N 41  
CPN "C8'" "H8'2" sing N N 42  
CPN "C7'" "O7'"  doub N N 43  
CPN "C7'" "N4'"  sing N N 44  
CPN "C5'" C      sing N N 45  
CPN "C5'" "N4'"  sing N N 46  
CPN "C5'" "H5'1" sing N N 47  
CPN "C5'" "H5'2" sing N N 48  
CPN C     O      doub N N 49  
CPN C     OXT    sing N N 50  
CPN OXT   HXT    sing N N 51  
CPN "N4'" "C3'"  sing N N 52  
CPN "C3'" "C2'"  sing N N 53  
CPN "C3'" "H3'1" sing N N 54  
CPN "C3'" "H3'2" sing N N 55  
CPN "C2'" N      sing N N 56  
CPN "C2'" "H2'1" sing N N 57  
CPN "C2'" "H2'2" sing N N 58  
CPN N     H      sing N N 59  
CPN N     H2     sing N N 60  
CPN N     H3     sing N N 61  
CPN N1    C2     sing N N 62  
CPN N1    C6     sing N N 63  
CPN C2    N3     sing N N 64  
CPN C2    O2     doub N N 65  
CPN N3    C4     doub N N 66  
CPN C4    C5     sing N N 67  
CPN C4    N4     sing N N 68  
CPN C5    C6     doub N N 69  
CPN C5    H5     sing N N 70  
CPN C6    H6     sing N N 71  
CPN N4    HN41   sing N N 72  
CPN N4    HN42   sing N N 73  
EDO C1    O1     sing N N 74  
EDO C1    C2     sing N N 75  
EDO C1    H11    sing N N 76  
EDO C1    H12    sing N N 77  
EDO O1    HO1    sing N N 78  
EDO C2    O2     sing N N 79  
EDO C2    H21    sing N N 80  
EDO C2    H22    sing N N 81  
EDO O2    HO2    sing N N 82  
GPN "C8'" "C7'"  sing N N 83  
GPN "C8'" N9     sing N N 84  
GPN "C8'" "H8'1" sing N N 85  
GPN "C8'" "H8'2" sing N N 86  
GPN "C7'" "O7'"  doub N N 87  
GPN "C7'" "N4'"  sing N N 88  
GPN "C5'" C      sing N N 89  
GPN "C5'" "N4'"  sing N N 90  
GPN "C5'" "H5'1" sing N N 91  
GPN "C5'" "H5'2" sing N N 92  
GPN C     O      doub N N 93  
GPN C     OXT    sing N N 94  
GPN OXT   HXT    sing N N 95  
GPN "N4'" "C3'"  sing N N 96  
GPN "C3'" "C2'"  sing N N 97  
GPN "C3'" "H3'1" sing N N 98  
GPN "C3'" "H3'2" sing N N 99  
GPN "C2'" N      sing N N 100 
GPN "C2'" "H2'1" sing N N 101 
GPN "C2'" "H2'2" sing N N 102 
GPN N     H      sing N N 103 
GPN N     H2     sing N N 104 
GPN N     H3     sing N N 105 
GPN N9    C8     sing Y N 106 
GPN N9    C4     sing Y N 107 
GPN C8    N7     doub Y N 108 
GPN C8    H8     sing N N 109 
GPN N7    C5     sing Y N 110 
GPN C5    C6     sing N N 111 
GPN C5    C4     doub Y N 112 
GPN C6    O6     doub N N 113 
GPN C6    N1     sing N N 114 
GPN N1    C2     sing N N 115 
GPN N1    HN1    sing N N 116 
GPN C2    N2     sing N N 117 
GPN C2    N3     doub N N 118 
GPN N2    HN21   sing N N 119 
GPN N2    HN22   sing N N 120 
GPN N3    C4     sing N N 121 
HOH O     H1     sing N N 122 
HOH O     H2     sing N N 123 
LYS N     CA     sing N N 124 
LYS N     H      sing N N 125 
LYS N     H2     sing N N 126 
LYS CA    C      sing N N 127 
LYS CA    CB     sing N N 128 
LYS CA    HA     sing N N 129 
LYS C     O      doub N N 130 
LYS C     OXT    sing N N 131 
LYS CB    CG     sing N N 132 
LYS CB    HB2    sing N N 133 
LYS CB    HB3    sing N N 134 
LYS CG    CD     sing N N 135 
LYS CG    HG2    sing N N 136 
LYS CG    HG3    sing N N 137 
LYS CD    CE     sing N N 138 
LYS CD    HD2    sing N N 139 
LYS CD    HD3    sing N N 140 
LYS CE    NZ     sing N N 141 
LYS CE    HE2    sing N N 142 
LYS CE    HE3    sing N N 143 
LYS NZ    HZ1    sing N N 144 
LYS NZ    HZ2    sing N N 145 
LYS NZ    HZ3    sing N N 146 
LYS OXT   HXT    sing N N 147 
TPN "C8'" "C7'"  sing N N 148 
TPN "C8'" N1     sing N N 149 
TPN "C8'" "H8'1" sing N N 150 
TPN "C8'" "H8'2" sing N N 151 
TPN "C7'" "O7'"  doub N N 152 
TPN "C7'" "N4'"  sing N N 153 
TPN "C5'" C      sing N N 154 
TPN "C5'" "N4'"  sing N N 155 
TPN "C5'" "H5'1" sing N N 156 
TPN "C5'" "H5'2" sing N N 157 
TPN C     O      doub N N 158 
TPN C     OXT    sing N N 159 
TPN OXT   HXT    sing N N 160 
TPN "N4'" "C3'"  sing N N 161 
TPN "C3'" "C2'"  sing N N 162 
TPN "C3'" "H3'1" sing N N 163 
TPN "C3'" "H3'2" sing N N 164 
TPN "C2'" N      sing N N 165 
TPN "C2'" "H2'1" sing N N 166 
TPN "C2'" "H2'2" sing N N 167 
TPN N     H      sing N N 168 
TPN N     H2     sing N N 169 
TPN N     H3     sing N N 170 
TPN N1    C6     sing N N 171 
TPN N1    C2     sing N N 172 
TPN C6    C5     doub N N 173 
TPN C6    H6     sing N N 174 
TPN C2    O2     doub N N 175 
TPN C2    N3     sing N N 176 
TPN N3    C4     sing N N 177 
TPN N3    HN3    sing N N 178 
TPN C4    O4     doub N N 179 
TPN C4    C5     sing N N 180 
TPN C5    C5M    sing N N 181 
TPN C5M   HM51   sing N N 182 
TPN C5M   HM52   sing N N 183 
TPN C5M   HM53   sing N N 184 
# 
loop_
_ndb_struct_conf_na.entry_id 
_ndb_struct_conf_na.feature 
3MBS 'double helix'        
3MBS 'z-form double helix' 
# 
loop_
_ndb_struct_na_base_pair.model_number 
_ndb_struct_na_base_pair.i_label_asym_id 
_ndb_struct_na_base_pair.i_label_comp_id 
_ndb_struct_na_base_pair.i_label_seq_id 
_ndb_struct_na_base_pair.i_symmetry 
_ndb_struct_na_base_pair.j_label_asym_id 
_ndb_struct_na_base_pair.j_label_comp_id 
_ndb_struct_na_base_pair.j_label_seq_id 
_ndb_struct_na_base_pair.j_symmetry 
_ndb_struct_na_base_pair.shear 
_ndb_struct_na_base_pair.stretch 
_ndb_struct_na_base_pair.stagger 
_ndb_struct_na_base_pair.buckle 
_ndb_struct_na_base_pair.propeller 
_ndb_struct_na_base_pair.opening 
_ndb_struct_na_base_pair.pair_number 
_ndb_struct_na_base_pair.pair_name 
_ndb_struct_na_base_pair.i_auth_asym_id 
_ndb_struct_na_base_pair.i_auth_seq_id 
_ndb_struct_na_base_pair.i_PDB_ins_code 
_ndb_struct_na_base_pair.j_auth_asym_id 
_ndb_struct_na_base_pair.j_auth_seq_id 
_ndb_struct_na_base_pair.j_PDB_ins_code 
_ndb_struct_na_base_pair.hbond_type_28 
_ndb_struct_na_base_pair.hbond_type_12 
1 A GPN 1 1_555 B CPN 8 1_555 0.187  -0.186 0.257  5.009  0.969  1.444  1  A_GPN1001:CPN2008_B A 1001 ? B 2008 ? 19 1 
1 A GPN 2 1_555 B CPN 7 1_555 0.165  -0.143 0.006  0.347  2.654  -0.442 2  A_GPN1002:CPN2007_B A 1002 ? B 2007 ? 19 1 
1 A CPN 3 1_555 B GPN 6 1_555 -0.078 -0.123 0.024  -1.698 2.980  1.544  3  A_CPN1003:GPN2006_B A 1003 ? B 2006 ? 19 1 
1 A APN 4 1_555 B TPN 5 1_555 -0.086 -0.114 0.168  0.908  10.108 -2.510 4  A_APN1004:TPN2005_B A 1004 ? B 2005 ? 20 1 
1 A TPN 5 1_555 B APN 4 1_555 0.105  -0.079 0.223  -4.284 10.173 -2.640 5  A_TPN1005:APN2004_B A 1005 ? B 2004 ? 20 1 
1 A GPN 6 1_555 B CPN 3 1_555 0.160  -0.170 0.074  0.797  3.406  3.522  6  A_GPN1006:CPN2003_B A 1006 ? B 2003 ? 19 1 
1 A CPN 7 1_555 B GPN 2 1_555 -0.169 -0.156 0.037  -1.462 1.864  0.443  7  A_CPN1007:GPN2002_B A 1007 ? B 2002 ? 19 1 
1 A CPN 8 1_555 B GPN 1 1_555 -0.316 -0.143 0.199  -5.476 -1.681 2.002  8  A_CPN1008:GPN2001_B A 1008 ? B 2001 ? 19 1 
1 C GPN 1 1_555 D CPN 8 1_555 -0.193 -0.172 0.232  6.828  0.741  -1.247 9  C_GPN3001:CPN4008_D C 3001 ? D 4008 ? 19 1 
1 C GPN 2 1_555 D CPN 7 1_555 -0.172 -0.132 -0.007 -1.720 -1.822 -0.243 10 C_GPN3002:CPN4007_D C 3002 ? D 4007 ? 19 1 
1 C CPN 3 1_555 D GPN 6 1_555 0.069  -0.138 0.060  -1.180 -2.304 -2.035 11 C_CPN3003:GPN4006_D C 3003 ? D 4006 ? 19 1 
1 C APN 4 1_555 D TPN 5 1_555 0.137  -0.111 0.133  2.485  -9.963 1.517  12 C_APN3004:TPN4005_D C 3004 ? D 4005 ? 20 1 
1 C TPN 5 1_555 D APN 4 1_555 -0.069 -0.128 0.198  -1.938 -9.962 3.219  13 C_TPN3005:APN4004_D C 3005 ? D 4004 ? 20 1 
1 C GPN 6 1_555 D CPN 3 1_555 -0.136 -0.140 0.090  1.806  -3.884 -2.457 14 C_GPN3006:CPN4003_D C 3006 ? D 4003 ? 19 1 
1 C CPN 7 1_555 D GPN 2 1_555 0.233  -0.119 0.059  -0.681 -1.990 -0.526 15 C_CPN3007:GPN4002_D C 3007 ? D 4002 ? 19 1 
1 C CPN 8 1_555 D GPN 1 1_555 0.320  -0.088 0.160  -9.780 2.217  -1.190 16 C_CPN3008:GPN4001_D C 3008 ? D 4001 ? 19 1 
# 
loop_
_ndb_struct_na_base_pair_step.model_number 
_ndb_struct_na_base_pair_step.i_label_asym_id_1 
_ndb_struct_na_base_pair_step.i_label_comp_id_1 
_ndb_struct_na_base_pair_step.i_label_seq_id_1 
_ndb_struct_na_base_pair_step.i_symmetry_1 
_ndb_struct_na_base_pair_step.j_label_asym_id_1 
_ndb_struct_na_base_pair_step.j_label_comp_id_1 
_ndb_struct_na_base_pair_step.j_label_seq_id_1 
_ndb_struct_na_base_pair_step.j_symmetry_1 
_ndb_struct_na_base_pair_step.i_label_asym_id_2 
_ndb_struct_na_base_pair_step.i_label_comp_id_2 
_ndb_struct_na_base_pair_step.i_label_seq_id_2 
_ndb_struct_na_base_pair_step.i_symmetry_2 
_ndb_struct_na_base_pair_step.j_label_asym_id_2 
_ndb_struct_na_base_pair_step.j_label_comp_id_2 
_ndb_struct_na_base_pair_step.j_label_seq_id_2 
_ndb_struct_na_base_pair_step.j_symmetry_2 
_ndb_struct_na_base_pair_step.shift 
_ndb_struct_na_base_pair_step.slide 
_ndb_struct_na_base_pair_step.rise 
_ndb_struct_na_base_pair_step.tilt 
_ndb_struct_na_base_pair_step.roll 
_ndb_struct_na_base_pair_step.twist 
_ndb_struct_na_base_pair_step.x_displacement 
_ndb_struct_na_base_pair_step.y_displacement 
_ndb_struct_na_base_pair_step.helical_rise 
_ndb_struct_na_base_pair_step.inclination 
_ndb_struct_na_base_pair_step.tip 
_ndb_struct_na_base_pair_step.helical_twist 
_ndb_struct_na_base_pair_step.step_number 
_ndb_struct_na_base_pair_step.step_name 
_ndb_struct_na_base_pair_step.i_auth_asym_id_1 
_ndb_struct_na_base_pair_step.i_auth_seq_id_1 
_ndb_struct_na_base_pair_step.i_PDB_ins_code_1 
_ndb_struct_na_base_pair_step.j_auth_asym_id_1 
_ndb_struct_na_base_pair_step.j_auth_seq_id_1 
_ndb_struct_na_base_pair_step.j_PDB_ins_code_1 
_ndb_struct_na_base_pair_step.i_auth_asym_id_2 
_ndb_struct_na_base_pair_step.i_auth_seq_id_2 
_ndb_struct_na_base_pair_step.i_PDB_ins_code_2 
_ndb_struct_na_base_pair_step.j_auth_asym_id_2 
_ndb_struct_na_base_pair_step.j_auth_seq_id_2 
_ndb_struct_na_base_pair_step.j_PDB_ins_code_2 
1 A GPN 1 1_555 B CPN 8 1_555 A GPN 2 1_555 B CPN 7 1_555 -0.484 -2.762 3.371 0.134  0.474  -20.230 7.638  -1.314 3.437 -1.350 
0.380  -20.236 1  AA_GPN1001GPN1002:CPN2007CPN2008_BB A 1001 ? B 2008 ? A 1002 ? B 2007 ? 
1 A GPN 2 1_555 B CPN 7 1_555 A CPN 3 1_555 B GPN 6 1_555 0.499  -2.866 3.337 -0.137 1.904  -19.446 7.457  1.398  3.602 -5.620 
-0.405 -19.539 2  AA_GPN1002CPN1003:GPN2006CPN2007_BB A 1002 ? B 2007 ? A 1003 ? B 2006 ? 
1 A CPN 3 1_555 B GPN 6 1_555 A APN 4 1_555 B TPN 5 1_555 -0.272 -1.993 3.156 -1.126 -3.490 -17.797 8.095  -1.437 2.696 11.127 
-3.589 -18.167 3  AA_CPN1003APN1004:TPN2005GPN2006_BB A 1003 ? B 2006 ? A 1004 ? B 2005 ? 
1 A APN 4 1_555 B TPN 5 1_555 A TPN 5 1_555 B APN 4 1_555 0.173  -2.838 3.377 0.059  0.071  -20.349 7.998  0.516  3.386 -0.201 
0.167  -20.349 4  AA_APN1004TPN1005:APN2004TPN2005_BB A 1004 ? B 2005 ? A 1005 ? B 2004 ? 
1 A TPN 5 1_555 B APN 4 1_555 A GPN 6 1_555 B CPN 3 1_555 0.467  -2.047 3.084 1.547  -4.330 -16.927 8.973  2.337  2.435 14.369 
5.132  -17.536 5  AA_TPN1005GPN1006:CPN2003APN2004_BB A 1005 ? B 2004 ? A 1006 ? B 2003 ? 
1 A GPN 6 1_555 B CPN 3 1_555 A CPN 7 1_555 B GPN 2 1_555 -0.463 -2.806 3.337 0.364  0.910  -19.869 7.676  -1.161 3.468 -2.636 
1.053  -19.893 6  AA_GPN1006CPN1007:GPN2002CPN2003_BB A 1006 ? B 2003 ? A 1007 ? B 2002 ? 
1 A CPN 7 1_555 B GPN 2 1_555 A CPN 8 1_555 B GPN 1 1_555 0.230  -2.871 3.370 0.273  2.128  -19.421 7.339  0.823  3.657 -6.284 
0.805  -19.538 7  AA_CPN1007CPN1008:GPN2001GPN2002_BB A 1007 ? B 2002 ? A 1008 ? B 2001 ? 
1 C GPN 1 1_555 D CPN 8 1_555 C GPN 2 1_555 D CPN 7 1_555 0.155  -2.929 3.444 0.125  -0.107 18.183  -9.204 -0.416 3.462 -0.338 
-0.394 18.184  8  CC_GPN3001GPN3002:CPN4007CPN4008_DD C 3001 ? D 4008 ? C 3002 ? D 4007 ? 
1 C GPN 2 1_555 D CPN 7 1_555 C CPN 3 1_555 D GPN 6 1_555 -0.357 -2.817 3.301 -1.140 -2.951 19.576  -6.676 0.455  3.695 -8.606 
3.326  19.827  9  CC_GPN3002CPN3003:GPN4006CPN4007_DD C 3002 ? D 4007 ? C 3003 ? D 4006 ? 
1 C CPN 3 1_555 D GPN 6 1_555 C APN 4 1_555 D TPN 5 1_555 0.360  -2.062 3.099 -1.769 5.471  18.301  -8.553 -1.846 2.343 16.674 
5.392  19.176  10 CC_CPN3003APN3004:TPN4005GPN4006_DD C 3003 ? D 4006 ? C 3004 ? D 4005 ? 
1 C APN 4 1_555 D TPN 5 1_555 C TPN 5 1_555 D APN 4 1_555 0.217  -2.875 3.350 -0.877 -2.191 20.075  -7.122 -1.045 3.627 -6.256 
2.504  20.212  11 CC_APN3004TPN3005:APN4004TPN4005_DD C 3004 ? D 4005 ? C 3005 ? D 4004 ? 
1 C TPN 5 1_555 D APN 4 1_555 C GPN 6 1_555 D CPN 3 1_555 -0.305 -2.052 3.091 2.211  4.838  17.690  -8.662 1.987  2.392 15.290 
-6.987 18.466  12 CC_TPN3005GPN3006:CPN4003APN4004_DD C 3005 ? D 4004 ? C 3006 ? D 4003 ? 
1 C GPN 6 1_555 D CPN 3 1_555 C CPN 7 1_555 D GPN 2 1_555 0.477  -2.883 3.335 -0.400 -2.110 19.807  -7.278 -1.578 3.608 -6.111 
1.157  19.921  13 CC_GPN3006CPN3007:GPN4002CPN4003_DD C 3006 ? D 4003 ? C 3007 ? D 4002 ? 
1 C CPN 7 1_555 D GPN 2 1_555 C CPN 8 1_555 D GPN 1 1_555 -0.467 -2.796 3.548 0.737  -1.958 20.127  -6.958 1.707  3.781 -5.583 
-2.102 20.234  14 CC_CPN3007CPN3008:GPN4001GPN4002_DD C 3007 ? D 4002 ? C 3008 ? D 4001 ? 
# 
loop_
_pdbx_entity_nonpoly.entity_id 
_pdbx_entity_nonpoly.name 
_pdbx_entity_nonpoly.comp_id 
2 1,2-ETHANEDIOL EDO 
3 water          HOH 
# 
